data_5ISB
#
_entry.id   5ISB
#
_cell.length_a   74.430
_cell.length_b   98.082
_cell.length_c   205.678
_cell.angle_alpha   90.00
_cell.angle_beta   90.00
_cell.angle_gamma   90.00
#
_symmetry.space_group_name_H-M   'P 21 21 2'
#
loop_
_entity.id
_entity.type
_entity.pdbx_description
1 polymer 'Histone-arginine methyltransferase CARM1'
2 non-polymer "5'-{[(3S)-3-amino-3-carboxypropyl][(1H-imidazol-4-yl)methyl]amino}-5'-deoxyadenosine"
3 non-polymer 1,2-ETHANEDIOL
4 non-polymer DI(HYDROXYETHYL)ETHER
5 non-polymer 1-METHOXY-2-(2-METHOXYETHOXY)ETHANE
6 non-polymer 'TETRAETHYLENE GLYCOL'
7 water water
#
_entity_poly.entity_id   1
_entity_poly.type   'polypeptide(L)'
_entity_poly.pdbx_seq_one_letter_code
;GHMGHTLERSVFSERTEESSAVQYFQFYGYLSQQQNMMQDYVRTGTYQRAILQNHTDFKDKIVLDVGCGSGILSFFAAQA
GARKIYAVEASTMAQHAEVLVKSNNLTDRIVVIPGKVEEVSLPEQVDIIISEPMGYMLFNERMLESYLHAKKYLKPSGNM
FPTIGDVHLAPFTDEQLYMEQFTKANFWYQPSFHGVDLSALRGAAVDEYFRQPVVDTFDIRILMAKSVKYTVNFLEAKEG
DLHRIEIPFKFHMLHSGLVHGLAFWFDVAFIGSIMTVWLSTAPTEPLTHWYQVRCLFQSPLFAKAGDTLSGTCLLIANKR
QSYDISIVAQVDQTGSKSSNLLDLKNPFFRYTGTTPSPPPG
;
_entity_poly.pdbx_strand_id   A,B,C,D
#
loop_
_chem_comp.id
_chem_comp.type
_chem_comp.name
_chem_comp.formula
6CX non-polymer 5'-{[(3S)-3-amino-3-carboxypropyl][(1H-imidazol-4-yl)methyl]amino}-5'-deoxyadenosine 'C18 H25 N9 O5'
EDO non-polymer 1,2-ETHANEDIOL 'C2 H6 O2'
M2M non-polymer 1-METHOXY-2-(2-METHOXYETHOXY)ETHANE 'C6 H14 O3'
PEG non-polymer DI(HYDROXYETHYL)ETHER 'C4 H10 O3'
PG4 non-polymer 'TETRAETHYLENE GLYCOL' 'C8 H18 O5'
#
# COMPACT_ATOMS: atom_id res chain seq x y z
N SER A 10 16.31 -36.72 22.28
CA SER A 10 14.89 -37.00 22.03
C SER A 10 14.73 -37.84 20.75
N VAL A 11 13.51 -38.29 20.47
CA VAL A 11 13.26 -39.07 19.26
C VAL A 11 13.52 -38.17 18.03
N PHE A 12 13.17 -36.89 18.15
CA PHE A 12 13.39 -35.96 17.05
C PHE A 12 14.89 -35.73 16.80
N SER A 13 15.65 -35.40 17.86
CA SER A 13 17.06 -35.08 17.69
C SER A 13 17.84 -36.30 17.22
N GLU A 14 17.36 -37.49 17.59
CA GLU A 14 18.04 -38.72 17.20
C GLU A 14 17.86 -39.05 15.70
N ARG A 15 16.77 -38.58 15.08
CA ARG A 15 16.51 -38.88 13.66
C ARG A 15 16.84 -37.72 12.72
N THR A 16 17.29 -36.60 13.29
CA THR A 16 17.49 -35.35 12.53
C THR A 16 18.90 -34.80 12.76
N GLU A 17 19.65 -34.54 11.70
CA GLU A 17 20.93 -33.81 11.80
C GLU A 17 20.64 -32.40 12.28
N GLU A 18 21.43 -31.91 13.23
CA GLU A 18 21.21 -30.59 13.83
C GLU A 18 21.12 -29.49 12.77
N SER A 19 22.03 -29.55 11.80
CA SER A 19 22.08 -28.58 10.71
C SER A 19 20.76 -28.48 9.94
N SER A 20 20.16 -29.64 9.65
CA SER A 20 18.88 -29.69 8.98
C SER A 20 17.79 -29.10 9.89
N ALA A 21 17.81 -29.47 11.16
CA ALA A 21 16.77 -29.02 12.11
C ALA A 21 16.76 -27.50 12.29
N VAL A 22 17.94 -26.90 12.40
CA VAL A 22 18.05 -25.45 12.60
C VAL A 22 17.43 -24.69 11.42
N GLN A 23 17.83 -25.02 10.19
CA GLN A 23 17.29 -24.34 9.00
C GLN A 23 15.80 -24.62 8.83
N TYR A 24 15.37 -25.83 9.21
CA TYR A 24 13.97 -26.20 9.09
C TYR A 24 13.11 -25.29 9.96
N PHE A 25 13.45 -25.14 11.24
CA PHE A 25 12.58 -24.37 12.09
C PHE A 25 12.80 -22.87 11.88
N GLN A 26 13.96 -22.47 11.37
CA GLN A 26 14.14 -21.07 11.01
C GLN A 26 13.15 -20.69 9.90
N PHE A 27 13.01 -21.56 8.90
CA PHE A 27 12.09 -21.34 7.77
C PHE A 27 10.65 -21.09 8.28
N TYR A 28 10.22 -21.88 9.25
CA TYR A 28 8.82 -21.76 9.73
C TYR A 28 8.65 -20.65 10.74
N GLY A 29 9.76 -20.05 11.14
CA GLY A 29 9.72 -18.88 12.00
C GLY A 29 9.39 -17.58 11.29
N TYR A 30 9.33 -17.60 9.97
CA TYR A 30 8.99 -16.40 9.20
C TYR A 30 7.48 -16.29 9.01
N LEU A 31 6.93 -15.12 9.30
CA LEU A 31 5.51 -14.88 9.10
C LEU A 31 5.12 -15.05 7.64
N SER A 32 6.01 -14.69 6.72
CA SER A 32 5.72 -14.84 5.31
C SER A 32 5.51 -16.29 4.93
N GLN A 33 6.21 -17.21 5.58
CA GLN A 33 6.05 -18.63 5.24
C GLN A 33 4.71 -19.18 5.80
N GLN A 34 4.35 -18.73 6.99
CA GLN A 34 3.06 -19.12 7.57
C GLN A 34 1.93 -18.57 6.70
N GLN A 35 2.11 -17.32 6.27
CA GLN A 35 1.17 -16.65 5.38
C GLN A 35 0.98 -17.43 4.09
N ASN A 36 2.08 -17.90 3.52
CA ASN A 36 2.02 -18.68 2.27
C ASN A 36 1.15 -19.91 2.43
N MET A 37 1.25 -20.59 3.58
CA MET A 37 0.43 -21.78 3.85
C MET A 37 -1.02 -21.38 4.15
N MET A 38 -1.18 -20.32 4.93
CA MET A 38 -2.49 -19.86 5.29
C MET A 38 -3.27 -19.43 4.03
N GLN A 39 -2.57 -18.87 3.07
CA GLN A 39 -3.15 -18.34 1.83
C GLN A 39 -3.45 -19.41 0.80
N ASP A 40 -3.04 -20.65 1.06
CA ASP A 40 -3.47 -21.78 0.24
C ASP A 40 -4.92 -22.06 0.69
N TYR A 41 -5.88 -21.57 -0.07
CA TYR A 41 -7.29 -21.60 0.32
C TYR A 41 -7.84 -23.01 0.32
N VAL A 42 -7.41 -23.85 -0.61
CA VAL A 42 -7.83 -25.24 -0.59
C VAL A 42 -7.38 -25.88 0.72
N ARG A 43 -6.13 -25.62 1.09
CA ARG A 43 -5.57 -26.18 2.33
C ARG A 43 -6.28 -25.66 3.57
N THR A 44 -6.25 -24.36 3.76
CA THR A 44 -6.76 -23.77 4.98
C THR A 44 -8.28 -23.89 5.10
N GLY A 45 -8.97 -23.63 4.00
CA GLY A 45 -10.41 -23.76 3.97
C GLY A 45 -10.91 -25.18 4.18
N THR A 46 -10.19 -26.18 3.64
CA THR A 46 -10.62 -27.57 3.83
C THR A 46 -10.41 -27.99 5.28
N TYR A 47 -9.32 -27.59 5.90
CA TYR A 47 -9.15 -27.86 7.32
C TYR A 47 -10.27 -27.25 8.14
N GLN A 48 -10.63 -26.01 7.85
CA GLN A 48 -11.69 -25.36 8.63
C GLN A 48 -13.01 -26.12 8.45
N ARG A 49 -13.34 -26.44 7.21
CA ARG A 49 -14.55 -27.20 6.93
C ARG A 49 -14.54 -28.57 7.62
N ALA A 50 -13.40 -29.27 7.56
CA ALA A 50 -13.30 -30.58 8.19
C ALA A 50 -13.62 -30.52 9.68
N ILE A 51 -13.09 -29.50 10.33
CA ILE A 51 -13.21 -29.31 11.76
C ILE A 51 -14.64 -28.81 12.09
N LEU A 52 -15.13 -27.81 11.37
CA LEU A 52 -16.45 -27.24 11.70
C LEU A 52 -17.61 -28.17 11.36
N GLN A 53 -17.50 -28.89 10.25
CA GLN A 53 -18.58 -29.79 9.82
C GLN A 53 -18.59 -31.05 10.66
N ASN A 54 -17.49 -31.32 11.36
CA ASN A 54 -17.45 -32.42 12.35
C ASN A 54 -17.38 -31.88 13.78
N HIS A 55 -18.23 -30.90 14.11
CA HIS A 55 -18.14 -30.20 15.39
C HIS A 55 -18.28 -31.13 16.61
N THR A 56 -19.01 -32.23 16.51
CA THR A 56 -19.14 -33.15 17.66
C THR A 56 -17.82 -33.86 17.99
N ASP A 57 -16.86 -33.85 17.06
CA ASP A 57 -15.52 -34.39 17.36
C ASP A 57 -14.67 -33.38 18.13
N PHE A 58 -15.19 -32.17 18.29
CA PHE A 58 -14.47 -31.08 18.95
C PHE A 58 -15.19 -30.44 20.14
N LYS A 59 -16.52 -30.36 20.09
CA LYS A 59 -17.26 -29.63 21.13
C LYS A 59 -16.94 -30.21 22.51
N ASP A 60 -16.42 -29.34 23.35
CA ASP A 60 -16.03 -29.65 24.73
C ASP A 60 -14.96 -30.72 24.86
N LYS A 61 -14.16 -30.89 23.80
CA LYS A 61 -13.07 -31.88 23.77
C LYS A 61 -11.69 -31.29 24.10
N ILE A 62 -10.75 -32.17 24.39
CA ILE A 62 -9.35 -31.81 24.58
C ILE A 62 -8.60 -32.11 23.27
N VAL A 63 -7.83 -31.13 22.78
CA VAL A 63 -7.22 -31.19 21.45
C VAL A 63 -5.72 -30.94 21.57
N LEU A 64 -4.96 -31.62 20.72
CA LEU A 64 -3.55 -31.31 20.52
C LEU A 64 -3.35 -30.90 19.08
N ASP A 65 -2.75 -29.72 18.87
CA ASP A 65 -2.37 -29.21 17.53
C ASP A 65 -0.85 -29.39 17.38
N VAL A 66 -0.44 -30.39 16.59
CA VAL A 66 1.02 -30.65 16.42
C VAL A 66 1.63 -29.75 15.33
N GLY A 67 2.47 -28.81 15.76
CA GLY A 67 3.09 -27.86 14.86
C GLY A 67 2.11 -26.76 14.49
N CYS A 68 1.71 -25.97 15.49
CA CYS A 68 0.57 -25.10 15.31
C CYS A 68 0.85 -23.89 14.40
N GLY A 69 2.14 -23.57 14.19
CA GLY A 69 2.51 -22.43 13.36
C GLY A 69 1.85 -21.18 13.95
N SER A 70 1.10 -20.46 13.13
CA SER A 70 0.36 -19.27 13.56
C SER A 70 -0.72 -19.56 14.60
N GLY A 71 -1.10 -20.82 14.71
CA GLY A 71 -2.18 -21.22 15.61
C GLY A 71 -3.48 -21.43 14.86
N ILE A 72 -3.47 -21.23 13.54
CA ILE A 72 -4.72 -21.20 12.77
C ILE A 72 -5.62 -22.44 12.99
N LEU A 73 -5.07 -23.65 13.00
CA LEU A 73 -5.93 -24.85 13.21
C LEU A 73 -6.51 -24.90 14.62
N SER A 74 -5.73 -24.44 15.59
CA SER A 74 -6.22 -24.38 16.95
C SER A 74 -7.39 -23.42 17.05
N PHE A 75 -7.33 -22.31 16.32
CA PHE A 75 -8.48 -21.39 16.33
C PHE A 75 -9.70 -22.06 15.72
N PHE A 76 -9.50 -22.85 14.68
CA PHE A 76 -10.62 -23.58 14.08
C PHE A 76 -11.18 -24.57 15.10
N ALA A 77 -10.31 -25.26 15.83
CA ALA A 77 -10.78 -26.16 16.88
C ALA A 77 -11.61 -25.39 17.92
N ALA A 78 -11.19 -24.17 18.26
CA ALA A 78 -11.93 -23.36 19.25
C ALA A 78 -13.28 -22.92 18.66
N GLN A 79 -13.28 -22.58 17.38
CA GLN A 79 -14.55 -22.23 16.70
C GLN A 79 -15.53 -23.38 16.78
N ALA A 80 -15.02 -24.61 16.74
CA ALA A 80 -15.87 -25.81 16.82
C ALA A 80 -16.22 -26.19 18.25
N GLY A 81 -15.77 -25.38 19.21
CA GLY A 81 -16.22 -25.54 20.60
C GLY A 81 -15.30 -26.35 21.51
N ALA A 82 -14.05 -26.56 21.13
CA ALA A 82 -13.14 -27.35 21.98
C ALA A 82 -12.95 -26.72 23.35
N ARG A 83 -12.84 -27.58 24.36
CA ARG A 83 -12.63 -27.11 25.71
C ARG A 83 -11.21 -26.64 25.95
N LYS A 84 -10.23 -27.39 25.45
CA LYS A 84 -8.83 -27.04 25.62
C LYS A 84 -8.04 -27.54 24.44
N ILE A 85 -7.14 -26.70 23.95
CA ILE A 85 -6.30 -27.02 22.81
C ILE A 85 -4.84 -26.76 23.23
N TYR A 86 -4.02 -27.79 23.18
CA TYR A 86 -2.58 -27.64 23.40
C TYR A 86 -1.96 -27.48 22.03
N ALA A 87 -1.37 -26.32 21.80
CA ALA A 87 -0.86 -25.96 20.49
C ALA A 87 0.68 -25.93 20.57
N VAL A 88 1.30 -26.96 20.00
CA VAL A 88 2.75 -27.16 20.12
C VAL A 88 3.47 -26.65 18.87
N GLU A 89 4.53 -25.86 19.07
CA GLU A 89 5.27 -25.29 17.94
C GLU A 89 6.73 -25.11 18.30
N ALA A 90 7.62 -25.66 17.49
CA ALA A 90 9.05 -25.66 17.82
C ALA A 90 9.77 -24.42 17.32
N SER A 91 9.26 -23.75 16.28
CA SER A 91 9.94 -22.54 15.76
C SER A 91 9.62 -21.36 16.65
N THR A 92 10.27 -20.23 16.39
CA THR A 92 9.97 -18.98 17.10
C THR A 92 8.58 -18.44 16.77
N MET A 93 7.91 -19.06 15.79
CA MET A 93 6.50 -18.73 15.50
C MET A 93 5.60 -18.96 16.71
N ALA A 94 6.03 -19.79 17.66
CA ALA A 94 5.27 -20.03 18.90
C ALA A 94 4.93 -18.74 19.63
N GLN A 95 5.88 -17.80 19.60
CA GLN A 95 5.76 -16.53 20.30
C GLN A 95 4.66 -15.69 19.64
N HIS A 96 4.58 -15.77 18.32
CA HIS A 96 3.53 -15.06 17.58
C HIS A 96 2.13 -15.70 17.76
N ALA A 97 2.08 -17.03 17.82
CA ALA A 97 0.83 -17.73 18.08
C ALA A 97 0.29 -17.30 19.43
N GLU A 98 1.20 -17.17 20.39
CA GLU A 98 0.84 -16.76 21.74
C GLU A 98 0.24 -15.34 21.76
N VAL A 99 0.80 -14.44 20.97
CA VAL A 99 0.26 -13.09 20.78
C VAL A 99 -1.16 -13.15 20.23
N LEU A 100 -1.40 -14.00 19.23
CA LEU A 100 -2.74 -14.14 18.66
C LEU A 100 -3.75 -14.80 19.61
N VAL A 101 -3.33 -15.79 20.39
CA VAL A 101 -4.21 -16.37 21.39
C VAL A 101 -4.74 -15.31 22.37
N LYS A 102 -3.84 -14.46 22.87
CA LYS A 102 -4.23 -13.38 23.79
C LYS A 102 -5.11 -12.36 23.08
N SER A 103 -4.72 -11.93 21.88
CA SER A 103 -5.46 -10.88 21.21
C SER A 103 -6.82 -11.36 20.72
N ASN A 104 -6.99 -12.68 20.58
CA ASN A 104 -8.30 -13.26 20.24
C ASN A 104 -9.09 -13.74 21.49
N ASN A 105 -8.63 -13.33 22.66
CA ASN A 105 -9.29 -13.61 23.92
C ASN A 105 -9.53 -15.10 24.17
N LEU A 106 -8.54 -15.93 23.86
CA LEU A 106 -8.71 -17.38 23.98
C LEU A 106 -7.68 -18.02 24.92
N THR A 107 -7.09 -17.24 25.83
CA THR A 107 -6.05 -17.78 26.70
C THR A 107 -6.55 -18.89 27.63
N ASP A 108 -7.85 -18.91 27.89
CA ASP A 108 -8.41 -19.93 28.76
C ASP A 108 -8.67 -21.25 28.04
N ARG A 109 -8.49 -21.29 26.72
CA ARG A 109 -8.85 -22.48 25.94
C ARG A 109 -7.70 -22.98 25.04
N ILE A 110 -6.81 -22.08 24.62
CA ILE A 110 -5.63 -22.48 23.84
C ILE A 110 -4.35 -22.21 24.64
N VAL A 111 -3.55 -23.25 24.85
CA VAL A 111 -2.26 -23.13 25.52
C VAL A 111 -1.18 -23.44 24.52
N VAL A 112 -0.38 -22.43 24.25
CA VAL A 112 0.76 -22.58 23.36
C VAL A 112 1.94 -23.12 24.16
N ILE A 113 2.48 -24.22 23.67
CA ILE A 113 3.62 -24.90 24.28
C ILE A 113 4.81 -24.84 23.31
N PRO A 114 5.81 -23.99 23.61
CA PRO A 114 6.98 -23.92 22.73
C PRO A 114 7.86 -25.17 22.85
N GLY A 115 8.30 -25.68 21.70
CA GLY A 115 9.18 -26.82 21.68
C GLY A 115 8.72 -27.88 20.68
N LYS A 116 9.52 -28.94 20.57
CA LYS A 116 9.21 -30.05 19.70
C LYS A 116 8.25 -30.97 20.42
N VAL A 117 7.28 -31.51 19.69
CA VAL A 117 6.28 -32.36 20.29
C VAL A 117 6.93 -33.62 20.87
N GLU A 118 8.12 -33.97 20.39
CA GLU A 118 8.90 -35.10 20.96
C GLU A 118 9.54 -34.79 22.32
N GLU A 119 9.58 -33.52 22.68
CA GLU A 119 10.35 -33.08 23.84
C GLU A 119 9.50 -32.39 24.92
N VAL A 120 8.36 -31.81 24.54
CA VAL A 120 7.52 -31.11 25.51
C VAL A 120 6.72 -32.10 26.33
N SER A 121 6.15 -31.62 27.42
CA SER A 121 5.20 -32.41 28.18
C SER A 121 3.82 -31.76 28.09
N LEU A 122 2.81 -32.57 27.87
CA LEU A 122 1.45 -32.09 28.00
C LEU A 122 0.93 -32.48 29.36
N PRO A 123 0.05 -31.66 29.92
CA PRO A 123 -0.43 -31.91 31.27
C PRO A 123 -1.47 -33.04 31.37
N GLU A 124 -2.06 -33.47 30.25
CA GLU A 124 -3.12 -34.48 30.24
C GLU A 124 -3.20 -35.12 28.86
N GLN A 125 -3.96 -36.21 28.74
CA GLN A 125 -4.21 -36.87 27.47
C GLN A 125 -5.31 -36.14 26.69
N VAL A 126 -5.34 -36.30 25.37
CA VAL A 126 -6.28 -35.55 24.52
C VAL A 126 -7.22 -36.50 23.78
N ASP A 127 -8.34 -35.93 23.32
CA ASP A 127 -9.35 -36.69 22.57
C ASP A 127 -9.04 -36.77 21.08
N ILE A 128 -8.34 -35.77 20.58
CA ILE A 128 -8.13 -35.67 19.15
C ILE A 128 -6.85 -34.87 18.91
N ILE A 129 -6.07 -35.31 17.93
CA ILE A 129 -4.87 -34.61 17.48
C ILE A 129 -5.17 -34.06 16.11
N ILE A 130 -4.84 -32.79 15.92
CA ILE A 130 -4.95 -32.16 14.64
C ILE A 130 -3.56 -31.69 14.18
N SER A 131 -3.33 -31.73 12.88
CA SER A 131 -2.04 -31.31 12.38
C SER A 131 -2.10 -31.16 10.90
N GLU A 132 -1.18 -30.35 10.37
CA GLU A 132 -0.91 -30.31 8.95
C GLU A 132 0.56 -30.61 8.79
N PRO A 133 0.88 -31.91 8.70
CA PRO A 133 2.26 -32.38 8.61
C PRO A 133 2.70 -32.85 7.21
N MET A 134 1.91 -32.58 6.19
CA MET A 134 2.19 -33.13 4.86
C MET A 134 3.23 -32.32 4.11
N GLY A 135 4.17 -33.03 3.50
CA GLY A 135 5.12 -32.43 2.55
C GLY A 135 4.94 -32.90 1.13
N TYR A 136 5.85 -32.47 0.24
CA TYR A 136 5.86 -33.00 -1.10
C TYR A 136 5.81 -34.51 -1.07
N MET A 137 5.00 -35.08 -1.97
CA MET A 137 4.71 -36.51 -2.12
C MET A 137 4.36 -37.10 -0.74
N LEU A 138 3.66 -36.28 0.02
CA LEU A 138 3.13 -36.57 1.38
C LEU A 138 4.20 -36.60 2.45
N PHE A 139 5.25 -37.40 2.24
CA PHE A 139 6.20 -37.71 3.30
C PHE A 139 7.39 -36.74 3.50
N ASN A 140 7.69 -35.87 2.54
CA ASN A 140 8.85 -35.00 2.66
C ASN A 140 8.75 -34.18 3.93
N GLU A 141 9.91 -33.91 4.53
CA GLU A 141 10.12 -33.18 5.80
C GLU A 141 9.98 -34.07 7.03
N ARG A 142 9.39 -35.24 6.86
CA ARG A 142 9.31 -36.26 7.90
C ARG A 142 8.46 -35.79 9.07
N MET A 143 7.58 -34.80 8.84
CA MET A 143 6.76 -34.33 9.95
C MET A 143 5.65 -35.30 10.31
N LEU A 144 5.30 -36.21 9.41
CA LEU A 144 4.28 -37.19 9.77
C LEU A 144 4.76 -38.05 10.94
N GLU A 145 6.06 -38.25 11.09
CA GLU A 145 6.56 -38.99 12.22
C GLU A 145 6.27 -38.26 13.56
N SER A 146 6.35 -36.94 13.56
CA SER A 146 6.05 -36.14 14.76
C SER A 146 4.55 -36.25 15.07
N TYR A 147 3.74 -36.24 14.03
CA TYR A 147 2.29 -36.41 14.19
C TYR A 147 1.96 -37.76 14.82
N LEU A 148 2.58 -38.84 14.31
CA LEU A 148 2.36 -40.16 14.90
C LEU A 148 2.95 -40.27 16.29
N HIS A 149 4.11 -39.67 16.49
CA HIS A 149 4.77 -39.69 17.79
C HIS A 149 3.84 -39.13 18.88
N ALA A 150 3.10 -38.13 18.48
CA ALA A 150 2.19 -37.41 19.38
C ALA A 150 1.06 -38.28 19.90
N LYS A 151 0.86 -39.44 19.29
CA LYS A 151 -0.22 -40.33 19.77
C LYS A 151 0.09 -40.89 21.16
N LYS A 152 1.28 -40.67 21.68
CA LYS A 152 1.54 -41.05 23.05
C LYS A 152 0.61 -40.25 24.00
N TYR A 153 0.06 -39.13 23.51
CA TYR A 153 -0.87 -38.29 24.26
C TYR A 153 -2.35 -38.50 23.93
N LEU A 154 -2.63 -39.41 23.00
CA LEU A 154 -4.00 -39.63 22.55
C LEU A 154 -4.69 -40.70 23.41
N LYS A 155 -5.86 -40.37 23.94
CA LYS A 155 -6.68 -41.34 24.64
C LYS A 155 -6.97 -42.56 23.75
N PRO A 156 -7.17 -43.72 24.37
CA PRO A 156 -7.64 -44.82 23.55
C PRO A 156 -8.91 -44.42 22.82
N SER A 157 -9.14 -44.90 21.60
CA SER A 157 -10.30 -44.47 20.84
C SER A 157 -10.30 -42.96 20.49
N GLY A 158 -9.19 -42.26 20.73
CA GLY A 158 -9.10 -40.86 20.33
C GLY A 158 -9.04 -40.80 18.81
N ASN A 159 -9.13 -39.60 18.20
CA ASN A 159 -9.13 -39.49 16.76
C ASN A 159 -7.94 -38.67 16.23
N MET A 160 -7.68 -38.77 14.93
CA MET A 160 -6.60 -38.05 14.27
C MET A 160 -7.19 -37.35 13.09
N PHE A 161 -6.87 -36.07 12.95
CA PHE A 161 -7.33 -35.22 11.86
C PHE A 161 -6.12 -34.54 11.19
N PRO A 162 -5.67 -35.03 10.02
CA PRO A 162 -6.28 -36.06 9.19
C PRO A 162 -6.15 -37.46 9.74
N THR A 163 -7.04 -38.32 9.27
CA THR A 163 -7.12 -39.68 9.72
C THR A 163 -6.30 -40.65 8.88
N ILE A 164 -6.33 -40.46 7.57
CA ILE A 164 -5.56 -41.28 6.66
C ILE A 164 -4.94 -40.41 5.60
N GLY A 165 -3.88 -40.94 4.99
CA GLY A 165 -3.22 -40.28 3.89
C GLY A 165 -3.05 -41.28 2.75
N ASP A 166 -3.45 -40.89 1.53
CA ASP A 166 -3.33 -41.72 0.33
C ASP A 166 -2.27 -41.10 -0.58
N VAL A 167 -1.19 -41.83 -0.84
CA VAL A 167 -0.24 -41.41 -1.87
C VAL A 167 -0.64 -42.08 -3.16
N HIS A 168 -0.72 -41.28 -4.23
CA HIS A 168 -1.03 -41.85 -5.56
C HIS A 168 0.18 -41.77 -6.46
N LEU A 169 0.43 -42.85 -7.19
CA LEU A 169 1.46 -42.89 -8.21
C LEU A 169 0.89 -43.34 -9.53
N ALA A 170 1.39 -42.76 -10.63
CA ALA A 170 1.01 -43.14 -11.97
C ALA A 170 2.10 -42.87 -13.01
N PRO A 171 2.23 -43.75 -14.00
CA PRO A 171 3.20 -43.47 -15.06
C PRO A 171 2.78 -42.31 -15.95
N PHE A 172 3.76 -41.54 -16.41
CA PHE A 172 3.49 -40.42 -17.30
C PHE A 172 4.43 -40.45 -18.51
N THR A 173 3.99 -39.77 -19.57
CA THR A 173 4.85 -39.51 -20.71
C THR A 173 5.03 -38.00 -20.82
N ASP A 174 6.30 -37.56 -20.88
CA ASP A 174 6.64 -36.15 -21.09
C ASP A 174 8.04 -36.04 -21.68
N GLU A 175 8.10 -36.14 -23.00
CA GLU A 175 9.35 -36.11 -23.75
C GLU A 175 10.11 -34.81 -23.52
N GLN A 176 9.41 -33.68 -23.50
CA GLN A 176 10.07 -32.41 -23.28
C GLN A 176 10.72 -32.28 -21.89
N LEU A 177 10.04 -32.75 -20.83
CA LEU A 177 10.64 -32.75 -19.48
C LEU A 177 11.89 -33.63 -19.44
N TYR A 178 11.79 -34.82 -20.02
CA TYR A 178 12.93 -35.70 -20.07
C TYR A 178 14.10 -35.06 -20.82
N MET A 179 13.85 -34.49 -22.01
N MET A 179 13.86 -34.51 -22.01
CA MET A 179 14.93 -34.03 -22.87
CA MET A 179 14.95 -33.99 -22.84
C MET A 179 15.62 -32.81 -22.22
C MET A 179 15.66 -32.88 -22.11
N GLU A 180 14.86 -32.08 -21.41
CA GLU A 180 15.35 -30.96 -20.64
C GLU A 180 16.55 -31.31 -19.72
N GLN A 181 16.58 -32.53 -19.17
CA GLN A 181 17.67 -32.92 -18.30
C GLN A 181 18.99 -33.00 -19.06
N PHE A 182 18.93 -33.49 -20.29
CA PHE A 182 20.15 -33.55 -21.07
C PHE A 182 20.55 -32.19 -21.58
N THR A 183 19.57 -31.34 -21.85
CA THR A 183 19.91 -30.01 -22.31
C THR A 183 20.74 -29.31 -21.26
N LYS A 184 20.31 -29.42 -20.02
CA LYS A 184 21.05 -28.82 -18.91
C LYS A 184 22.38 -29.50 -18.64
N ALA A 185 22.36 -30.83 -18.62
CA ALA A 185 23.58 -31.54 -18.31
C ALA A 185 24.63 -31.35 -19.37
N ASN A 186 24.23 -31.17 -20.63
CA ASN A 186 25.19 -31.11 -21.72
C ASN A 186 25.99 -29.80 -21.72
N PHE A 187 25.65 -28.87 -20.82
CA PHE A 187 26.59 -27.77 -20.51
C PHE A 187 27.98 -28.33 -20.28
N TRP A 188 28.05 -29.46 -19.59
CA TRP A 188 29.36 -30.00 -19.25
C TRP A 188 29.99 -30.74 -20.46
N TYR A 189 29.23 -31.00 -21.53
CA TYR A 189 29.80 -31.72 -22.67
C TYR A 189 30.39 -30.76 -23.69
N GLN A 190 31.40 -30.03 -23.24
CA GLN A 190 32.14 -29.14 -24.10
C GLN A 190 33.64 -29.22 -23.77
N PRO A 191 34.46 -29.30 -24.82
CA PRO A 191 35.89 -29.51 -24.64
C PRO A 191 36.68 -28.24 -24.39
N SER A 192 36.05 -27.07 -24.55
CA SER A 192 36.78 -25.81 -24.34
C SER A 192 35.85 -24.72 -23.78
N PHE A 193 35.35 -24.95 -22.59
CA PHE A 193 34.65 -23.89 -21.86
C PHE A 193 35.70 -22.96 -21.32
N HIS A 194 35.88 -21.79 -21.94
CA HIS A 194 36.97 -20.89 -21.57
C HIS A 194 38.30 -21.64 -21.52
N GLY A 195 38.48 -22.57 -22.43
CA GLY A 195 39.70 -23.35 -22.52
C GLY A 195 39.74 -24.62 -21.66
N VAL A 196 38.66 -24.93 -20.95
CA VAL A 196 38.63 -26.09 -20.07
C VAL A 196 37.72 -27.15 -20.62
N ASP A 197 38.23 -28.38 -20.65
CA ASP A 197 37.41 -29.51 -21.07
C ASP A 197 36.59 -29.96 -19.90
N LEU A 198 35.27 -29.75 -20.01
CA LEU A 198 34.35 -30.09 -18.91
C LEU A 198 33.77 -31.49 -19.02
N SER A 199 34.01 -32.12 -20.16
CA SER A 199 33.25 -33.28 -20.56
C SER A 199 33.30 -34.44 -19.59
N ALA A 200 34.36 -34.55 -18.78
CA ALA A 200 34.45 -35.68 -17.87
C ALA A 200 33.38 -35.63 -16.76
N LEU A 201 32.77 -34.46 -16.54
CA LEU A 201 31.70 -34.36 -15.53
C LEU A 201 30.29 -34.46 -16.07
N ARG A 202 30.13 -34.70 -17.37
CA ARG A 202 28.81 -34.78 -17.96
C ARG A 202 27.93 -35.89 -17.32
N GLY A 203 28.50 -37.09 -17.13
CA GLY A 203 27.78 -38.19 -16.53
C GLY A 203 27.27 -37.87 -15.12
N ALA A 204 28.12 -37.23 -14.34
CA ALA A 204 27.81 -36.83 -12.97
C ALA A 204 26.70 -35.79 -12.96
N ALA A 205 26.73 -34.92 -13.96
CA ALA A 205 25.71 -33.88 -14.06
C ALA A 205 24.33 -34.47 -14.44
N VAL A 206 24.33 -35.37 -15.42
CA VAL A 206 23.14 -36.10 -15.82
C VAL A 206 22.52 -36.80 -14.61
N ASP A 207 23.38 -37.50 -13.87
N ASP A 207 23.37 -37.49 -13.85
CA ASP A 207 22.93 -38.23 -12.68
CA ASP A 207 22.89 -38.25 -12.69
C ASP A 207 22.30 -37.30 -11.66
C ASP A 207 22.30 -37.30 -11.65
N GLU A 208 22.96 -36.17 -11.41
CA GLU A 208 22.47 -35.21 -10.44
C GLU A 208 21.10 -34.68 -10.85
N TYR A 209 20.94 -34.27 -12.11
CA TYR A 209 19.64 -33.70 -12.54
C TYR A 209 18.51 -34.74 -12.44
N PHE A 210 18.82 -35.97 -12.81
CA PHE A 210 17.80 -37.03 -12.78
C PHE A 210 17.47 -37.50 -11.37
N ARG A 211 18.34 -37.21 -10.40
CA ARG A 211 18.09 -37.50 -9.00
C ARG A 211 17.13 -36.49 -8.34
N GLN A 212 16.79 -35.43 -9.06
CA GLN A 212 15.90 -34.41 -8.51
C GLN A 212 14.42 -34.69 -8.83
N PRO A 213 13.60 -34.94 -7.82
CA PRO A 213 12.17 -34.99 -8.15
C PRO A 213 11.69 -33.63 -8.64
N VAL A 214 10.81 -33.64 -9.65
CA VAL A 214 10.34 -32.43 -10.27
C VAL A 214 9.02 -31.99 -9.67
N VAL A 215 9.03 -30.81 -9.04
CA VAL A 215 7.85 -30.25 -8.41
C VAL A 215 7.24 -29.26 -9.36
N ASP A 216 6.08 -29.60 -9.89
CA ASP A 216 5.26 -28.68 -10.70
C ASP A 216 3.95 -29.39 -11.03
N THR A 217 3.10 -28.79 -11.86
CA THR A 217 1.85 -29.43 -12.18
C THR A 217 1.93 -29.82 -13.65
N PHE A 218 0.90 -30.50 -14.13
CA PHE A 218 0.85 -30.96 -15.51
C PHE A 218 -0.57 -31.25 -15.92
N ASP A 219 -0.75 -31.40 -17.24
CA ASP A 219 -2.00 -31.84 -17.84
C ASP A 219 -2.26 -33.34 -17.57
N ILE A 220 -3.48 -33.69 -17.18
CA ILE A 220 -3.75 -35.06 -16.82
C ILE A 220 -3.61 -35.98 -18.03
N ARG A 221 -3.55 -35.43 -19.24
CA ARG A 221 -3.45 -36.27 -20.42
C ARG A 221 -2.06 -36.89 -20.54
N ILE A 222 -1.10 -36.47 -19.74
CA ILE A 222 0.21 -37.12 -19.79
C ILE A 222 0.21 -38.46 -19.04
N LEU A 223 -0.83 -38.73 -18.24
CA LEU A 223 -0.89 -39.93 -17.40
C LEU A 223 -1.31 -41.12 -18.25
N MET A 224 -0.60 -42.23 -18.09
N MET A 224 -0.62 -42.25 -18.08
CA MET A 224 -0.76 -43.38 -19.00
CA MET A 224 -0.76 -43.37 -19.00
C MET A 224 -1.50 -44.58 -18.41
C MET A 224 -1.50 -44.58 -18.41
N ALA A 225 -1.88 -44.50 -17.14
CA ALA A 225 -2.57 -45.58 -16.47
C ALA A 225 -3.25 -44.98 -15.25
N LYS A 226 -4.28 -45.64 -14.76
CA LYS A 226 -4.93 -45.26 -13.52
C LYS A 226 -3.92 -45.36 -12.37
N SER A 227 -3.98 -44.42 -11.45
CA SER A 227 -3.01 -44.43 -10.35
C SER A 227 -3.20 -45.63 -9.44
N VAL A 228 -2.10 -45.99 -8.79
CA VAL A 228 -2.07 -46.91 -7.71
C VAL A 228 -2.01 -46.10 -6.42
N LYS A 229 -2.73 -46.58 -5.43
CA LYS A 229 -2.90 -45.89 -4.16
C LYS A 229 -2.20 -46.63 -3.04
N TYR A 230 -1.43 -45.90 -2.25
CA TYR A 230 -0.84 -46.44 -1.05
C TYR A 230 -1.36 -45.66 0.16
N THR A 231 -1.98 -46.35 1.11
CA THR A 231 -2.67 -45.69 2.23
C THR A 231 -1.94 -45.84 3.53
N VAL A 232 -1.77 -44.71 4.21
CA VAL A 232 -1.28 -44.70 5.59
C VAL A 232 -2.45 -44.32 6.49
N ASN A 233 -2.80 -45.21 7.40
CA ASN A 233 -3.83 -44.94 8.38
C ASN A 233 -3.20 -44.37 9.64
N PHE A 234 -3.41 -43.09 9.88
CA PHE A 234 -2.70 -42.41 10.97
C PHE A 234 -3.17 -42.90 12.34
N LEU A 235 -4.35 -43.50 12.39
CA LEU A 235 -4.83 -44.06 13.64
C LEU A 235 -4.10 -45.30 14.05
N GLU A 236 -3.64 -46.05 13.05
CA GLU A 236 -3.03 -47.36 13.28
C GLU A 236 -1.52 -47.31 13.16
N ALA A 237 -1.00 -46.41 12.33
CA ALA A 237 0.42 -46.44 12.02
C ALA A 237 1.29 -46.00 13.19
N LYS A 238 2.49 -46.56 13.22
CA LYS A 238 3.51 -46.20 14.19
C LYS A 238 4.56 -45.37 13.48
N GLU A 239 5.24 -44.53 14.24
CA GLU A 239 6.27 -43.63 13.69
C GLU A 239 7.32 -44.35 12.84
N GLY A 240 7.76 -45.50 13.33
CA GLY A 240 8.73 -46.33 12.64
C GLY A 240 8.25 -46.86 11.29
N ASP A 241 6.93 -46.92 11.09
CA ASP A 241 6.38 -47.38 9.82
C ASP A 241 6.81 -46.47 8.69
N LEU A 242 7.13 -45.21 9.00
CA LEU A 242 7.49 -44.25 7.96
C LEU A 242 9.01 -44.18 7.65
N HIS A 243 9.81 -45.01 8.31
CA HIS A 243 11.25 -45.03 8.03
C HIS A 243 11.59 -45.76 6.75
N ARG A 244 10.74 -46.72 6.36
CA ARG A 244 10.90 -47.53 5.17
C ARG A 244 9.52 -47.75 4.57
N ILE A 245 9.26 -47.13 3.42
CA ILE A 245 7.93 -47.24 2.84
C ILE A 245 8.07 -47.97 1.51
N GLU A 246 7.52 -49.18 1.42
CA GLU A 246 7.60 -49.95 0.19
C GLU A 246 6.27 -49.93 -0.53
N ILE A 247 6.26 -49.36 -1.72
CA ILE A 247 5.03 -49.20 -2.51
C ILE A 247 5.13 -50.04 -3.77
N PRO A 248 4.52 -51.23 -3.75
CA PRO A 248 4.51 -52.04 -4.96
C PRO A 248 3.47 -51.47 -5.93
N PHE A 249 3.69 -51.68 -7.23
CA PHE A 249 2.72 -51.21 -8.21
C PHE A 249 2.68 -52.13 -9.40
N LYS A 250 1.48 -52.19 -9.97
CA LYS A 250 1.24 -52.85 -11.23
C LYS A 250 0.28 -51.96 -11.98
N PHE A 251 0.78 -51.27 -13.00
CA PHE A 251 -0.05 -50.38 -13.78
C PHE A 251 -0.57 -51.12 -15.00
N HIS A 252 -1.85 -50.94 -15.27
CA HIS A 252 -2.46 -51.47 -16.49
C HIS A 252 -2.54 -50.31 -17.50
N MET A 253 -1.66 -50.35 -18.48
CA MET A 253 -1.45 -49.19 -19.36
C MET A 253 -2.70 -48.91 -20.19
N LEU A 254 -3.17 -47.68 -20.14
CA LEU A 254 -4.35 -47.28 -20.92
C LEU A 254 -3.96 -46.66 -22.25
N HIS A 255 -2.69 -46.28 -22.38
CA HIS A 255 -2.21 -45.64 -23.61
C HIS A 255 -0.86 -46.21 -23.97
N SER A 256 -0.58 -46.19 -25.26
CA SER A 256 0.70 -46.64 -25.80
C SER A 256 1.65 -45.46 -25.88
N GLY A 257 2.89 -45.67 -25.52
CA GLY A 257 3.88 -44.62 -25.68
C GLY A 257 5.09 -44.85 -24.83
N LEU A 258 6.00 -43.86 -24.73
CA LEU A 258 7.16 -43.97 -23.85
C LEU A 258 6.83 -43.44 -22.43
N VAL A 259 7.09 -44.27 -21.42
CA VAL A 259 6.93 -43.89 -20.02
C VAL A 259 8.22 -43.28 -19.52
N HIS A 260 8.14 -42.01 -19.15
CA HIS A 260 9.34 -41.29 -18.72
C HIS A 260 9.53 -41.27 -17.22
N GLY A 261 8.53 -41.71 -16.48
CA GLY A 261 8.64 -41.74 -15.03
C GLY A 261 7.31 -41.95 -14.35
N LEU A 262 7.30 -41.69 -13.05
CA LEU A 262 6.12 -41.78 -12.22
C LEU A 262 5.78 -40.42 -11.64
N ALA A 263 4.48 -40.08 -11.70
CA ALA A 263 3.96 -38.87 -11.09
C ALA A 263 3.35 -39.26 -9.75
N PHE A 264 3.48 -38.37 -8.77
CA PHE A 264 3.01 -38.59 -7.41
C PHE A 264 2.11 -37.45 -6.95
N TRP A 265 1.05 -37.79 -6.22
CA TRP A 265 0.29 -36.78 -5.51
C TRP A 265 -0.31 -37.46 -4.29
N PHE A 266 -1.07 -36.70 -3.51
CA PHE A 266 -1.65 -37.31 -2.31
C PHE A 266 -2.95 -36.68 -1.91
N ASP A 267 -3.78 -37.47 -1.20
CA ASP A 267 -5.00 -36.99 -0.56
C ASP A 267 -4.93 -37.28 0.91
N VAL A 268 -5.59 -36.44 1.73
CA VAL A 268 -5.82 -36.85 3.11
C VAL A 268 -7.30 -36.76 3.42
N ALA A 269 -7.77 -37.62 4.32
CA ALA A 269 -9.17 -37.64 4.70
C ALA A 269 -9.32 -37.40 6.19
N PHE A 270 -10.30 -36.56 6.50
CA PHE A 270 -10.67 -36.25 7.85
C PHE A 270 -11.91 -37.06 8.15
N ILE A 271 -11.76 -38.20 8.82
CA ILE A 271 -12.87 -39.12 9.06
C ILE A 271 -13.51 -38.81 10.42
N GLY A 272 -14.52 -37.96 10.39
CA GLY A 272 -15.18 -37.48 11.58
C GLY A 272 -16.45 -38.27 11.83
N SER A 273 -17.11 -37.96 12.94
CA SER A 273 -18.35 -38.65 13.31
C SER A 273 -19.52 -38.26 12.43
N ILE A 274 -19.51 -37.04 11.90
CA ILE A 274 -20.59 -36.59 11.05
C ILE A 274 -20.30 -36.89 9.58
N MET A 275 -19.07 -36.65 9.13
CA MET A 275 -18.78 -36.87 7.74
C MET A 275 -17.28 -36.96 7.51
N THR A 276 -16.93 -37.50 6.36
CA THR A 276 -15.53 -37.53 5.94
C THR A 276 -15.26 -36.39 4.98
N VAL A 277 -14.22 -35.60 5.26
CA VAL A 277 -13.83 -34.50 4.38
C VAL A 277 -12.48 -34.81 3.80
N TRP A 278 -12.35 -34.60 2.48
CA TRP A 278 -11.08 -34.86 1.78
C TRP A 278 -10.35 -33.60 1.37
N LEU A 279 -9.04 -33.63 1.51
CA LEU A 279 -8.14 -32.63 0.95
C LEU A 279 -7.27 -33.32 -0.11
N SER A 280 -7.42 -32.92 -1.36
CA SER A 280 -6.73 -33.58 -2.48
C SER A 280 -5.74 -32.66 -3.21
N THR A 281 -4.56 -33.17 -3.51
CA THR A 281 -3.59 -32.44 -4.29
C THR A 281 -3.44 -33.07 -5.65
N ALA A 282 -4.46 -33.81 -6.08
CA ALA A 282 -4.45 -34.48 -7.39
C ALA A 282 -4.44 -33.51 -8.56
N PRO A 283 -3.86 -33.93 -9.71
CA PRO A 283 -3.79 -33.03 -10.88
C PRO A 283 -5.17 -32.72 -11.54
N THR A 284 -6.19 -33.46 -11.11
CA THR A 284 -7.59 -33.18 -11.46
C THR A 284 -8.29 -32.15 -10.58
N GLU A 285 -7.60 -31.67 -9.55
CA GLU A 285 -8.13 -30.71 -8.59
C GLU A 285 -7.41 -29.38 -8.68
N PRO A 286 -8.01 -28.32 -8.14
CA PRO A 286 -7.33 -27.02 -8.11
C PRO A 286 -5.97 -27.10 -7.45
N LEU A 287 -5.05 -26.30 -7.92
CA LEU A 287 -3.66 -26.36 -7.46
C LEU A 287 -3.48 -25.97 -5.99
N THR A 288 -2.60 -26.67 -5.29
CA THR A 288 -2.16 -26.29 -3.97
C THR A 288 -0.67 -26.00 -3.96
N HIS A 289 -0.15 -25.56 -2.83
N HIS A 289 -0.12 -25.51 -2.85
CA HIS A 289 1.27 -25.26 -2.68
CA HIS A 289 1.32 -25.26 -2.74
C HIS A 289 2.11 -26.55 -2.72
C HIS A 289 2.13 -26.57 -2.76
N TRP A 290 1.46 -27.71 -2.74
CA TRP A 290 2.16 -28.98 -2.89
C TRP A 290 2.39 -29.38 -4.36
N TYR A 291 1.69 -28.72 -5.30
CA TYR A 291 1.76 -29.07 -6.71
C TYR A 291 1.59 -30.58 -6.86
N GLN A 292 2.42 -31.18 -7.72
CA GLN A 292 2.55 -32.62 -7.83
C GLN A 292 4.06 -32.85 -8.02
N VAL A 293 4.48 -34.10 -7.94
CA VAL A 293 5.89 -34.45 -8.01
C VAL A 293 6.13 -35.52 -9.08
N ARG A 294 7.12 -35.32 -9.93
CA ARG A 294 7.48 -36.35 -10.90
C ARG A 294 8.93 -36.81 -10.73
N CYS A 295 9.11 -38.12 -10.72
CA CYS A 295 10.41 -38.77 -10.67
C CYS A 295 10.64 -39.42 -12.01
N LEU A 296 11.66 -38.97 -12.71
CA LEU A 296 11.99 -39.46 -14.03
C LEU A 296 12.71 -40.77 -13.97
N PHE A 297 12.49 -41.59 -14.98
CA PHE A 297 13.34 -42.72 -15.23
C PHE A 297 14.54 -42.24 -16.08
N GLN A 298 15.77 -42.64 -15.78
CA GLN A 298 16.87 -42.25 -16.65
C GLN A 298 16.76 -42.91 -18.03
N SER A 299 16.15 -44.09 -18.08
CA SER A 299 15.87 -44.70 -19.36
C SER A 299 14.36 -44.97 -19.45
N PRO A 300 13.67 -44.30 -20.38
CA PRO A 300 12.23 -44.48 -20.55
C PRO A 300 11.86 -45.85 -21.06
N LEU A 301 10.63 -46.25 -20.80
CA LEU A 301 10.14 -47.57 -21.17
C LEU A 301 9.00 -47.48 -22.16
N PHE A 302 9.09 -48.24 -23.23
CA PHE A 302 7.95 -48.35 -24.13
C PHE A 302 6.93 -49.32 -23.60
N ALA A 303 5.68 -48.88 -23.62
CA ALA A 303 4.59 -49.75 -23.24
C ALA A 303 3.43 -49.52 -24.19
N LYS A 304 2.71 -50.58 -24.51
CA LYS A 304 1.50 -50.43 -25.33
C LYS A 304 0.29 -50.51 -24.43
N ALA A 305 -0.80 -49.90 -24.86
CA ALA A 305 -2.06 -50.02 -24.17
C ALA A 305 -2.33 -51.49 -23.92
N GLY A 306 -2.70 -51.83 -22.69
CA GLY A 306 -2.95 -53.22 -22.36
C GLY A 306 -1.74 -53.92 -21.76
N ASP A 307 -0.52 -53.42 -21.99
CA ASP A 307 0.65 -53.94 -21.28
C ASP A 307 0.53 -53.65 -19.79
N THR A 308 1.31 -54.32 -18.96
CA THR A 308 1.34 -54.00 -17.55
C THR A 308 2.77 -53.57 -17.15
N LEU A 309 2.87 -52.51 -16.35
CA LEU A 309 4.13 -51.98 -15.88
C LEU A 309 4.22 -52.18 -14.38
N SER A 310 5.15 -53.02 -13.95
CA SER A 310 5.20 -53.44 -12.55
C SER A 310 6.52 -53.08 -11.90
N GLY A 311 6.50 -52.91 -10.58
CA GLY A 311 7.73 -52.67 -9.86
C GLY A 311 7.47 -52.18 -8.45
N THR A 312 8.43 -51.43 -7.91
CA THR A 312 8.34 -50.94 -6.55
C THR A 312 8.99 -49.58 -6.44
N CYS A 313 8.35 -48.76 -5.62
CA CYS A 313 8.90 -47.51 -5.16
C CYS A 313 9.25 -47.70 -3.68
N LEU A 314 10.53 -47.57 -3.34
CA LEU A 314 11.01 -47.73 -1.95
C LEU A 314 11.47 -46.36 -1.44
N LEU A 315 10.81 -45.86 -0.40
CA LEU A 315 11.19 -44.59 0.22
C LEU A 315 11.93 -44.88 1.54
N ILE A 316 13.19 -44.48 1.63
CA ILE A 316 14.01 -44.75 2.82
C ILE A 316 14.32 -43.42 3.49
N ALA A 317 13.87 -43.24 4.74
CA ALA A 317 14.07 -41.96 5.45
C ALA A 317 15.55 -41.69 5.69
N ASN A 318 15.97 -40.41 5.57
CA ASN A 318 17.35 -40.00 5.89
C ASN A 318 17.35 -38.89 6.94
N LYS A 319 18.51 -38.58 7.52
CA LYS A 319 18.48 -37.65 8.67
C LYS A 319 18.44 -36.16 8.23
N ARG A 320 18.23 -35.93 6.95
CA ARG A 320 17.99 -34.56 6.48
C ARG A 320 16.50 -34.33 6.28
N GLN A 321 15.71 -35.03 7.07
CA GLN A 321 14.26 -34.88 7.09
C GLN A 321 13.69 -35.10 5.70
N SER A 322 14.25 -36.07 4.98
CA SER A 322 13.73 -36.39 3.68
C SER A 322 13.92 -37.88 3.43
N TYR A 323 13.83 -38.25 2.16
CA TYR A 323 13.85 -39.64 1.76
C TYR A 323 14.78 -39.86 0.60
N ASP A 324 15.49 -41.00 0.61
CA ASP A 324 16.12 -41.56 -0.56
C ASP A 324 15.06 -42.41 -1.24
N ILE A 325 14.82 -42.15 -2.52
CA ILE A 325 13.75 -42.82 -3.26
C ILE A 325 14.40 -43.79 -4.25
N SER A 326 13.96 -45.04 -4.26
CA SER A 326 14.40 -46.02 -5.23
C SER A 326 13.16 -46.46 -6.01
N ILE A 327 13.17 -46.28 -7.33
CA ILE A 327 12.06 -46.73 -8.18
C ILE A 327 12.60 -47.73 -9.21
N VAL A 328 12.02 -48.94 -9.22
CA VAL A 328 12.37 -49.95 -10.18
C VAL A 328 11.08 -50.34 -10.92
N ALA A 329 11.12 -50.37 -12.24
CA ALA A 329 9.93 -50.63 -13.05
C ALA A 329 10.30 -51.48 -14.23
N GLN A 330 9.38 -52.35 -14.61
CA GLN A 330 9.57 -53.13 -15.81
C GLN A 330 8.25 -53.32 -16.57
N VAL A 331 8.34 -53.37 -17.89
CA VAL A 331 7.19 -53.72 -18.71
C VAL A 331 7.09 -55.24 -18.77
N ASP A 332 6.07 -55.82 -18.15
CA ASP A 332 6.04 -57.27 -17.97
C ASP A 332 6.12 -58.02 -19.32
N GLN A 333 5.46 -57.49 -20.35
CA GLN A 333 5.37 -58.20 -21.61
C GLN A 333 6.70 -58.23 -22.40
N THR A 334 7.62 -57.31 -22.12
CA THR A 334 8.87 -57.26 -22.88
C THR A 334 10.13 -57.49 -22.02
N GLY A 335 9.99 -57.36 -20.72
CA GLY A 335 11.14 -57.42 -19.81
C GLY A 335 12.03 -56.19 -19.79
N SER A 336 11.66 -55.14 -20.53
CA SER A 336 12.39 -53.87 -20.48
C SER A 336 12.25 -53.25 -19.09
N LYS A 337 13.39 -52.88 -18.55
CA LYS A 337 13.51 -52.49 -17.15
C LYS A 337 14.17 -51.12 -16.99
N SER A 338 13.76 -50.38 -15.98
CA SER A 338 14.41 -49.13 -15.60
C SER A 338 14.53 -49.04 -14.08
N SER A 339 15.68 -48.59 -13.60
CA SER A 339 15.95 -48.43 -12.15
C SER A 339 16.45 -47.03 -11.87
N ASN A 340 15.87 -46.35 -10.88
CA ASN A 340 16.26 -44.96 -10.61
C ASN A 340 16.34 -44.65 -9.13
N LEU A 341 17.28 -43.77 -8.81
CA LEU A 341 17.51 -43.29 -7.44
C LEU A 341 17.31 -41.81 -7.44
N LEU A 342 16.51 -41.35 -6.49
CA LEU A 342 16.20 -39.93 -6.34
C LEU A 342 16.39 -39.48 -4.91
N ASP A 343 16.72 -38.20 -4.79
CA ASP A 343 16.92 -37.52 -3.54
C ASP A 343 15.86 -36.43 -3.31
N LEU A 344 14.88 -36.74 -2.48
CA LEU A 344 13.80 -35.82 -2.25
C LEU A 344 14.24 -34.53 -1.53
N LYS A 345 15.46 -34.46 -1.01
CA LYS A 345 15.90 -33.20 -0.37
C LYS A 345 16.41 -32.18 -1.40
N ASN A 346 16.55 -32.56 -2.66
CA ASN A 346 16.98 -31.59 -3.68
C ASN A 346 15.95 -31.52 -4.80
N PRO A 347 14.70 -31.17 -4.48
CA PRO A 347 13.75 -31.14 -5.60
C PRO A 347 14.05 -30.02 -6.57
N PHE A 348 13.62 -30.21 -7.82
CA PHE A 348 13.76 -29.15 -8.81
C PHE A 348 12.39 -28.47 -8.91
N PHE A 349 12.31 -27.24 -8.46
CA PHE A 349 11.03 -26.50 -8.55
C PHE A 349 10.89 -25.88 -9.93
N ARG A 350 10.08 -26.51 -10.75
CA ARG A 350 9.97 -26.19 -12.16
C ARG A 350 8.81 -25.24 -12.47
N TYR A 351 7.79 -25.23 -11.62
CA TYR A 351 6.57 -24.46 -11.86
C TYR A 351 6.82 -22.99 -12.18
N THR A 352 6.12 -22.50 -13.20
CA THR A 352 6.24 -21.14 -13.70
C THR A 352 4.88 -20.44 -13.68
N SER B 10 39.28 -24.24 14.76
CA SER B 10 39.76 -23.38 13.68
C SER B 10 39.07 -22.03 13.72
N VAL B 11 39.61 -21.08 12.94
CA VAL B 11 39.01 -19.75 12.86
C VAL B 11 37.60 -19.80 12.23
N PHE B 12 37.40 -20.70 11.26
CA PHE B 12 36.11 -20.83 10.60
C PHE B 12 35.03 -21.35 11.55
N SER B 13 35.30 -22.48 12.21
CA SER B 13 34.31 -23.08 13.10
C SER B 13 34.01 -22.16 14.32
N GLU B 14 34.97 -21.33 14.73
CA GLU B 14 34.78 -20.43 15.86
C GLU B 14 33.84 -19.27 15.54
N ARG B 15 33.75 -18.92 14.25
CA ARG B 15 32.88 -17.82 13.80
C ARG B 15 31.61 -18.32 13.10
N THR B 16 31.48 -19.64 12.95
CA THR B 16 30.41 -20.24 12.16
C THR B 16 29.64 -21.31 12.90
N GLU B 17 28.31 -21.17 12.93
CA GLU B 17 27.43 -22.20 13.46
C GLU B 17 27.55 -23.42 12.58
N GLU B 18 27.73 -24.59 13.18
CA GLU B 18 27.89 -25.84 12.42
C GLU B 18 26.69 -26.03 11.49
N SER B 19 25.51 -25.69 11.98
CA SER B 19 24.27 -25.81 11.20
C SER B 19 24.35 -25.03 9.88
N SER B 20 24.87 -23.81 9.96
CA SER B 20 25.02 -22.94 8.81
C SER B 20 26.09 -23.48 7.86
N ALA B 21 27.22 -23.93 8.42
CA ALA B 21 28.34 -24.42 7.61
C ALA B 21 27.95 -25.65 6.77
N VAL B 22 27.21 -26.59 7.39
CA VAL B 22 26.85 -27.83 6.68
C VAL B 22 25.98 -27.51 5.46
N GLN B 23 24.91 -26.73 5.65
CA GLN B 23 24.01 -26.41 4.54
C GLN B 23 24.75 -25.61 3.46
N TYR B 24 25.66 -24.74 3.91
CA TYR B 24 26.41 -23.86 3.03
C TYR B 24 27.23 -24.69 2.06
N PHE B 25 28.01 -25.63 2.57
CA PHE B 25 28.90 -26.38 1.70
C PHE B 25 28.13 -27.46 0.96
N GLN B 26 26.99 -27.89 1.50
CA GLN B 26 26.12 -28.77 0.74
C GLN B 26 25.63 -28.06 -0.54
N PHE B 27 25.20 -26.80 -0.40
CA PHE B 27 24.72 -26.01 -1.55
C PHE B 27 25.75 -25.94 -2.70
N TYR B 28 27.02 -25.76 -2.36
CA TYR B 28 28.06 -25.62 -3.38
C TYR B 28 28.59 -26.96 -3.89
N GLY B 29 28.15 -28.05 -3.28
CA GLY B 29 28.48 -29.37 -3.79
C GLY B 29 27.67 -29.80 -4.99
N TYR B 30 26.64 -29.05 -5.39
CA TYR B 30 25.84 -29.38 -6.56
C TYR B 30 26.43 -28.82 -7.84
N LEU B 31 26.57 -29.68 -8.85
CA LEU B 31 27.05 -29.26 -10.15
C LEU B 31 26.13 -28.20 -10.78
N SER B 32 24.83 -28.30 -10.55
CA SER B 32 23.90 -27.30 -11.07
C SER B 32 24.23 -25.93 -10.54
N GLN B 33 24.71 -25.84 -9.31
CA GLN B 33 25.03 -24.53 -8.77
C GLN B 33 26.35 -24.00 -9.34
N GLN B 34 27.35 -24.85 -9.51
CA GLN B 34 28.61 -24.44 -10.14
C GLN B 34 28.32 -24.00 -11.57
N GLN B 35 27.43 -24.73 -12.24
CA GLN B 35 27.04 -24.38 -13.59
C GLN B 35 26.40 -22.98 -13.71
N ASN B 36 25.50 -22.66 -12.79
CA ASN B 36 24.87 -21.35 -12.77
C ASN B 36 25.93 -20.26 -12.66
N MET B 37 26.94 -20.49 -11.83
CA MET B 37 27.99 -19.47 -11.67
C MET B 37 28.86 -19.38 -12.91
N MET B 38 29.22 -20.54 -13.44
CA MET B 38 30.10 -20.60 -14.60
C MET B 38 29.44 -19.92 -15.80
N GLN B 39 28.11 -20.06 -15.90
CA GLN B 39 27.39 -19.48 -17.02
C GLN B 39 27.14 -17.99 -16.90
N ASP B 40 27.51 -17.37 -15.78
CA ASP B 40 27.52 -15.91 -15.72
C ASP B 40 28.73 -15.48 -16.52
N TYR B 41 28.53 -15.12 -17.79
CA TYR B 41 29.69 -14.85 -18.66
C TYR B 41 30.46 -13.60 -18.28
N VAL B 42 29.76 -12.60 -17.75
CA VAL B 42 30.43 -11.43 -17.28
C VAL B 42 31.40 -11.82 -16.17
N ARG B 43 30.96 -12.63 -15.21
CA ARG B 43 31.81 -13.06 -14.12
C ARG B 43 32.99 -13.89 -14.62
N THR B 44 32.69 -14.95 -15.34
CA THR B 44 33.72 -15.93 -15.70
C THR B 44 34.70 -15.35 -16.70
N GLY B 45 34.15 -14.65 -17.69
CA GLY B 45 34.98 -13.98 -18.68
C GLY B 45 35.84 -12.88 -18.11
N THR B 46 35.33 -12.13 -17.14
CA THR B 46 36.15 -11.08 -16.56
C THR B 46 37.26 -11.69 -15.70
N TYR B 47 36.97 -12.72 -14.91
CA TYR B 47 38.03 -13.38 -14.17
C TYR B 47 39.09 -13.89 -15.14
N GLN B 48 38.67 -14.50 -16.25
CA GLN B 48 39.67 -15.04 -17.18
C GLN B 48 40.53 -13.92 -17.75
N ARG B 49 39.90 -12.81 -18.13
CA ARG B 49 40.66 -11.66 -18.64
C ARG B 49 41.65 -11.09 -17.64
N ALA B 50 41.22 -10.93 -16.40
CA ALA B 50 42.10 -10.41 -15.33
C ALA B 50 43.36 -11.23 -15.18
N ILE B 51 43.19 -12.55 -15.24
CA ILE B 51 44.28 -13.47 -15.02
C ILE B 51 45.18 -13.57 -16.27
N LEU B 52 44.59 -13.78 -17.43
CA LEU B 52 45.37 -13.94 -18.66
C LEU B 52 46.04 -12.63 -19.10
N GLN B 53 45.36 -11.53 -18.92
CA GLN B 53 45.97 -10.27 -19.33
C GLN B 53 47.06 -9.85 -18.35
N ASN B 54 47.04 -10.40 -17.13
CA ASN B 54 48.15 -10.22 -16.20
C ASN B 54 48.98 -11.51 -16.02
N HIS B 55 49.28 -12.18 -17.14
CA HIS B 55 49.88 -13.52 -17.09
C HIS B 55 51.23 -13.51 -16.39
N THR B 56 51.96 -12.39 -16.48
CA THR B 56 53.27 -12.31 -15.82
C THR B 56 53.11 -12.34 -14.30
N ASP B 57 51.93 -12.06 -13.79
CA ASP B 57 51.69 -12.21 -12.37
C ASP B 57 51.45 -13.66 -11.96
N PHE B 58 51.39 -14.56 -12.94
CA PHE B 58 51.12 -15.97 -12.71
C PHE B 58 52.25 -16.87 -13.22
N LYS B 59 52.93 -16.46 -14.28
CA LYS B 59 53.94 -17.30 -14.91
C LYS B 59 55.00 -17.74 -13.90
N ASP B 60 55.13 -19.06 -13.79
CA ASP B 60 56.09 -19.72 -12.90
C ASP B 60 55.89 -19.35 -11.45
N LYS B 61 54.69 -18.90 -11.09
CA LYS B 61 54.40 -18.53 -9.72
C LYS B 61 53.63 -19.64 -9.01
N ILE B 62 53.58 -19.52 -7.69
CA ILE B 62 52.79 -20.39 -6.82
C ILE B 62 51.50 -19.63 -6.47
N VAL B 63 50.37 -20.31 -6.65
CA VAL B 63 49.03 -19.72 -6.55
C VAL B 63 48.19 -20.49 -5.54
N LEU B 64 47.35 -19.78 -4.80
CA LEU B 64 46.31 -20.39 -4.00
C LEU B 64 44.93 -19.93 -4.50
N ASP B 65 44.07 -20.88 -4.82
CA ASP B 65 42.70 -20.59 -5.20
C ASP B 65 41.80 -20.90 -3.99
N VAL B 66 41.28 -19.85 -3.32
CA VAL B 66 40.44 -20.05 -2.15
C VAL B 66 39.01 -20.34 -2.54
N GLY B 67 38.59 -21.58 -2.34
CA GLY B 67 37.25 -21.99 -2.67
C GLY B 67 37.12 -22.25 -4.15
N CYS B 68 37.82 -23.27 -4.64
CA CYS B 68 38.03 -23.41 -6.07
C CYS B 68 36.78 -23.89 -6.82
N GLY B 69 35.82 -24.47 -6.11
CA GLY B 69 34.63 -24.98 -6.77
C GLY B 69 34.99 -26.04 -7.79
N SER B 70 34.54 -25.84 -9.03
CA SER B 70 34.85 -26.71 -10.17
C SER B 70 36.32 -26.67 -10.52
N GLY B 71 37.02 -25.64 -10.04
CA GLY B 71 38.41 -25.45 -10.38
C GLY B 71 38.64 -24.39 -11.44
N ILE B 72 37.57 -23.77 -11.94
CA ILE B 72 37.68 -22.91 -13.12
C ILE B 72 38.78 -21.81 -13.00
N LEU B 73 38.89 -21.11 -11.87
CA LEU B 73 39.94 -20.09 -11.74
C LEU B 73 41.34 -20.68 -11.71
N SER B 74 41.48 -21.88 -11.15
CA SER B 74 42.76 -22.51 -11.14
C SER B 74 43.19 -22.89 -12.56
N PHE B 75 42.23 -23.29 -13.41
CA PHE B 75 42.54 -23.57 -14.82
C PHE B 75 43.01 -22.31 -15.51
N PHE B 76 42.42 -21.19 -15.17
CA PHE B 76 42.85 -19.91 -15.71
C PHE B 76 44.29 -19.59 -15.25
N ALA B 77 44.59 -19.78 -13.96
CA ALA B 77 45.96 -19.59 -13.49
C ALA B 77 46.95 -20.51 -14.23
N ALA B 78 46.51 -21.72 -14.54
CA ALA B 78 47.37 -22.66 -15.27
C ALA B 78 47.55 -22.21 -16.71
N GLN B 79 46.49 -21.67 -17.33
CA GLN B 79 46.62 -21.12 -18.68
C GLN B 79 47.65 -19.99 -18.70
N ALA B 80 47.70 -19.22 -17.61
CA ALA B 80 48.62 -18.10 -17.49
C ALA B 80 50.03 -18.53 -17.08
N GLY B 81 50.26 -19.84 -16.93
CA GLY B 81 51.61 -20.36 -16.73
C GLY B 81 52.02 -20.60 -15.28
N ALA B 82 51.07 -20.66 -14.34
CA ALA B 82 51.44 -20.87 -12.93
C ALA B 82 52.19 -22.18 -12.81
N ARG B 83 53.19 -22.21 -11.93
CA ARG B 83 54.02 -23.39 -11.75
C ARG B 83 53.24 -24.39 -10.90
N LYS B 84 52.59 -23.89 -9.85
CA LYS B 84 51.83 -24.73 -8.96
C LYS B 84 50.65 -23.95 -8.40
N ILE B 85 49.50 -24.59 -8.41
CA ILE B 85 48.27 -24.00 -7.94
C ILE B 85 47.64 -24.91 -6.92
N TYR B 86 47.47 -24.40 -5.70
CA TYR B 86 46.76 -25.12 -4.65
C TYR B 86 45.30 -24.67 -4.68
N ALA B 87 44.42 -25.63 -4.92
CA ALA B 87 43.00 -25.36 -5.13
C ALA B 87 42.24 -25.90 -3.96
N VAL B 88 41.84 -25.03 -3.05
CA VAL B 88 41.23 -25.46 -1.80
C VAL B 88 39.71 -25.36 -1.90
N GLU B 89 39.01 -26.43 -1.51
CA GLU B 89 37.56 -26.47 -1.60
C GLU B 89 36.97 -27.33 -0.49
N ALA B 90 36.03 -26.75 0.27
CA ALA B 90 35.44 -27.36 1.45
C ALA B 90 34.26 -28.25 1.11
N SER B 91 33.54 -27.97 0.03
CA SER B 91 32.44 -28.85 -0.36
C SER B 91 32.92 -30.10 -1.12
N THR B 92 32.00 -31.01 -1.38
CA THR B 92 32.32 -32.21 -2.13
C THR B 92 32.61 -31.91 -3.59
N MET B 93 32.42 -30.67 -4.01
CA MET B 93 32.83 -30.28 -5.36
C MET B 93 34.33 -30.52 -5.55
N ALA B 94 35.11 -30.55 -4.46
CA ALA B 94 36.55 -30.79 -4.56
C ALA B 94 36.82 -32.05 -5.38
N GLN B 95 35.99 -33.08 -5.20
CA GLN B 95 36.18 -34.33 -5.91
C GLN B 95 35.92 -34.20 -7.43
N HIS B 96 34.98 -33.35 -7.81
CA HIS B 96 34.71 -33.07 -9.23
C HIS B 96 35.85 -32.23 -9.80
N ALA B 97 36.39 -31.30 -9.02
CA ALA B 97 37.56 -30.55 -9.50
C ALA B 97 38.72 -31.50 -9.79
N GLU B 98 38.93 -32.50 -8.92
CA GLU B 98 40.01 -33.45 -9.10
C GLU B 98 39.86 -34.18 -10.43
N VAL B 99 38.62 -34.55 -10.73
CA VAL B 99 38.33 -35.21 -12.01
C VAL B 99 38.71 -34.35 -13.20
N LEU B 100 38.39 -33.05 -13.16
CA LEU B 100 38.73 -32.17 -14.27
C LEU B 100 40.22 -31.92 -14.36
N VAL B 101 40.93 -31.86 -13.23
CA VAL B 101 42.37 -31.67 -13.28
C VAL B 101 43.01 -32.84 -14.06
N LYS B 102 42.59 -34.07 -13.77
CA LYS B 102 43.08 -35.23 -14.47
C LYS B 102 42.67 -35.24 -15.93
N SER B 103 41.41 -34.95 -16.27
CA SER B 103 40.98 -35.06 -17.64
C SER B 103 41.55 -33.92 -18.48
N ASN B 104 41.95 -32.82 -17.83
CA ASN B 104 42.63 -31.77 -18.55
C ASN B 104 44.17 -31.89 -18.52
N ASN B 105 44.67 -33.04 -18.06
CA ASN B 105 46.11 -33.28 -18.06
C ASN B 105 46.92 -32.23 -17.30
N LEU B 106 46.43 -31.79 -16.13
CA LEU B 106 47.09 -30.74 -15.36
C LEU B 106 47.46 -31.19 -13.95
N THR B 107 47.67 -32.51 -13.80
CA THR B 107 47.98 -33.11 -12.48
C THR B 107 49.31 -32.62 -11.89
N ASP B 108 50.21 -32.16 -12.75
CA ASP B 108 51.51 -31.67 -12.30
C ASP B 108 51.48 -30.20 -11.89
N ARG B 109 50.33 -29.54 -12.02
CA ARG B 109 50.27 -28.10 -11.77
C ARG B 109 49.13 -27.68 -10.86
N ILE B 110 47.99 -28.37 -10.90
CA ILE B 110 46.86 -28.01 -10.03
C ILE B 110 46.70 -29.09 -8.99
N VAL B 111 46.83 -28.71 -7.72
CA VAL B 111 46.70 -29.64 -6.61
C VAL B 111 45.47 -29.27 -5.82
N VAL B 112 44.45 -30.12 -5.90
CA VAL B 112 43.25 -29.91 -5.11
C VAL B 112 43.51 -30.34 -3.67
N ILE B 113 43.19 -29.44 -2.75
CA ILE B 113 43.29 -29.71 -1.32
C ILE B 113 41.91 -29.57 -0.69
N PRO B 114 41.24 -30.70 -0.42
CA PRO B 114 39.90 -30.66 0.17
C PRO B 114 39.91 -30.15 1.59
N GLY B 115 38.93 -29.33 1.93
CA GLY B 115 38.78 -28.84 3.30
C GLY B 115 38.62 -27.33 3.32
N LYS B 116 38.47 -26.75 4.51
CA LYS B 116 38.35 -25.29 4.64
C LYS B 116 39.73 -24.66 4.64
N VAL B 117 39.88 -23.51 3.96
CA VAL B 117 41.18 -22.86 3.86
C VAL B 117 41.70 -22.49 5.24
N GLU B 118 40.81 -22.37 6.22
CA GLU B 118 41.19 -22.11 7.62
C GLU B 118 41.80 -23.32 8.34
N GLU B 119 41.61 -24.51 7.76
CA GLU B 119 41.93 -25.77 8.42
C GLU B 119 42.96 -26.65 7.71
N VAL B 120 43.13 -26.48 6.41
CA VAL B 120 44.06 -27.32 5.64
C VAL B 120 45.51 -26.90 5.90
N SER B 121 46.45 -27.74 5.45
CA SER B 121 47.87 -27.39 5.42
C SER B 121 48.35 -27.20 4.00
N LEU B 122 49.09 -26.13 3.73
CA LEU B 122 49.69 -25.96 2.40
C LEU B 122 51.18 -26.22 2.53
N PRO B 123 51.83 -26.76 1.49
CA PRO B 123 53.25 -27.14 1.64
C PRO B 123 54.21 -25.95 1.61
N GLU B 124 53.71 -24.83 1.11
CA GLU B 124 54.54 -23.65 0.91
C GLU B 124 53.70 -22.40 0.86
N GLN B 125 54.37 -21.26 0.95
CA GLN B 125 53.75 -19.96 0.81
C GLN B 125 53.56 -19.66 -0.67
N VAL B 126 52.61 -18.79 -0.99
CA VAL B 126 52.23 -18.52 -2.36
C VAL B 126 52.52 -17.06 -2.78
N ASP B 127 52.65 -16.87 -4.09
CA ASP B 127 52.91 -15.56 -4.66
C ASP B 127 51.63 -14.77 -4.80
N ILE B 128 50.54 -15.47 -5.00
CA ILE B 128 49.26 -14.82 -5.28
C ILE B 128 48.09 -15.70 -4.89
N ILE B 129 47.08 -15.06 -4.32
CA ILE B 129 45.81 -15.70 -4.00
C ILE B 129 44.75 -15.19 -4.96
N ILE B 130 43.98 -16.14 -5.51
CA ILE B 130 42.83 -15.86 -6.34
C ILE B 130 41.60 -16.43 -5.66
N SER B 131 40.48 -15.76 -5.81
CA SER B 131 39.25 -16.21 -5.22
C SER B 131 38.08 -15.46 -5.84
N GLU B 132 36.92 -16.08 -5.72
CA GLU B 132 35.66 -15.38 -5.95
C GLU B 132 34.85 -15.49 -4.68
N PRO B 133 35.08 -14.59 -3.72
CA PRO B 133 34.42 -14.66 -2.42
C PRO B 133 33.26 -13.69 -2.27
N MET B 134 32.82 -13.03 -3.35
CA MET B 134 31.78 -11.99 -3.22
C MET B 134 30.36 -12.59 -3.13
N GLY B 135 29.57 -12.15 -2.15
CA GLY B 135 28.16 -12.48 -2.10
C GLY B 135 27.32 -11.27 -2.45
N TYR B 136 26.00 -11.43 -2.31
CA TYR B 136 25.09 -10.27 -2.42
C TYR B 136 25.61 -9.12 -1.58
N MET B 137 25.52 -7.88 -2.09
CA MET B 137 25.99 -6.71 -1.37
C MET B 137 27.45 -6.83 -0.98
N LEU B 138 28.22 -7.57 -1.77
CA LEU B 138 29.64 -7.91 -1.54
C LEU B 138 29.85 -8.87 -0.34
N PHE B 139 29.31 -8.53 0.82
CA PHE B 139 29.71 -9.22 2.05
C PHE B 139 28.93 -10.48 2.42
N ASN B 140 27.76 -10.70 1.82
CA ASN B 140 26.95 -11.84 2.20
C ASN B 140 27.73 -13.12 2.02
N GLU B 141 27.48 -14.06 2.93
CA GLU B 141 28.15 -15.37 3.05
C GLU B 141 29.46 -15.35 3.83
N ARG B 142 30.02 -14.16 4.06
CA ARG B 142 31.22 -13.98 4.91
C ARG B 142 32.44 -14.71 4.35
N MET B 143 32.44 -14.99 3.05
CA MET B 143 33.57 -15.68 2.45
C MET B 143 34.81 -14.74 2.31
N LEU B 144 34.61 -13.42 2.33
CA LEU B 144 35.76 -12.53 2.31
C LEU B 144 36.67 -12.76 3.52
N GLU B 145 36.11 -13.15 4.65
CA GLU B 145 36.93 -13.44 5.82
C GLU B 145 37.88 -14.64 5.57
N SER B 146 37.40 -15.64 4.85
CA SER B 146 38.23 -16.79 4.47
C SER B 146 39.34 -16.37 3.50
N TYR B 147 38.97 -15.49 2.59
CA TYR B 147 39.92 -14.93 1.63
C TYR B 147 41.05 -14.18 2.34
N LEU B 148 40.69 -13.36 3.34
CA LEU B 148 41.68 -12.61 4.11
C LEU B 148 42.49 -13.53 5.02
N HIS B 149 41.83 -14.54 5.60
CA HIS B 149 42.48 -15.50 6.47
C HIS B 149 43.61 -16.19 5.72
N ALA B 150 43.37 -16.45 4.43
CA ALA B 150 44.30 -17.19 3.57
C ALA B 150 45.61 -16.44 3.37
N LYS B 151 45.63 -15.17 3.72
CA LYS B 151 46.85 -14.37 3.59
C LYS B 151 47.97 -14.84 4.50
N LYS B 152 47.68 -15.72 5.45
CA LYS B 152 48.74 -16.30 6.24
C LYS B 152 49.70 -17.11 5.35
N TYR B 153 49.25 -17.48 4.13
CA TYR B 153 50.06 -18.25 3.18
C TYR B 153 50.71 -17.35 2.11
N LEU B 154 50.44 -16.07 2.15
CA LEU B 154 50.93 -15.16 1.13
C LEU B 154 52.30 -14.60 1.47
N LYS B 155 53.22 -14.71 0.52
CA LYS B 155 54.51 -14.12 0.69
C LYS B 155 54.39 -12.64 0.92
N PRO B 156 55.33 -12.06 1.69
CA PRO B 156 55.34 -10.59 1.70
C PRO B 156 55.48 -10.10 0.26
N SER B 157 54.81 -9.01 -0.06
CA SER B 157 54.80 -8.49 -1.41
C SER B 157 54.05 -9.43 -2.40
N GLY B 158 53.34 -10.45 -1.89
CA GLY B 158 52.42 -11.23 -2.71
C GLY B 158 51.21 -10.37 -3.10
N ASN B 159 50.39 -10.87 -4.01
CA ASN B 159 49.22 -10.15 -4.49
C ASN B 159 47.91 -10.91 -4.23
N MET B 160 46.81 -10.20 -4.38
N MET B 160 46.80 -10.19 -4.31
CA MET B 160 45.49 -10.78 -4.23
CA MET B 160 45.46 -10.72 -4.15
C MET B 160 44.61 -10.38 -5.40
C MET B 160 44.63 -10.38 -5.40
N PHE B 161 43.95 -11.38 -5.97
CA PHE B 161 43.07 -11.22 -7.12
C PHE B 161 41.67 -11.76 -6.79
N PRO B 162 40.69 -10.87 -6.50
CA PRO B 162 40.72 -9.41 -6.58
C PRO B 162 41.52 -8.73 -5.47
N THR B 163 41.96 -7.52 -5.77
CA THR B 163 42.82 -6.76 -4.89
C THR B 163 42.02 -5.80 -3.98
N ILE B 164 41.01 -5.18 -4.55
CA ILE B 164 40.11 -4.29 -3.79
C ILE B 164 38.66 -4.54 -4.17
N GLY B 165 37.77 -4.16 -3.26
CA GLY B 165 36.34 -4.26 -3.47
C GLY B 165 35.73 -2.91 -3.10
N ASP B 166 34.88 -2.40 -3.96
CA ASP B 166 34.18 -1.14 -3.72
C ASP B 166 32.70 -1.41 -3.56
N VAL B 167 32.12 -1.04 -2.45
CA VAL B 167 30.66 -1.05 -2.30
C VAL B 167 30.11 0.29 -2.67
N HIS B 168 29.07 0.32 -3.51
CA HIS B 168 28.40 1.56 -3.86
C HIS B 168 27.03 1.56 -3.23
N LEU B 169 26.63 2.71 -2.71
CA LEU B 169 25.30 2.93 -2.16
C LEU B 169 24.69 4.16 -2.76
N ALA B 170 23.37 4.14 -3.01
CA ALA B 170 22.68 5.34 -3.50
C ALA B 170 21.22 5.28 -3.14
N PRO B 171 20.62 6.44 -2.80
CA PRO B 171 19.19 6.45 -2.47
C PRO B 171 18.33 6.26 -3.71
N PHE B 172 17.20 5.58 -3.57
CA PHE B 172 16.30 5.39 -4.69
C PHE B 172 14.87 5.73 -4.32
N THR B 173 14.09 5.97 -5.35
CA THR B 173 12.64 6.11 -5.24
C THR B 173 11.98 4.99 -6.06
N ASP B 174 11.08 4.24 -5.44
CA ASP B 174 10.37 3.17 -6.13
C ASP B 174 9.09 2.86 -5.38
N GLU B 175 8.07 3.64 -5.67
CA GLU B 175 6.77 3.54 -5.03
C GLU B 175 6.16 2.16 -5.22
N GLN B 176 6.34 1.61 -6.41
CA GLN B 176 5.74 0.32 -6.71
C GLN B 176 6.35 -0.79 -5.85
N LEU B 177 7.67 -0.78 -5.67
CA LEU B 177 8.34 -1.77 -4.85
C LEU B 177 7.86 -1.64 -3.42
N TYR B 178 7.79 -0.39 -2.95
CA TYR B 178 7.32 -0.13 -1.60
C TYR B 178 5.92 -0.70 -1.38
N MET B 179 5.03 -0.44 -2.33
CA MET B 179 3.64 -0.88 -2.22
C MET B 179 3.50 -2.40 -2.34
N GLU B 180 4.37 -3.04 -3.13
CA GLU B 180 4.39 -4.49 -3.26
C GLU B 180 4.66 -5.19 -1.91
N GLN B 181 5.66 -4.71 -1.20
CA GLN B 181 5.98 -5.25 0.12
C GLN B 181 4.96 -4.89 1.18
N PHE B 182 4.40 -3.71 1.10
CA PHE B 182 3.43 -3.30 2.09
C PHE B 182 2.13 -4.10 1.88
N THR B 183 1.81 -4.43 0.61
CA THR B 183 0.64 -5.24 0.28
C THR B 183 0.71 -6.65 0.91
N LYS B 184 1.88 -7.27 0.84
CA LYS B 184 2.10 -8.59 1.45
C LYS B 184 1.96 -8.52 2.95
N ALA B 185 2.52 -7.48 3.57
CA ALA B 185 2.44 -7.30 5.03
C ALA B 185 1.01 -7.06 5.47
N ASN B 186 0.22 -6.45 4.60
CA ASN B 186 -1.12 -6.05 5.00
C ASN B 186 -2.06 -7.24 5.23
N PHE B 187 -1.62 -8.42 4.85
CA PHE B 187 -2.30 -9.67 5.21
C PHE B 187 -2.51 -9.77 6.72
N TRP B 188 -1.51 -9.33 7.48
CA TRP B 188 -1.52 -9.46 8.93
C TRP B 188 -2.32 -8.36 9.63
N TYR B 189 -2.94 -7.51 8.83
CA TYR B 189 -3.85 -6.48 9.29
C TYR B 189 -5.27 -7.02 9.43
N GLN B 190 -5.55 -8.17 8.80
CA GLN B 190 -6.90 -8.72 8.80
C GLN B 190 -7.49 -8.97 10.20
N PRO B 191 -8.70 -8.48 10.45
CA PRO B 191 -9.26 -8.71 11.77
C PRO B 191 -10.06 -10.02 11.83
N SER B 192 -10.25 -10.66 10.66
CA SER B 192 -11.09 -11.85 10.59
C SER B 192 -10.70 -12.76 9.43
N PHE B 193 -9.46 -13.23 9.44
CA PHE B 193 -8.99 -14.23 8.50
C PHE B 193 -9.54 -15.58 8.93
N HIS B 194 -10.53 -16.08 8.18
CA HIS B 194 -11.28 -17.27 8.54
C HIS B 194 -11.80 -17.14 9.97
N GLY B 195 -12.19 -15.93 10.36
CA GLY B 195 -12.71 -15.69 11.69
C GLY B 195 -11.66 -15.36 12.75
N VAL B 196 -10.39 -15.29 12.36
CA VAL B 196 -9.29 -15.04 13.30
C VAL B 196 -8.72 -13.67 13.13
N ASP B 197 -8.59 -12.94 14.23
CA ASP B 197 -8.00 -11.60 14.22
C ASP B 197 -6.47 -11.70 14.21
N LEU B 198 -5.88 -11.30 13.10
CA LEU B 198 -4.43 -11.38 12.93
C LEU B 198 -3.72 -10.06 13.28
N SER B 199 -4.51 -8.99 13.45
CA SER B 199 -4.00 -7.63 13.43
C SER B 199 -2.95 -7.30 14.50
N ALA B 200 -2.91 -8.03 15.60
CA ALA B 200 -1.91 -7.80 16.65
C ALA B 200 -0.48 -8.11 16.14
N LEU B 201 -0.39 -8.86 15.05
CA LEU B 201 0.90 -9.17 14.42
C LEU B 201 1.26 -8.23 13.29
N ARG B 202 0.44 -7.19 13.09
CA ARG B 202 0.66 -6.28 11.99
C ARG B 202 2.07 -5.68 12.01
N GLY B 203 2.47 -5.19 13.17
CA GLY B 203 3.78 -4.60 13.35
C GLY B 203 4.90 -5.57 13.08
N ALA B 204 4.78 -6.79 13.60
CA ALA B 204 5.79 -7.81 13.40
C ALA B 204 5.90 -8.17 11.91
N ALA B 205 4.76 -8.20 11.22
CA ALA B 205 4.80 -8.55 9.79
C ALA B 205 5.47 -7.45 8.94
N VAL B 206 5.10 -6.19 9.17
CA VAL B 206 5.70 -5.06 8.47
C VAL B 206 7.20 -5.08 8.71
N ASP B 207 7.61 -5.27 9.96
CA ASP B 207 9.03 -5.33 10.29
C ASP B 207 9.75 -6.39 9.51
N GLU B 208 9.15 -7.58 9.47
CA GLU B 208 9.77 -8.70 8.79
C GLU B 208 9.93 -8.48 7.29
N TYR B 209 8.86 -8.06 6.63
CA TYR B 209 8.94 -7.87 5.19
C TYR B 209 9.94 -6.77 4.86
N PHE B 210 9.97 -5.69 5.63
CA PHE B 210 10.85 -4.55 5.35
C PHE B 210 12.29 -4.83 5.78
N ARG B 211 12.52 -5.94 6.48
CA ARG B 211 13.87 -6.43 6.76
C ARG B 211 14.48 -7.23 5.59
N GLN B 212 13.69 -7.54 4.57
CA GLN B 212 14.18 -8.35 3.46
C GLN B 212 14.86 -7.47 2.43
N PRO B 213 16.15 -7.72 2.21
CA PRO B 213 16.82 -7.04 1.11
C PRO B 213 16.19 -7.47 -0.20
N VAL B 214 16.00 -6.55 -1.11
CA VAL B 214 15.38 -6.86 -2.38
C VAL B 214 16.49 -7.06 -3.42
N VAL B 215 16.56 -8.28 -3.94
CA VAL B 215 17.57 -8.67 -4.94
C VAL B 215 16.91 -8.70 -6.32
N ASP B 216 17.24 -7.72 -7.15
CA ASP B 216 16.83 -7.66 -8.54
C ASP B 216 17.54 -6.47 -9.15
N THR B 217 17.24 -6.16 -10.41
CA THR B 217 17.85 -5.00 -11.04
C THR B 217 16.78 -3.95 -11.20
N PHE B 218 17.18 -2.77 -11.65
CA PHE B 218 16.30 -1.65 -11.79
C PHE B 218 16.86 -0.67 -12.81
N ASP B 219 16.00 0.24 -13.25
CA ASP B 219 16.40 1.35 -14.11
C ASP B 219 17.19 2.38 -13.31
N ILE B 220 18.31 2.84 -13.82
CA ILE B 220 19.16 3.77 -13.07
C ILE B 220 18.47 5.11 -12.82
N ARG B 221 17.36 5.36 -13.51
CA ARG B 221 16.64 6.61 -13.32
C ARG B 221 15.94 6.66 -11.97
N ILE B 222 15.86 5.55 -11.24
CA ILE B 222 15.30 5.59 -9.89
C ILE B 222 16.28 6.14 -8.85
N LEU B 223 17.53 6.28 -9.21
CA LEU B 223 18.53 6.73 -8.26
C LEU B 223 18.46 8.22 -8.14
N MET B 224 18.48 8.71 -6.90
N MET B 224 18.46 8.71 -6.90
CA MET B 224 18.21 10.11 -6.60
CA MET B 224 18.19 10.12 -6.62
C MET B 224 19.45 10.92 -6.26
C MET B 224 19.43 10.90 -6.18
N ALA B 225 20.59 10.25 -6.22
CA ALA B 225 21.85 10.94 -5.92
C ALA B 225 22.99 10.11 -6.44
N LYS B 226 24.13 10.74 -6.69
CA LYS B 226 25.33 10.01 -7.05
C LYS B 226 25.74 9.06 -5.91
N SER B 227 26.25 7.89 -6.24
CA SER B 227 26.59 6.89 -5.23
C SER B 227 27.77 7.32 -4.36
N VAL B 228 27.79 6.79 -3.14
CA VAL B 228 28.92 6.86 -2.22
C VAL B 228 29.64 5.54 -2.25
N LYS B 229 30.97 5.58 -2.18
CA LYS B 229 31.78 4.38 -2.34
C LYS B 229 32.46 4.04 -1.02
N TYR B 230 32.43 2.77 -0.65
CA TYR B 230 33.19 2.27 0.50
C TYR B 230 34.16 1.22 0.02
N THR B 231 35.45 1.42 0.25
CA THR B 231 36.46 0.54 -0.32
C THR B 231 37.09 -0.35 0.71
N VAL B 232 37.17 -1.63 0.38
CA VAL B 232 37.93 -2.59 1.13
C VAL B 232 39.16 -3.01 0.35
N ASN B 233 40.33 -2.79 0.91
CA ASN B 233 41.57 -3.22 0.28
C ASN B 233 41.98 -4.60 0.83
N PHE B 234 41.84 -5.63 0.00
CA PHE B 234 42.08 -7.01 0.44
C PHE B 234 43.57 -7.28 0.75
N LEU B 235 44.46 -6.47 0.21
CA LEU B 235 45.89 -6.59 0.56
C LEU B 235 46.19 -6.16 1.98
N GLU B 236 45.41 -5.19 2.47
CA GLU B 236 45.64 -4.60 3.79
C GLU B 236 44.67 -5.07 4.85
N ALA B 237 43.44 -5.41 4.49
CA ALA B 237 42.44 -5.67 5.51
C ALA B 237 42.74 -6.98 6.25
N LYS B 238 42.31 -7.01 7.51
CA LYS B 238 42.41 -8.18 8.36
C LYS B 238 41.04 -8.80 8.48
N GLU B 239 41.05 -10.09 8.71
CA GLU B 239 39.84 -10.87 8.83
C GLU B 239 38.85 -10.28 9.84
N GLY B 240 39.37 -9.90 10.99
CA GLY B 240 38.56 -9.33 12.05
C GLY B 240 37.91 -8.01 11.69
N ASP B 241 38.47 -7.30 10.73
CA ASP B 241 37.88 -6.05 10.29
C ASP B 241 36.46 -6.22 9.77
N LEU B 242 36.15 -7.41 9.25
CA LEU B 242 34.86 -7.60 8.60
C LEU B 242 33.78 -8.06 9.58
N HIS B 243 34.14 -8.13 10.87
CA HIS B 243 33.17 -8.44 11.92
C HIS B 243 32.32 -7.22 12.18
N ARG B 244 32.86 -6.03 11.95
CA ARG B 244 32.09 -4.81 12.09
C ARG B 244 32.46 -3.87 10.96
N ILE B 245 31.51 -3.66 10.04
CA ILE B 245 31.72 -2.81 8.88
C ILE B 245 30.80 -1.61 8.98
N GLU B 246 31.41 -0.45 9.17
CA GLU B 246 30.70 0.80 9.27
C GLU B 246 30.91 1.66 8.01
N ILE B 247 29.82 1.89 7.29
CA ILE B 247 29.81 2.65 6.04
C ILE B 247 29.08 3.98 6.18
N PRO B 248 29.83 5.08 6.36
CA PRO B 248 29.21 6.39 6.44
C PRO B 248 28.85 6.88 5.06
N PHE B 249 27.82 7.72 4.98
CA PHE B 249 27.41 8.29 3.71
C PHE B 249 26.80 9.67 3.88
N LYS B 250 27.02 10.49 2.87
CA LYS B 250 26.36 11.79 2.76
C LYS B 250 26.05 12.00 1.29
N PHE B 251 24.76 11.93 0.96
CA PHE B 251 24.29 12.08 -0.41
C PHE B 251 23.85 13.52 -0.65
N HIS B 252 24.20 14.08 -1.80
CA HIS B 252 23.65 15.35 -2.27
C HIS B 252 22.54 15.07 -3.25
N MET B 253 21.31 15.26 -2.80
CA MET B 253 20.13 14.87 -3.56
C MET B 253 20.04 15.64 -4.87
N LEU B 254 19.92 14.90 -5.97
CA LEU B 254 19.85 15.51 -7.30
C LEU B 254 18.43 15.71 -7.75
N HIS B 255 17.50 15.04 -7.07
CA HIS B 255 16.08 15.14 -7.39
C HIS B 255 15.26 15.24 -6.13
N SER B 256 14.10 15.87 -6.23
CA SER B 256 13.15 15.95 -5.12
C SER B 256 12.20 14.76 -5.14
N GLY B 257 11.86 14.24 -3.97
CA GLY B 257 10.89 13.17 -3.91
C GLY B 257 11.00 12.30 -2.68
N LEU B 258 10.28 11.19 -2.71
CA LEU B 258 10.34 10.20 -1.66
C LEU B 258 11.52 9.26 -1.85
N VAL B 259 12.33 9.15 -0.81
CA VAL B 259 13.41 8.17 -0.78
C VAL B 259 12.85 6.91 -0.12
N HIS B 260 12.73 5.84 -0.89
CA HIS B 260 12.15 4.61 -0.36
C HIS B 260 13.21 3.68 0.22
N GLY B 261 14.49 3.99 -0.04
CA GLY B 261 15.56 3.20 0.53
C GLY B 261 16.91 3.44 -0.11
N LEU B 262 17.86 2.55 0.14
CA LEU B 262 19.19 2.61 -0.43
C LEU B 262 19.40 1.41 -1.34
N ALA B 263 20.00 1.67 -2.50
CA ALA B 263 20.43 0.61 -3.42
C ALA B 263 21.91 0.35 -3.23
N PHE B 264 22.30 -0.91 -3.36
CA PHE B 264 23.68 -1.35 -3.19
C PHE B 264 24.19 -2.16 -4.38
N TRP B 265 25.43 -1.94 -4.78
CA TRP B 265 26.11 -2.83 -5.70
C TRP B 265 27.58 -2.77 -5.40
N PHE B 266 28.41 -3.52 -6.14
CA PHE B 266 29.84 -3.54 -5.84
C PHE B 266 30.66 -3.80 -7.09
N ASP B 267 31.89 -3.30 -7.06
CA ASP B 267 32.91 -3.58 -8.08
C ASP B 267 34.08 -4.24 -7.39
N VAL B 268 34.82 -5.08 -8.08
CA VAL B 268 36.13 -5.48 -7.58
C VAL B 268 37.14 -5.21 -8.67
N ALA B 269 38.38 -4.89 -8.25
CA ALA B 269 39.49 -4.64 -9.18
C ALA B 269 40.62 -5.61 -8.98
N PHE B 270 41.12 -6.13 -10.10
CA PHE B 270 42.25 -7.03 -10.11
C PHE B 270 43.43 -6.17 -10.54
N ILE B 271 44.25 -5.75 -9.57
CA ILE B 271 45.33 -4.79 -9.81
C ILE B 271 46.61 -5.54 -10.07
N GLY B 272 46.84 -5.84 -11.36
CA GLY B 272 47.95 -6.66 -11.78
C GLY B 272 49.11 -5.79 -12.22
N SER B 273 50.21 -6.43 -12.56
CA SER B 273 51.41 -5.75 -13.01
C SER B 273 51.26 -5.15 -14.38
N ILE B 274 50.41 -5.75 -15.20
CA ILE B 274 50.24 -5.29 -16.56
C ILE B 274 49.09 -4.32 -16.64
N MET B 275 47.96 -4.66 -16.03
CA MET B 275 46.80 -3.78 -16.03
C MET B 275 45.81 -4.14 -14.93
N THR B 276 44.96 -3.17 -14.63
CA THR B 276 43.88 -3.32 -13.69
C THR B 276 42.62 -3.67 -14.48
N VAL B 277 42.00 -4.77 -14.09
CA VAL B 277 40.78 -5.23 -14.69
C VAL B 277 39.70 -5.11 -13.66
N TRP B 278 38.55 -4.56 -14.06
CA TRP B 278 37.41 -4.38 -13.17
C TRP B 278 36.27 -5.33 -13.49
N LEU B 279 35.68 -5.88 -12.44
CA LEU B 279 34.42 -6.60 -12.50
C LEU B 279 33.40 -5.78 -11.74
N SER B 280 32.38 -5.31 -12.46
CA SER B 280 31.35 -4.44 -11.91
C SER B 280 29.97 -5.10 -11.92
N THR B 281 29.21 -4.92 -10.82
CA THR B 281 27.83 -5.35 -10.75
C THR B 281 26.90 -4.15 -10.71
N ALA B 282 27.40 -3.02 -11.20
CA ALA B 282 26.59 -1.81 -11.21
C ALA B 282 25.35 -1.89 -12.14
N PRO B 283 24.28 -1.15 -11.79
CA PRO B 283 23.06 -1.15 -12.60
C PRO B 283 23.26 -0.46 -13.97
N THR B 284 24.40 0.19 -14.14
CA THR B 284 24.80 0.74 -15.44
C THR B 284 25.56 -0.29 -16.30
N GLU B 285 25.82 -1.45 -15.73
CA GLU B 285 26.61 -2.47 -16.42
C GLU B 285 25.76 -3.68 -16.74
N PRO B 286 26.24 -4.54 -17.65
CA PRO B 286 25.49 -5.76 -17.94
C PRO B 286 25.16 -6.56 -16.67
N LEU B 287 24.00 -7.20 -16.66
CA LEU B 287 23.54 -7.90 -15.47
C LEU B 287 24.45 -9.10 -15.13
N THR B 288 24.68 -9.31 -13.83
CA THR B 288 25.36 -10.49 -13.32
C THR B 288 24.43 -11.26 -12.39
N HIS B 289 24.86 -12.43 -11.94
CA HIS B 289 24.04 -13.21 -11.03
C HIS B 289 23.96 -12.56 -9.65
N TRP B 290 24.72 -11.49 -9.42
CA TRP B 290 24.61 -10.76 -8.17
C TRP B 290 23.49 -9.74 -8.22
N TYR B 291 22.98 -9.44 -9.42
CA TYR B 291 21.98 -8.39 -9.60
C TYR B 291 22.44 -7.14 -8.85
N GLN B 292 21.51 -6.50 -8.17
CA GLN B 292 21.78 -5.40 -7.23
C GLN B 292 20.89 -5.67 -6.03
N VAL B 293 21.12 -4.92 -4.94
CA VAL B 293 20.39 -5.12 -3.71
C VAL B 293 19.81 -3.81 -3.18
N ARG B 294 18.53 -3.84 -2.80
CA ARG B 294 17.88 -2.69 -2.23
C ARG B 294 17.31 -2.97 -0.83
N CYS B 295 17.55 -2.01 0.05
N CYS B 295 17.64 -2.07 0.08
CA CYS B 295 17.03 -2.02 1.41
CA CYS B 295 16.95 -2.02 1.36
C CYS B 295 15.92 -0.96 1.52
C CYS B 295 15.79 -1.06 1.17
N LEU B 296 14.69 -1.39 1.82
CA LEU B 296 13.55 -0.49 1.92
C LEU B 296 13.39 0.10 3.29
N PHE B 297 12.96 1.35 3.32
CA PHE B 297 12.53 1.99 4.54
C PHE B 297 11.06 1.71 4.77
N GLN B 298 10.69 1.42 6.02
CA GLN B 298 9.27 1.21 6.37
C GLN B 298 8.48 2.46 6.13
N SER B 299 9.15 3.59 6.31
CA SER B 299 8.56 4.88 6.00
C SER B 299 9.53 5.66 5.12
N PRO B 300 9.13 5.95 3.88
CA PRO B 300 10.03 6.70 3.00
C PRO B 300 10.31 8.09 3.53
N LEU B 301 11.43 8.66 3.13
CA LEU B 301 11.83 10.00 3.56
C LEU B 301 11.64 10.97 2.43
N PHE B 302 10.99 12.10 2.71
CA PHE B 302 10.91 13.13 1.70
C PHE B 302 12.17 14.00 1.71
N ALA B 303 12.70 14.28 0.53
CA ALA B 303 13.83 15.17 0.39
C ALA B 303 13.70 15.96 -0.90
N LYS B 304 14.14 17.21 -0.91
CA LYS B 304 14.15 17.98 -2.15
C LYS B 304 15.57 18.00 -2.71
N ALA B 305 15.69 18.23 -4.02
CA ALA B 305 17.00 18.41 -4.64
C ALA B 305 17.81 19.44 -3.84
N GLY B 306 19.06 19.12 -3.59
CA GLY B 306 19.95 20.03 -2.88
C GLY B 306 20.08 19.74 -1.40
N ASP B 307 19.08 19.07 -0.83
CA ASP B 307 19.19 18.56 0.54
C ASP B 307 20.30 17.51 0.63
N THR B 308 20.73 17.21 1.85
CA THR B 308 21.69 16.15 2.08
C THR B 308 21.08 15.03 2.93
N LEU B 309 21.36 13.80 2.52
CA LEU B 309 20.89 12.59 3.21
C LEU B 309 22.11 11.87 3.79
N SER B 310 22.22 11.86 5.10
CA SER B 310 23.42 11.38 5.76
C SER B 310 23.10 10.27 6.75
N GLY B 311 24.06 9.41 7.02
CA GLY B 311 23.90 8.38 8.02
C GLY B 311 24.94 7.29 7.88
N THR B 312 24.59 6.08 8.33
CA THR B 312 25.54 4.99 8.32
C THR B 312 24.83 3.66 8.05
N CYS B 313 25.52 2.79 7.31
N CYS B 313 25.51 2.81 7.29
CA CYS B 313 25.14 1.38 7.16
CA CYS B 313 25.22 1.39 7.22
C CYS B 313 26.17 0.58 7.94
C CYS B 313 26.23 0.71 8.09
N LEU B 314 25.70 -0.10 9.00
CA LEU B 314 26.52 -0.86 9.90
C LEU B 314 26.23 -2.33 9.72
N LEU B 315 27.27 -3.09 9.36
CA LEU B 315 27.13 -4.54 9.27
C LEU B 315 27.86 -5.23 10.41
N ILE B 316 27.12 -5.96 11.21
CA ILE B 316 27.67 -6.65 12.36
C ILE B 316 27.58 -8.15 12.08
N ALA B 317 28.71 -8.82 12.00
CA ALA B 317 28.71 -10.24 11.63
C ALA B 317 28.03 -11.12 12.69
N ASN B 318 27.29 -12.14 12.22
CA ASN B 318 26.64 -13.12 13.07
C ASN B 318 27.11 -14.53 12.67
N LYS B 319 26.67 -15.52 13.45
CA LYS B 319 27.18 -16.89 13.38
C LYS B 319 26.62 -17.69 12.19
N ARG B 320 25.74 -17.06 11.42
CA ARG B 320 25.12 -17.71 10.27
C ARG B 320 25.75 -17.27 8.97
N GLN B 321 27.05 -16.95 9.02
CA GLN B 321 27.79 -16.56 7.82
C GLN B 321 27.07 -15.41 7.16
N SER B 322 26.52 -14.54 8.00
CA SER B 322 25.86 -13.37 7.47
C SER B 322 25.98 -12.20 8.48
N TYR B 323 25.15 -11.18 8.24
CA TYR B 323 25.27 -9.93 8.97
C TYR B 323 23.94 -9.45 9.49
N ASP B 324 23.96 -8.87 10.68
CA ASP B 324 22.89 -8.01 11.14
C ASP B 324 23.23 -6.60 10.69
N ILE B 325 22.35 -6.03 9.88
CA ILE B 325 22.56 -4.74 9.28
C ILE B 325 21.60 -3.69 9.79
N SER B 326 22.15 -2.55 10.18
CA SER B 326 21.36 -1.41 10.55
C SER B 326 21.70 -0.28 9.60
N ILE B 327 20.64 0.31 9.04
CA ILE B 327 20.79 1.49 8.22
C ILE B 327 20.01 2.62 8.82
N VAL B 328 20.74 3.67 9.15
CA VAL B 328 20.15 4.88 9.66
C VAL B 328 20.47 5.99 8.68
N ALA B 329 19.43 6.73 8.30
CA ALA B 329 19.57 7.82 7.32
C ALA B 329 18.68 8.98 7.76
N GLN B 330 19.17 10.19 7.59
CA GLN B 330 18.37 11.35 7.90
C GLN B 330 18.57 12.43 6.87
N VAL B 331 17.51 13.19 6.63
CA VAL B 331 17.58 14.36 5.82
C VAL B 331 18.04 15.48 6.73
N ASP B 332 19.27 15.91 6.53
CA ASP B 332 19.93 16.82 7.46
C ASP B 332 19.12 18.08 7.69
N GLN B 333 18.49 18.62 6.66
CA GLN B 333 17.82 19.92 6.77
C GLN B 333 16.54 19.88 7.62
N THR B 334 15.92 18.71 7.76
CA THR B 334 14.63 18.58 8.45
C THR B 334 14.69 17.68 9.69
N GLY B 335 15.74 16.88 9.82
CA GLY B 335 15.81 15.91 10.89
C GLY B 335 14.92 14.70 10.66
N SER B 336 14.39 14.54 9.45
CA SER B 336 13.58 13.35 9.15
C SER B 336 14.55 12.18 9.07
N LYS B 337 14.30 11.17 9.89
CA LYS B 337 15.24 10.09 10.11
C LYS B 337 14.54 8.75 9.91
N SER B 338 15.29 7.79 9.40
CA SER B 338 14.78 6.45 9.25
C SER B 338 15.82 5.51 9.83
N SER B 339 15.38 4.55 10.66
CA SER B 339 16.25 3.52 11.21
C SER B 339 15.64 2.24 10.77
N ASN B 340 16.49 1.37 10.28
CA ASN B 340 16.07 0.16 9.60
C ASN B 340 17.01 -0.98 9.90
N LEU B 341 16.46 -2.16 9.83
CA LEU B 341 17.24 -3.39 9.95
C LEU B 341 17.11 -4.17 8.67
N LEU B 342 18.15 -4.91 8.35
CA LEU B 342 18.16 -5.68 7.14
C LEU B 342 18.57 -7.10 7.53
N ASP B 343 17.82 -8.08 7.06
CA ASP B 343 18.13 -9.46 7.39
C ASP B 343 18.62 -10.12 6.13
N LEU B 344 19.94 -10.13 5.98
CA LEU B 344 20.55 -10.54 4.74
C LEU B 344 20.36 -12.06 4.51
N LYS B 345 19.90 -12.74 5.56
CA LYS B 345 19.63 -14.16 5.51
C LYS B 345 18.26 -14.45 4.90
N ASN B 346 17.43 -13.42 4.74
CA ASN B 346 16.09 -13.60 4.19
C ASN B 346 15.80 -12.68 3.00
N PRO B 347 16.61 -12.79 1.94
CA PRO B 347 16.39 -11.89 0.81
C PRO B 347 15.11 -12.21 0.04
N PHE B 348 14.57 -11.17 -0.57
CA PHE B 348 13.47 -11.30 -1.51
C PHE B 348 14.03 -11.24 -2.91
N PHE B 349 14.04 -12.39 -3.57
CA PHE B 349 14.48 -12.48 -4.96
C PHE B 349 13.32 -12.11 -5.87
N ARG B 350 13.34 -10.87 -6.36
CA ARG B 350 12.20 -10.30 -7.05
C ARG B 350 12.35 -10.50 -8.56
N TYR B 351 13.58 -10.60 -9.02
CA TYR B 351 13.87 -10.77 -10.45
C TYR B 351 13.14 -11.96 -11.08
N THR B 352 12.66 -11.74 -12.31
CA THR B 352 11.88 -12.73 -13.03
C THR B 352 12.56 -13.11 -14.35
N SER C 10 -17.25 36.24 23.82
CA SER C 10 -15.82 36.47 23.61
C SER C 10 -15.58 37.36 22.39
N VAL C 11 -14.32 37.77 22.18
CA VAL C 11 -13.95 38.59 21.01
C VAL C 11 -14.17 37.77 19.73
N PHE C 12 -13.90 36.46 19.79
CA PHE C 12 -14.10 35.61 18.63
C PHE C 12 -15.61 35.49 18.29
N SER C 13 -16.44 35.14 19.26
CA SER C 13 -17.86 34.88 18.98
C SER C 13 -18.59 36.16 18.53
N GLU C 14 -18.13 37.32 19.02
CA GLU C 14 -18.75 38.60 18.67
C GLU C 14 -18.41 39.01 17.21
N ARG C 15 -17.30 38.52 16.66
CA ARG C 15 -16.92 38.85 15.29
C ARG C 15 -17.24 37.71 14.31
N THR C 16 -17.77 36.60 14.81
CA THR C 16 -17.97 35.40 13.99
C THR C 16 -19.37 34.81 14.08
N GLU C 17 -20.01 34.61 12.93
CA GLU C 17 -21.28 33.91 12.86
C GLU C 17 -21.05 32.45 13.27
N GLU C 18 -21.91 31.94 14.16
CA GLU C 18 -21.77 30.60 14.74
C GLU C 18 -21.71 29.51 13.67
N SER C 19 -22.56 29.62 12.65
CA SER C 19 -22.59 28.65 11.56
C SER C 19 -21.22 28.55 10.90
N SER C 20 -20.59 29.71 10.69
CA SER C 20 -19.27 29.75 10.08
C SER C 20 -18.23 29.11 11.03
N ALA C 21 -18.27 29.47 12.31
CA ALA C 21 -17.28 28.97 13.27
C ALA C 21 -17.36 27.44 13.37
N VAL C 22 -18.59 26.90 13.38
CA VAL C 22 -18.79 25.45 13.50
C VAL C 22 -18.12 24.72 12.33
N GLN C 23 -18.42 25.13 11.10
CA GLN C 23 -17.86 24.50 9.90
C GLN C 23 -16.33 24.69 9.86
N TYR C 24 -15.89 25.87 10.29
CA TYR C 24 -14.47 26.20 10.26
C TYR C 24 -13.68 25.23 11.13
N PHE C 25 -14.10 25.05 12.38
CA PHE C 25 -13.32 24.21 13.27
C PHE C 25 -13.55 22.71 13.02
N GLN C 26 -14.70 22.36 12.43
CA GLN C 26 -14.91 20.99 11.98
C GLN C 26 -13.87 20.63 10.91
N PHE C 27 -13.69 21.57 9.99
CA PHE C 27 -12.73 21.41 8.89
C PHE C 27 -11.31 21.06 9.39
N TYR C 28 -10.84 21.74 10.44
CA TYR C 28 -9.48 21.53 10.96
C TYR C 28 -9.36 20.37 11.95
N GLY C 29 -10.48 19.78 12.32
CA GLY C 29 -10.47 18.60 13.15
C GLY C 29 -10.15 17.35 12.35
N TYR C 30 -10.05 17.48 11.03
CA TYR C 30 -9.69 16.34 10.18
C TYR C 30 -8.17 16.17 10.08
N LEU C 31 -7.68 14.97 10.34
CA LEU C 31 -6.25 14.70 10.15
C LEU C 31 -5.86 14.91 8.71
N SER C 32 -6.77 14.62 7.77
CA SER C 32 -6.47 14.81 6.35
C SER C 32 -6.16 16.27 6.03
N GLN C 33 -6.87 17.19 6.70
CA GLN C 33 -6.64 18.60 6.47
C GLN C 33 -5.33 19.04 7.14
N GLN C 34 -5.00 18.48 8.31
CA GLN C 34 -3.72 18.80 8.95
C GLN C 34 -2.58 18.25 8.08
N GLN C 35 -2.75 17.04 7.57
CA GLN C 35 -1.77 16.44 6.69
C GLN C 35 -1.51 17.28 5.44
N ASN C 36 -2.57 17.81 4.86
CA ASN C 36 -2.43 18.63 3.66
C ASN C 36 -1.51 19.80 3.91
N MET C 37 -1.65 20.44 5.08
CA MET C 37 -0.81 21.60 5.41
C MET C 37 0.59 21.13 5.74
N MET C 38 0.67 20.04 6.48
CA MET C 38 1.96 19.51 6.88
C MET C 38 2.78 19.12 5.65
N GLN C 39 2.13 18.59 4.64
CA GLN C 39 2.84 18.10 3.45
C GLN C 39 3.20 19.22 2.49
N ASP C 40 2.80 20.44 2.81
CA ASP C 40 3.29 21.58 2.06
C ASP C 40 4.72 21.83 2.56
N TYR C 41 5.68 21.34 1.79
CA TYR C 41 7.07 21.34 2.23
C TYR C 41 7.67 22.74 2.37
N VAL C 42 7.31 23.66 1.47
CA VAL C 42 7.76 25.04 1.59
C VAL C 42 7.28 25.64 2.93
N ARG C 43 6.01 25.44 3.22
CA ARG C 43 5.41 25.94 4.45
C ARG C 43 6.07 25.33 5.67
N THR C 44 6.02 24.01 5.77
CA THR C 44 6.45 23.36 7.01
C THR C 44 7.95 23.46 7.21
N GLY C 45 8.70 23.25 6.13
CA GLY C 45 10.15 23.36 6.16
C GLY C 45 10.64 24.75 6.46
N THR C 46 9.95 25.77 5.97
CA THR C 46 10.37 27.13 6.23
C THR C 46 10.09 27.53 7.69
N TYR C 47 8.95 27.15 8.24
CA TYR C 47 8.70 27.39 9.68
C TYR C 47 9.81 26.71 10.52
N GLN C 48 10.12 25.47 10.17
CA GLN C 48 11.11 24.73 10.92
C GLN C 48 12.46 25.42 10.88
N ARG C 49 12.85 25.80 9.67
CA ARG C 49 14.08 26.52 9.43
C ARG C 49 14.11 27.87 10.19
N ALA C 50 13.01 28.62 10.11
CA ALA C 50 12.91 29.89 10.82
C ALA C 50 13.14 29.71 12.30
N ILE C 51 12.57 28.66 12.85
CA ILE C 51 12.63 28.42 14.30
C ILE C 51 14.00 27.86 14.72
N LEU C 52 14.48 26.84 14.01
CA LEU C 52 15.75 26.22 14.38
C LEU C 52 16.95 27.14 14.13
N GLN C 53 16.94 27.89 13.04
CA GLN C 53 18.08 28.76 12.74
C GLN C 53 18.10 29.98 13.65
N ASN C 54 16.96 30.28 14.27
CA ASN C 54 16.91 31.32 15.30
C ASN C 54 16.75 30.72 16.69
N HIS C 55 17.57 29.70 16.97
CA HIS C 55 17.42 28.94 18.22
C HIS C 55 17.53 29.78 19.51
N THR C 56 18.30 30.87 19.48
CA THR C 56 18.46 31.73 20.66
C THR C 56 17.16 32.48 20.99
N ASP C 57 16.26 32.54 20.02
CA ASP C 57 14.92 33.09 20.27
C ASP C 57 13.99 32.07 20.96
N PHE C 58 14.44 30.83 21.12
CA PHE C 58 13.62 29.77 21.72
C PHE C 58 14.24 29.09 22.94
N LYS C 59 15.55 28.93 22.96
CA LYS C 59 16.20 28.18 24.03
C LYS C 59 15.87 28.77 25.40
N ASP C 60 15.31 27.92 26.26
CA ASP C 60 14.91 28.26 27.63
C ASP C 60 13.82 29.33 27.67
N LYS C 61 13.08 29.46 26.56
CA LYS C 61 12.02 30.46 26.49
C LYS C 61 10.62 29.85 26.72
N ILE C 62 9.69 30.75 27.00
CA ILE C 62 8.29 30.41 27.13
C ILE C 62 7.63 30.78 25.80
N VAL C 63 6.87 29.84 25.23
CA VAL C 63 6.33 29.98 23.88
C VAL C 63 4.82 29.76 23.90
N LEU C 64 4.11 30.51 23.07
CA LEU C 64 2.69 30.23 22.81
C LEU C 64 2.49 29.90 21.32
N ASP C 65 1.90 28.73 21.04
CA ASP C 65 1.54 28.31 19.69
C ASP C 65 0.04 28.52 19.50
N VAL C 66 -0.33 29.54 18.73
CA VAL C 66 -1.72 29.86 18.48
C VAL C 66 -2.26 29.06 17.33
N GLY C 67 -3.15 28.13 17.67
CA GLY C 67 -3.79 27.28 16.69
C GLY C 67 -2.84 26.18 16.30
N CYS C 68 -2.51 25.32 17.25
CA CYS C 68 -1.36 24.44 17.10
C CYS C 68 -1.64 23.28 16.14
N GLY C 69 -2.91 23.00 15.85
CA GLY C 69 -3.21 21.89 14.93
C GLY C 69 -2.65 20.57 15.48
N SER C 70 -1.86 19.85 14.67
CA SER C 70 -1.19 18.61 15.08
C SER C 70 -0.16 18.85 16.18
N GLY C 71 0.24 20.11 16.34
CA GLY C 71 1.29 20.46 17.31
C GLY C 71 2.64 20.68 16.65
N ILE C 72 2.69 20.53 15.33
CA ILE C 72 3.95 20.50 14.62
C ILE C 72 4.86 21.71 14.94
N LEU C 73 4.35 22.94 14.96
CA LEU C 73 5.22 24.08 15.26
C LEU C 73 5.72 24.07 16.71
N SER C 74 4.90 23.57 17.64
CA SER C 74 5.35 23.43 19.03
C SER C 74 6.50 22.40 19.12
N PHE C 75 6.46 21.33 18.32
CA PHE C 75 7.60 20.41 18.33
C PHE C 75 8.86 21.10 17.78
N PHE C 76 8.70 21.96 16.76
CA PHE C 76 9.87 22.71 16.28
C PHE C 76 10.39 23.62 17.40
N ALA C 77 9.48 24.30 18.10
CA ALA C 77 9.91 25.14 19.22
C ALA C 77 10.67 24.31 20.24
N ALA C 78 10.20 23.10 20.47
CA ALA C 78 10.86 22.19 21.41
C ALA C 78 12.24 21.73 20.88
N GLN C 79 12.35 21.47 19.57
CA GLN C 79 13.64 21.12 18.96
C GLN C 79 14.63 22.26 19.18
N ALA C 80 14.15 23.50 19.16
CA ALA C 80 14.99 24.67 19.37
C ALA C 80 15.27 24.98 20.85
N GLY C 81 14.76 24.17 21.77
CA GLY C 81 15.13 24.27 23.18
C GLY C 81 14.19 25.08 24.05
N ALA C 82 12.96 25.29 23.61
CA ALA C 82 12.02 26.07 24.42
C ALA C 82 11.81 25.35 25.74
N ARG C 83 11.69 26.12 26.82
CA ARG C 83 11.48 25.52 28.14
C ARG C 83 10.04 25.09 28.35
N LYS C 84 9.10 25.92 27.89
CA LYS C 84 7.68 25.62 28.03
C LYS C 84 6.91 26.20 26.87
N ILE C 85 6.01 25.39 26.32
CA ILE C 85 5.21 25.77 25.19
C ILE C 85 3.74 25.52 25.51
N TYR C 86 2.95 26.57 25.42
CA TYR C 86 1.50 26.51 25.52
C TYR C 86 0.94 26.43 24.11
N ALA C 87 0.27 25.33 23.81
CA ALA C 87 -0.22 25.06 22.46
C ALA C 87 -1.75 25.07 22.46
N VAL C 88 -2.33 26.14 21.91
CA VAL C 88 -3.77 26.31 21.93
C VAL C 88 -4.41 25.87 20.64
N GLU C 89 -5.49 25.10 20.74
CA GLU C 89 -6.17 24.63 19.54
C GLU C 89 -7.68 24.50 19.79
N ALA C 90 -8.48 25.12 18.93
CA ALA C 90 -9.93 25.19 19.16
C ALA C 90 -10.67 23.97 18.59
N SER C 91 -10.14 23.34 17.55
CA SER C 91 -10.85 22.17 16.97
C SER C 91 -10.56 20.91 17.80
N THR C 92 -11.23 19.82 17.48
CA THR C 92 -10.98 18.54 18.15
C THR C 92 -9.58 17.99 17.81
N MET C 93 -8.85 18.63 16.90
CA MET C 93 -7.47 18.25 16.66
C MET C 93 -6.64 18.36 17.94
N ALA C 94 -7.09 19.18 18.90
CA ALA C 94 -6.39 19.33 20.19
C ALA C 94 -6.13 17.97 20.86
N GLN C 95 -7.08 17.06 20.72
CA GLN C 95 -6.95 15.76 21.38
C GLN C 95 -5.85 14.97 20.68
N HIS C 96 -5.71 15.13 19.36
CA HIS C 96 -4.64 14.42 18.63
C HIS C 96 -3.27 15.03 18.95
N ALA C 97 -3.21 16.35 19.08
CA ALA C 97 -1.96 17.01 19.48
C ALA C 97 -1.49 16.48 20.83
N GLU C 98 -2.42 16.28 21.76
CA GLU C 98 -2.09 15.77 23.10
C GLU C 98 -1.46 14.38 23.04
N VAL C 99 -2.01 13.54 22.17
CA VAL C 99 -1.47 12.20 21.93
C VAL C 99 -0.02 12.29 21.44
N LEU C 100 0.25 13.20 20.52
CA LEU C 100 1.59 13.32 19.98
C LEU C 100 2.57 13.88 21.03
N VAL C 101 2.11 14.81 21.86
CA VAL C 101 2.94 15.33 22.92
C VAL C 101 3.35 14.21 23.87
N LYS C 102 2.38 13.36 24.25
CA LYS C 102 2.67 12.23 25.13
C LYS C 102 3.62 11.25 24.46
N SER C 103 3.31 10.89 23.21
CA SER C 103 4.05 9.85 22.53
C SER C 103 5.43 10.35 22.14
N ASN C 104 5.63 11.66 22.10
CA ASN C 104 6.97 12.22 21.87
C ASN C 104 7.69 12.60 23.17
N ASN C 105 7.16 12.14 24.31
CA ASN C 105 7.80 12.34 25.62
C ASN C 105 8.07 13.79 25.95
N LEU C 106 7.12 14.66 25.63
CA LEU C 106 7.30 16.08 25.84
C LEU C 106 6.26 16.69 26.76
N THR C 107 5.64 15.84 27.58
CA THR C 107 4.57 16.34 28.45
C THR C 107 5.08 17.36 29.46
N ASP C 108 6.38 17.36 29.73
CA ASP C 108 6.97 18.33 30.65
C ASP C 108 7.26 19.70 30.01
N ARG C 109 7.07 19.82 28.70
CA ARG C 109 7.46 21.03 27.98
C ARG C 109 6.36 21.59 27.09
N ILE C 110 5.48 20.74 26.60
CA ILE C 110 4.35 21.19 25.79
C ILE C 110 3.05 20.90 26.54
N VAL C 111 2.25 21.95 26.72
CA VAL C 111 0.93 21.82 27.31
C VAL C 111 -0.14 22.17 26.26
N VAL C 112 -0.99 21.20 25.91
CA VAL C 112 -2.05 21.44 24.96
C VAL C 112 -3.29 21.99 25.68
N ILE C 113 -3.76 23.16 25.22
CA ILE C 113 -4.90 23.83 25.82
C ILE C 113 -6.05 23.85 24.81
N PRO C 114 -7.05 22.97 25.00
CA PRO C 114 -8.14 22.99 24.03
C PRO C 114 -9.02 24.24 24.16
N GLY C 115 -9.35 24.85 23.03
CA GLY C 115 -10.24 26.00 23.02
C GLY C 115 -9.72 27.13 22.13
N LYS C 116 -10.51 28.20 22.08
CA LYS C 116 -10.17 29.38 21.29
C LYS C 116 -9.22 30.25 22.09
N VAL C 117 -8.20 30.80 21.43
CA VAL C 117 -7.18 31.60 22.13
C VAL C 117 -7.80 32.85 22.75
N GLU C 118 -8.95 33.27 22.22
CA GLU C 118 -9.68 34.40 22.76
C GLU C 118 -10.43 34.04 24.04
N GLU C 119 -10.58 32.75 24.32
CA GLU C 119 -11.48 32.30 25.39
C GLU C 119 -10.77 31.52 26.49
N VAL C 120 -9.68 30.82 26.16
CA VAL C 120 -9.02 29.99 27.16
C VAL C 120 -8.28 30.84 28.18
N SER C 121 -7.88 30.21 29.28
CA SER C 121 -7.01 30.86 30.26
C SER C 121 -5.62 30.30 30.07
N LEU C 122 -4.65 31.21 29.97
CA LEU C 122 -3.23 30.86 30.04
C LEU C 122 -2.67 31.50 31.30
N PRO C 123 -1.78 30.80 32.02
CA PRO C 123 -1.30 31.29 33.31
C PRO C 123 -0.19 32.34 33.28
N GLU C 124 0.59 32.45 32.20
CA GLU C 124 1.73 33.38 32.25
C GLU C 124 2.06 33.99 30.91
N GLN C 125 2.87 35.06 30.97
CA GLN C 125 3.26 35.78 29.77
C GLN C 125 4.39 35.03 29.07
N VAL C 126 4.46 35.18 27.75
CA VAL C 126 5.40 34.38 26.97
C VAL C 126 6.43 35.29 26.31
N ASP C 127 7.55 34.69 25.93
CA ASP C 127 8.62 35.39 25.24
C ASP C 127 8.34 35.55 23.74
N ILE C 128 7.61 34.59 23.18
CA ILE C 128 7.41 34.56 21.74
C ILE C 128 6.16 33.77 21.38
N ILE C 129 5.42 34.29 20.41
CA ILE C 129 4.24 33.63 19.91
C ILE C 129 4.58 33.12 18.52
N ILE C 130 4.26 31.86 18.26
CA ILE C 130 4.38 31.30 16.91
C ILE C 130 3.01 30.93 16.43
N SER C 131 2.80 31.05 15.12
CA SER C 131 1.53 30.68 14.53
C SER C 131 1.64 30.62 13.02
N GLU C 132 0.74 29.84 12.44
CA GLU C 132 0.47 29.87 11.00
C GLU C 132 -1.01 30.19 10.81
N PRO C 133 -1.34 31.49 10.78
CA PRO C 133 -2.73 31.95 10.66
C PRO C 133 -3.06 32.52 9.28
N MET C 134 -2.21 32.27 8.29
CA MET C 134 -2.40 32.88 6.98
C MET C 134 -3.44 32.11 6.15
N GLY C 135 -4.34 32.86 5.53
CA GLY C 135 -5.25 32.30 4.53
C GLY C 135 -4.97 32.84 3.13
N TYR C 136 -5.83 32.45 2.17
CA TYR C 136 -5.78 33.01 0.83
C TYR C 136 -5.69 34.52 0.88
N MET C 137 -4.86 35.10 0.03
CA MET C 137 -4.70 36.57 0.05
C MET C 137 -4.28 37.06 1.44
N LEU C 138 -3.58 36.19 2.19
CA LEU C 138 -3.11 36.45 3.55
C LEU C 138 -4.22 36.50 4.62
N PHE C 139 -5.25 37.31 4.38
CA PHE C 139 -6.22 37.65 5.42
C PHE C 139 -7.43 36.71 5.54
N ASN C 140 -7.69 35.90 4.51
CA ASN C 140 -8.86 35.04 4.56
C ASN C 140 -8.84 34.13 5.78
N GLU C 141 -10.05 33.88 6.32
CA GLU C 141 -10.30 33.13 7.57
C GLU C 141 -10.19 33.98 8.84
N ARG C 142 -9.59 35.15 8.74
CA ARG C 142 -9.51 36.12 9.82
C ARG C 142 -8.75 35.59 11.04
N MET C 143 -7.91 34.59 10.82
CA MET C 143 -7.13 34.02 11.91
C MET C 143 -5.99 34.96 12.36
N LEU C 144 -5.57 35.88 11.51
CA LEU C 144 -4.53 36.81 11.92
C LEU C 144 -5.01 37.64 13.10
N GLU C 145 -6.32 37.86 13.22
CA GLU C 145 -6.85 38.60 14.37
C GLU C 145 -6.67 37.82 15.69
N SER C 146 -6.82 36.50 15.61
CA SER C 146 -6.59 35.64 16.78
C SER C 146 -5.13 35.69 17.17
N TYR C 147 -4.26 35.69 16.16
CA TYR C 147 -2.80 35.81 16.37
C TYR C 147 -2.44 37.11 17.09
N LEU C 148 -3.00 38.22 16.61
CA LEU C 148 -2.74 39.52 17.24
C LEU C 148 -3.41 39.60 18.60
N HIS C 149 -4.61 39.02 18.71
CA HIS C 149 -5.31 39.00 19.99
C HIS C 149 -4.43 38.38 21.07
N ALA C 150 -3.70 37.34 20.68
CA ALA C 150 -2.88 36.57 21.61
C ALA C 150 -1.75 37.40 22.22
N LYS C 151 -1.46 38.57 21.65
CA LYS C 151 -0.41 39.43 22.23
C LYS C 151 -0.78 39.95 23.62
N LYS C 152 -2.02 39.74 24.05
CA LYS C 152 -2.36 40.05 25.46
C LYS C 152 -1.49 39.16 26.38
N TYR C 153 -0.96 38.06 25.85
CA TYR C 153 -0.06 37.17 26.63
C TYR C 153 1.42 37.39 26.36
N LEU C 154 1.74 38.35 25.50
CA LEU C 154 3.13 38.58 25.11
C LEU C 154 3.82 39.60 25.97
N LYS C 155 4.99 39.24 26.50
CA LYS C 155 5.80 40.20 27.27
C LYS C 155 6.09 41.41 26.36
N PRO C 156 6.23 42.61 26.94
CA PRO C 156 6.57 43.78 26.11
C PRO C 156 7.84 43.61 25.28
N SER C 157 8.79 42.83 25.78
CA SER C 157 10.03 42.60 25.05
C SER C 157 9.95 41.36 24.13
N GLY C 158 8.75 40.82 23.97
CA GLY C 158 8.53 39.63 23.17
C GLY C 158 8.62 39.74 21.65
N ASN C 159 8.57 38.58 21.00
CA ASN C 159 8.64 38.50 19.54
C ASN C 159 7.43 37.71 18.99
N MET C 160 7.24 37.85 17.69
CA MET C 160 6.19 37.17 16.94
C MET C 160 6.80 36.49 15.72
N PHE C 161 6.47 35.22 15.55
CA PHE C 161 6.95 34.39 14.45
C PHE C 161 5.74 33.79 13.71
N PRO C 162 5.37 34.34 12.55
CA PRO C 162 6.05 35.37 11.77
C PRO C 162 5.94 36.76 12.36
N THR C 163 6.89 37.60 11.99
CA THR C 163 6.93 38.95 12.52
C THR C 163 6.17 39.95 11.64
N ILE C 164 6.27 39.81 10.32
CA ILE C 164 5.54 40.70 9.45
C ILE C 164 4.90 39.89 8.34
N GLY C 165 3.86 40.46 7.75
CA GLY C 165 3.17 39.86 6.62
C GLY C 165 3.04 40.92 5.55
N ASP C 166 3.45 40.58 4.33
CA ASP C 166 3.39 41.47 3.16
C ASP C 166 2.35 40.90 2.20
N VAL C 167 1.27 41.63 1.94
CA VAL C 167 0.38 41.25 0.87
C VAL C 167 0.84 41.99 -0.39
N HIS C 168 0.94 41.25 -1.50
CA HIS C 168 1.32 41.84 -2.77
C HIS C 168 0.15 41.87 -3.75
N LEU C 169 0.02 42.98 -4.44
CA LEU C 169 -0.95 43.12 -5.48
C LEU C 169 -0.27 43.56 -6.78
N ALA C 170 -0.71 43.03 -7.90
CA ALA C 170 -0.19 43.41 -9.22
C ALA C 170 -1.26 43.25 -10.29
N PRO C 171 -1.30 44.17 -11.27
CA PRO C 171 -2.25 44.06 -12.38
C PRO C 171 -1.87 42.91 -13.32
N PHE C 172 -2.86 42.22 -13.89
CA PHE C 172 -2.60 41.14 -14.85
C PHE C 172 -3.46 41.27 -16.09
N THR C 173 -3.00 40.63 -17.18
CA THR C 173 -3.79 40.47 -18.39
C THR C 173 -4.00 38.97 -18.57
N ASP C 174 -5.25 38.55 -18.78
CA ASP C 174 -5.59 37.15 -19.03
C ASP C 174 -6.92 37.11 -19.73
N GLU C 175 -6.83 37.29 -21.05
CA GLU C 175 -7.99 37.34 -21.89
C GLU C 175 -8.86 36.10 -21.74
N GLN C 176 -8.22 34.93 -21.63
CA GLN C 176 -8.96 33.66 -21.54
C GLN C 176 -9.72 33.52 -20.23
N LEU C 177 -9.12 33.98 -19.14
CA LEU C 177 -9.81 33.97 -17.87
C LEU C 177 -11.02 34.89 -17.92
N TYR C 178 -10.82 36.09 -18.44
CA TYR C 178 -11.90 37.06 -18.52
C TYR C 178 -13.06 36.45 -19.37
N MET C 179 -12.74 35.89 -20.53
N MET C 179 -12.75 35.93 -20.55
CA MET C 179 -13.78 35.44 -21.46
CA MET C 179 -13.78 35.48 -21.48
C MET C 179 -14.57 34.26 -20.88
C MET C 179 -14.55 34.28 -20.90
N GLU C 180 -13.86 33.46 -20.09
CA GLU C 180 -14.45 32.30 -19.44
C GLU C 180 -15.68 32.65 -18.62
N GLN C 181 -15.70 33.82 -17.98
CA GLN C 181 -16.84 34.17 -17.17
C GLN C 181 -18.10 34.26 -18.06
N PHE C 182 -17.94 34.81 -19.25
CA PHE C 182 -19.05 34.99 -20.18
C PHE C 182 -19.45 33.70 -20.87
N THR C 183 -18.46 32.87 -21.17
CA THR C 183 -18.74 31.54 -21.75
C THR C 183 -19.64 30.75 -20.77
N LYS C 184 -19.30 30.79 -19.47
CA LYS C 184 -20.12 30.11 -18.46
C LYS C 184 -21.48 30.76 -18.27
N ALA C 185 -21.49 32.08 -18.16
CA ALA C 185 -22.73 32.79 -17.92
C ALA C 185 -23.68 32.65 -19.13
N ASN C 186 -23.15 32.53 -20.35
CA ASN C 186 -23.98 32.47 -21.54
C ASN C 186 -24.77 31.16 -21.68
N PHE C 187 -24.51 30.20 -20.79
CA PHE C 187 -25.41 29.07 -20.64
C PHE C 187 -26.84 29.58 -20.52
N TRP C 188 -26.99 30.66 -19.78
CA TRP C 188 -28.32 31.18 -19.54
C TRP C 188 -28.87 31.94 -20.73
N TYR C 189 -28.02 32.29 -21.70
CA TYR C 189 -28.49 33.09 -22.82
C TYR C 189 -28.91 32.21 -23.96
N GLN C 190 -29.99 31.48 -23.71
CA GLN C 190 -30.59 30.66 -24.74
C GLN C 190 -32.12 30.65 -24.55
N PRO C 191 -32.85 30.75 -25.66
CA PRO C 191 -34.31 30.89 -25.59
C PRO C 191 -35.09 29.58 -25.44
N SER C 192 -34.41 28.44 -25.61
CA SER C 192 -35.13 27.19 -25.50
C SER C 192 -34.25 26.07 -24.98
N PHE C 193 -33.80 26.26 -23.73
CA PHE C 193 -33.14 25.20 -22.99
C PHE C 193 -34.23 24.24 -22.59
N HIS C 194 -34.30 23.10 -23.27
CA HIS C 194 -35.41 22.18 -23.04
C HIS C 194 -36.75 22.93 -23.07
N GLY C 195 -36.87 23.91 -23.96
CA GLY C 195 -38.13 24.64 -24.09
C GLY C 195 -38.29 25.87 -23.20
N VAL C 196 -37.27 26.19 -22.43
CA VAL C 196 -37.34 27.30 -21.48
C VAL C 196 -36.41 28.41 -21.89
N ASP C 197 -36.92 29.63 -21.88
CA ASP C 197 -36.11 30.80 -22.14
C ASP C 197 -35.41 31.19 -20.84
N LEU C 198 -34.09 30.99 -20.81
CA LEU C 198 -33.27 31.24 -19.63
C LEU C 198 -32.64 32.62 -19.63
N SER C 199 -32.83 33.37 -20.72
N SER C 199 -32.84 33.39 -20.71
CA SER C 199 -32.04 34.56 -20.99
CA SER C 199 -32.00 34.56 -20.96
C SER C 199 -32.12 35.65 -19.91
C SER C 199 -32.10 35.64 -19.89
N ALA C 200 -33.22 35.72 -19.18
CA ALA C 200 -33.42 36.78 -18.19
C ALA C 200 -32.44 36.67 -17.02
N LEU C 201 -31.85 35.51 -16.83
CA LEU C 201 -30.90 35.34 -15.71
C LEU C 201 -29.42 35.52 -16.05
N ARG C 202 -29.11 35.81 -17.33
CA ARG C 202 -27.72 35.92 -17.78
C ARG C 202 -26.92 37.00 -17.02
N GLY C 203 -27.49 38.19 -16.85
CA GLY C 203 -26.81 39.24 -16.09
C GLY C 203 -26.51 38.81 -14.67
N ALA C 204 -27.47 38.17 -14.02
CA ALA C 204 -27.27 37.76 -12.64
C ALA C 204 -26.13 36.76 -12.59
N ALA C 205 -26.05 35.89 -13.61
CA ALA C 205 -25.02 34.86 -13.66
C ALA C 205 -23.64 35.49 -13.83
N VAL C 206 -23.52 36.46 -14.73
CA VAL C 206 -22.28 37.20 -14.93
C VAL C 206 -21.85 37.83 -13.62
N ASP C 207 -22.78 38.51 -12.96
CA ASP C 207 -22.49 39.19 -11.68
C ASP C 207 -21.96 38.22 -10.66
N GLU C 208 -22.62 37.06 -10.57
CA GLU C 208 -22.19 36.05 -9.64
C GLU C 208 -20.77 35.55 -9.92
N TYR C 209 -20.44 35.26 -11.17
CA TYR C 209 -19.11 34.75 -11.45
C TYR C 209 -18.05 35.82 -11.14
N PHE C 210 -18.33 37.09 -11.45
CA PHE C 210 -17.31 38.11 -11.23
C PHE C 210 -17.10 38.43 -9.74
N ARG C 211 -18.05 38.05 -8.89
CA ARG C 211 -17.91 38.27 -7.44
C ARG C 211 -16.98 37.28 -6.76
N GLN C 212 -16.59 36.23 -7.48
CA GLN C 212 -15.72 35.20 -6.91
C GLN C 212 -14.25 35.42 -7.22
N PRO C 213 -13.43 35.60 -6.18
CA PRO C 213 -12.00 35.57 -6.44
C PRO C 213 -11.57 34.20 -6.96
N VAL C 214 -10.63 34.23 -7.89
CA VAL C 214 -10.16 33.03 -8.56
C VAL C 214 -8.88 32.53 -7.89
N VAL C 215 -8.95 31.33 -7.32
CA VAL C 215 -7.80 30.71 -6.67
C VAL C 215 -7.17 29.72 -7.67
N ASP C 216 -5.98 30.06 -8.17
CA ASP C 216 -5.16 29.13 -8.97
C ASP C 216 -3.81 29.79 -9.19
N THR C 217 -2.95 29.17 -10.00
CA THR C 217 -1.66 29.77 -10.23
C THR C 217 -1.62 30.19 -11.66
N PHE C 218 -0.54 30.88 -12.03
CA PHE C 218 -0.42 31.42 -13.35
C PHE C 218 1.04 31.70 -13.69
N ASP C 219 1.29 31.88 -14.97
CA ASP C 219 2.59 32.30 -15.50
C ASP C 219 2.82 33.75 -15.18
N ILE C 220 4.02 34.07 -14.67
CA ILE C 220 4.33 35.43 -14.24
C ILE C 220 4.31 36.41 -15.41
N ARG C 221 4.32 35.89 -16.64
CA ARG C 221 4.30 36.77 -17.78
C ARG C 221 2.94 37.45 -17.97
N ILE C 222 1.91 37.05 -17.24
CA ILE C 222 0.63 37.77 -17.31
C ILE C 222 0.68 39.07 -16.47
N LEU C 223 1.70 39.19 -15.62
CA LEU C 223 1.80 40.34 -14.73
C LEU C 223 2.34 41.55 -15.49
N MET C 224 1.70 42.70 -15.28
CA MET C 224 1.98 43.89 -16.09
C MET C 224 2.74 45.00 -15.38
N ALA C 225 3.01 44.81 -14.09
CA ALA C 225 3.73 45.81 -13.33
C ALA C 225 4.31 45.16 -12.10
N LYS C 226 5.30 45.82 -11.53
CA LYS C 226 5.83 45.37 -10.26
C LYS C 226 4.70 45.44 -9.20
N SER C 227 4.68 44.48 -8.28
CA SER C 227 3.62 44.45 -7.28
C SER C 227 3.74 45.63 -6.32
N VAL C 228 2.62 46.02 -5.74
CA VAL C 228 2.61 46.95 -4.63
C VAL C 228 2.46 46.11 -3.39
N LYS C 229 3.22 46.48 -2.37
CA LYS C 229 3.33 45.69 -1.16
C LYS C 229 2.60 46.42 -0.03
N TYR C 230 1.75 45.73 0.71
CA TYR C 230 1.16 46.28 1.93
C TYR C 230 1.59 45.41 3.13
N THR C 231 2.24 46.04 4.11
CA THR C 231 2.86 45.31 5.21
C THR C 231 2.08 45.44 6.47
N VAL C 232 1.80 44.31 7.10
CA VAL C 232 1.28 44.30 8.44
C VAL C 232 2.42 43.86 9.35
N ASN C 233 2.80 44.71 10.29
CA ASN C 233 3.82 44.36 11.26
C ASN C 233 3.11 43.78 12.47
N PHE C 234 3.24 42.46 12.63
CA PHE C 234 2.50 41.76 13.66
C PHE C 234 2.97 42.10 15.07
N LEU C 235 4.20 42.58 15.21
CA LEU C 235 4.64 43.04 16.53
C LEU C 235 3.98 44.32 16.96
N GLU C 236 3.62 45.16 16.01
CA GLU C 236 3.12 46.50 16.30
C GLU C 236 1.59 46.58 16.20
N ALA C 237 1.02 45.81 15.27
CA ALA C 237 -0.41 45.94 14.94
C ALA C 237 -1.37 45.45 16.05
N LYS C 238 -2.57 46.03 16.02
CA LYS C 238 -3.70 45.68 16.91
C LYS C 238 -4.62 44.83 16.09
N GLU C 239 -5.38 43.93 16.72
CA GLU C 239 -6.28 43.09 15.94
C GLU C 239 -7.27 43.96 15.15
N GLY C 240 -7.68 45.09 15.72
CA GLY C 240 -8.61 45.99 15.05
C GLY C 240 -8.09 46.58 13.74
N ASP C 241 -6.76 46.63 13.57
CA ASP C 241 -6.16 47.07 12.31
C ASP C 241 -6.58 46.21 11.12
N LEU C 242 -7.01 44.98 11.39
CA LEU C 242 -7.40 44.06 10.31
C LEU C 242 -8.90 44.04 10.00
N HIS C 243 -9.72 44.85 10.69
CA HIS C 243 -11.14 44.88 10.40
C HIS C 243 -11.47 45.60 9.11
N ARG C 244 -10.63 46.56 8.79
CA ARG C 244 -10.74 47.35 7.57
C ARG C 244 -9.34 47.58 7.07
N ILE C 245 -9.01 47.01 5.92
CA ILE C 245 -7.65 47.14 5.42
C ILE C 245 -7.73 47.93 4.10
N GLU C 246 -7.22 49.14 4.09
CA GLU C 246 -7.29 49.99 2.90
C GLU C 246 -5.94 49.97 2.26
N ILE C 247 -5.86 49.39 1.07
CA ILE C 247 -4.61 49.23 0.38
C ILE C 247 -4.58 50.12 -0.84
N PRO C 248 -3.94 51.28 -0.73
CA PRO C 248 -3.82 52.06 -1.95
C PRO C 248 -2.75 51.45 -2.84
N PHE C 249 -2.89 51.66 -4.14
CA PHE C 249 -1.89 51.18 -5.05
C PHE C 249 -1.71 52.18 -6.17
N LYS C 250 -0.48 52.21 -6.67
CA LYS C 250 -0.13 52.92 -7.89
C LYS C 250 0.89 52.05 -8.63
N PHE C 251 0.48 51.50 -9.76
CA PHE C 251 1.33 50.62 -10.53
C PHE C 251 2.00 51.41 -11.65
N HIS C 252 3.30 51.19 -11.82
CA HIS C 252 4.01 51.72 -12.97
C HIS C 252 4.07 50.61 -14.00
N MET C 253 3.23 50.76 -15.01
CA MET C 253 3.01 49.68 -15.99
C MET C 253 4.30 49.39 -16.74
N LEU C 254 4.70 48.14 -16.71
CA LEU C 254 5.90 47.67 -17.41
C LEU C 254 5.56 47.12 -18.79
N HIS C 255 4.27 46.81 -19.00
CA HIS C 255 3.78 46.28 -20.27
C HIS C 255 2.49 46.97 -20.68
N SER C 256 2.31 47.11 -21.99
CA SER C 256 1.10 47.67 -22.58
C SER C 256 0.07 46.55 -22.84
N GLY C 257 -1.19 46.80 -22.55
CA GLY C 257 -2.23 45.83 -22.86
C GLY C 257 -3.49 46.06 -22.05
N LEU C 258 -4.42 45.11 -22.11
CA LEU C 258 -5.66 45.18 -21.34
C LEU C 258 -5.46 44.59 -19.94
N VAL C 259 -5.74 45.38 -18.92
CA VAL C 259 -5.68 44.92 -17.53
C VAL C 259 -7.02 44.32 -17.13
N HIS C 260 -7.03 43.02 -16.86
CA HIS C 260 -8.29 42.35 -16.54
C HIS C 260 -8.57 42.27 -15.04
N GLY C 261 -7.58 42.58 -14.22
CA GLY C 261 -7.78 42.57 -12.76
C GLY C 261 -6.48 42.65 -11.98
N LEU C 262 -6.57 42.32 -10.70
CA LEU C 262 -5.45 42.32 -9.78
C LEU C 262 -5.15 40.92 -9.29
N ALA C 263 -3.87 40.57 -9.27
CA ALA C 263 -3.38 39.29 -8.73
C ALA C 263 -2.88 39.58 -7.34
N PHE C 264 -3.06 38.61 -6.44
CA PHE C 264 -2.67 38.76 -5.04
C PHE C 264 -1.81 37.59 -4.60
N TRP C 265 -0.78 37.85 -3.79
CA TRP C 265 -0.06 36.79 -3.11
C TRP C 265 0.50 37.41 -1.84
N PHE C 266 1.22 36.63 -1.03
CA PHE C 266 1.76 37.15 0.20
C PHE C 266 3.04 36.46 0.63
N ASP C 267 3.82 37.23 1.38
CA ASP C 267 5.00 36.74 2.05
C ASP C 267 4.85 36.98 3.54
N VAL C 268 5.50 36.16 4.35
CA VAL C 268 5.70 36.50 5.75
C VAL C 268 7.18 36.35 6.10
N ALA C 269 7.66 37.16 7.03
CA ALA C 269 9.05 37.10 7.47
C ALA C 269 9.14 36.79 8.98
N PHE C 270 10.07 35.92 9.31
CA PHE C 270 10.38 35.57 10.69
C PHE C 270 11.63 36.35 11.06
N ILE C 271 11.48 37.44 11.79
CA ILE C 271 12.61 38.34 12.09
C ILE C 271 13.20 37.96 13.45
N GLY C 272 14.20 37.07 13.41
CA GLY C 272 14.83 36.54 14.59
C GLY C 272 16.13 37.27 14.93
N SER C 273 16.73 36.88 16.06
CA SER C 273 17.96 37.48 16.53
C SER C 273 19.17 37.09 15.67
N ILE C 274 19.11 35.91 15.08
CA ILE C 274 20.21 35.43 14.26
C ILE C 274 19.98 35.77 12.80
N MET C 275 18.77 35.53 12.29
CA MET C 275 18.50 35.84 10.90
C MET C 275 17.02 35.98 10.60
N THR C 276 16.74 36.63 9.48
CA THR C 276 15.40 36.74 8.96
C THR C 276 15.17 35.70 7.88
N VAL C 277 14.10 34.93 8.06
CA VAL C 277 13.70 33.88 7.14
C VAL C 277 12.34 34.26 6.54
N TRP C 278 12.25 34.15 5.23
CA TRP C 278 11.05 34.49 4.49
C TRP C 278 10.29 33.27 4.01
N LEU C 279 8.97 33.30 4.12
CA LEU C 279 8.10 32.32 3.48
C LEU C 279 7.30 33.06 2.43
N SER C 280 7.46 32.70 1.15
CA SER C 280 6.81 33.41 0.05
C SER C 280 5.83 32.52 -0.73
N THR C 281 4.67 33.08 -1.07
CA THR C 281 3.70 32.38 -1.91
C THR C 281 3.61 33.05 -3.27
N ALA C 282 4.66 33.78 -3.64
CA ALA C 282 4.64 34.50 -4.92
C ALA C 282 4.67 33.55 -6.11
N PRO C 283 4.12 33.99 -7.26
CA PRO C 283 4.09 33.17 -8.47
C PRO C 283 5.48 32.94 -9.07
N THR C 284 6.49 33.66 -8.56
CA THR C 284 7.90 33.46 -8.91
C THR C 284 8.55 32.33 -8.06
N GLU C 285 7.80 31.79 -7.11
CA GLU C 285 8.31 30.77 -6.20
C GLU C 285 7.57 29.45 -6.38
N PRO C 286 8.16 28.35 -5.90
CA PRO C 286 7.42 27.10 -6.00
C PRO C 286 6.02 27.21 -5.40
N LEU C 287 5.07 26.50 -5.98
CA LEU C 287 3.68 26.58 -5.57
C LEU C 287 3.47 26.08 -4.12
N THR C 288 2.58 26.76 -3.39
CA THR C 288 2.14 26.32 -2.07
C THR C 288 0.63 26.04 -2.10
N HIS C 289 0.10 25.57 -0.99
CA HIS C 289 -1.33 25.28 -0.91
C HIS C 289 -2.17 26.58 -0.91
N TRP C 290 -1.52 27.74 -0.82
CA TRP C 290 -2.22 29.03 -0.92
C TRP C 290 -2.41 29.50 -2.38
N TYR C 291 -1.67 28.89 -3.32
CA TYR C 291 -1.67 29.30 -4.73
C TYR C 291 -1.49 30.80 -4.79
N GLN C 292 -2.27 31.44 -5.65
CA GLN C 292 -2.41 32.87 -5.70
C GLN C 292 -3.89 33.17 -5.92
N VAL C 293 -4.25 34.44 -5.85
CA VAL C 293 -5.65 34.84 -5.97
C VAL C 293 -5.79 35.97 -6.99
N ARG C 294 -6.77 35.86 -7.88
CA ARG C 294 -7.06 36.93 -8.83
C ARG C 294 -8.49 37.42 -8.73
N CYS C 295 -8.62 38.73 -8.68
CA CYS C 295 -9.90 39.45 -8.70
C CYS C 295 -10.04 40.19 -10.00
N LEU C 296 -11.06 39.85 -10.77
CA LEU C 296 -11.32 40.49 -12.06
C LEU C 296 -11.95 41.87 -11.91
N PHE C 297 -11.60 42.75 -12.84
CA PHE C 297 -12.34 43.98 -13.05
C PHE C 297 -13.57 43.67 -13.87
N GLN C 298 -14.64 44.39 -13.59
CA GLN C 298 -15.87 44.20 -14.34
C GLN C 298 -15.67 44.52 -15.83
N SER C 299 -14.81 45.48 -16.07
CA SER C 299 -14.44 45.94 -17.40
C SER C 299 -12.93 46.10 -17.51
N PRO C 300 -12.30 45.46 -18.50
CA PRO C 300 -10.84 45.63 -18.55
C PRO C 300 -10.42 47.06 -18.84
N LEU C 301 -9.23 47.43 -18.40
CA LEU C 301 -8.68 48.77 -18.62
C LEU C 301 -7.46 48.72 -19.53
N PHE C 302 -7.43 49.53 -20.59
CA PHE C 302 -6.22 49.62 -21.41
C PHE C 302 -5.18 50.51 -20.77
N ALA C 303 -3.95 50.02 -20.74
CA ALA C 303 -2.86 50.80 -20.21
C ALA C 303 -1.59 50.57 -21.03
N LYS C 304 -0.81 51.64 -21.20
CA LYS C 304 0.43 51.60 -21.94
C LYS C 304 1.59 51.42 -20.98
N ALA C 305 2.66 50.76 -21.42
CA ALA C 305 3.88 50.70 -20.60
C ALA C 305 4.23 52.17 -20.30
N GLY C 306 4.51 52.48 -19.03
CA GLY C 306 4.79 53.86 -18.65
C GLY C 306 3.59 54.59 -18.05
N ASP C 307 2.37 54.16 -18.35
CA ASP C 307 1.17 54.68 -17.66
C ASP C 307 1.17 54.31 -16.17
N THR C 308 0.33 54.99 -15.40
CA THR C 308 0.17 54.65 -13.99
C THR C 308 -1.27 54.18 -13.77
N LEU C 309 -1.41 53.06 -13.07
CA LEU C 309 -2.72 52.48 -12.73
C LEU C 309 -2.88 52.64 -11.22
N SER C 310 -3.80 53.50 -10.80
CA SER C 310 -3.91 53.86 -9.40
C SER C 310 -5.32 53.56 -8.88
N GLY C 311 -5.42 53.37 -7.57
CA GLY C 311 -6.71 53.13 -6.98
C GLY C 311 -6.56 52.53 -5.58
N THR C 312 -7.56 51.80 -5.15
CA THR C 312 -7.56 51.25 -3.80
C THR C 312 -8.23 49.90 -3.79
N CYS C 313 -7.65 49.01 -2.98
CA CYS C 313 -8.27 47.77 -2.67
C CYS C 313 -8.63 47.87 -1.21
N LEU C 314 -9.93 47.82 -0.92
CA LEU C 314 -10.44 47.94 0.45
C LEU C 314 -10.97 46.58 0.88
N LEU C 315 -10.40 46.02 1.94
CA LEU C 315 -10.84 44.73 2.46
C LEU C 315 -11.64 44.98 3.73
N ILE C 316 -12.92 44.61 3.72
CA ILE C 316 -13.82 44.87 4.82
C ILE C 316 -14.17 43.52 5.45
N ALA C 317 -13.73 43.32 6.69
CA ALA C 317 -13.96 42.06 7.36
C ALA C 317 -15.46 41.85 7.54
N ASN C 318 -15.93 40.61 7.36
CA ASN C 318 -17.32 40.28 7.60
C ASN C 318 -17.43 39.14 8.62
N LYS C 319 -18.64 38.82 9.08
CA LYS C 319 -18.78 37.85 10.17
C LYS C 319 -18.74 36.40 9.70
N ARG C 320 -18.45 36.17 8.42
CA ARG C 320 -18.25 34.82 7.93
C ARG C 320 -16.77 34.51 7.82
N GLN C 321 -16.00 35.10 8.72
CA GLN C 321 -14.57 34.86 8.82
C GLN C 321 -13.86 35.11 7.50
N SER C 322 -14.32 36.12 6.80
CA SER C 322 -13.70 36.49 5.55
C SER C 322 -13.85 37.99 5.32
N TYR C 323 -13.69 38.38 4.06
CA TYR C 323 -13.66 39.77 3.67
C TYR C 323 -14.52 40.00 2.45
N ASP C 324 -15.17 41.16 2.41
CA ASP C 324 -15.65 41.76 1.15
C ASP C 324 -14.53 42.62 0.57
N ILE C 325 -14.23 42.39 -0.70
CA ILE C 325 -13.12 43.05 -1.35
C ILE C 325 -13.72 44.09 -2.28
N SER C 326 -13.34 45.36 -2.09
CA SER C 326 -13.77 46.43 -2.98
C SER C 326 -12.54 46.97 -3.68
N ILE C 327 -12.55 46.91 -5.01
CA ILE C 327 -11.46 47.39 -5.82
C ILE C 327 -11.92 48.47 -6.77
N VAL C 328 -11.25 49.63 -6.70
CA VAL C 328 -11.44 50.73 -7.66
C VAL C 328 -10.11 51.03 -8.29
N ALA C 329 -10.09 51.14 -9.60
CA ALA C 329 -8.86 51.34 -10.33
C ALA C 329 -9.08 52.26 -11.49
N GLN C 330 -8.09 53.07 -11.78
CA GLN C 330 -8.13 53.93 -12.95
C GLN C 330 -6.75 54.09 -13.57
N VAL C 331 -6.75 54.25 -14.89
CA VAL C 331 -5.54 54.61 -15.62
C VAL C 331 -5.42 56.12 -15.56
N ASP C 332 -4.45 56.63 -14.83
CA ASP C 332 -4.42 58.07 -14.58
C ASP C 332 -4.35 58.87 -15.90
N GLN C 333 -3.55 58.40 -16.85
CA GLN C 333 -3.30 59.19 -18.06
C GLN C 333 -4.53 59.28 -18.97
N THR C 334 -5.51 58.41 -18.81
CA THR C 334 -6.71 58.40 -19.69
C THR C 334 -8.02 58.61 -18.96
N GLY C 335 -8.00 58.39 -17.65
CA GLY C 335 -9.20 58.43 -16.86
C GLY C 335 -10.13 57.23 -16.99
N SER C 336 -9.74 56.18 -17.71
CA SER C 336 -10.56 54.96 -17.79
C SER C 336 -10.59 54.31 -16.41
N LYS C 337 -11.79 54.00 -15.93
CA LYS C 337 -12.00 53.53 -14.55
C LYS C 337 -12.77 52.20 -14.51
N SER C 338 -12.47 51.34 -13.53
CA SER C 338 -13.31 50.16 -13.35
C SER C 338 -13.29 49.80 -11.87
N SER C 339 -14.25 49.00 -11.49
CA SER C 339 -14.29 48.49 -10.14
C SER C 339 -14.63 47.00 -10.06
N ASN C 340 -14.63 46.45 -8.84
CA ASN C 340 -15.37 45.23 -8.62
C ASN C 340 -15.65 45.09 -7.11
N LEU C 341 -16.69 44.34 -6.78
CA LEU C 341 -16.94 43.98 -5.38
C LEU C 341 -16.92 42.47 -5.32
N LEU C 342 -16.06 41.88 -4.49
CA LEU C 342 -15.91 40.43 -4.47
C LEU C 342 -16.10 39.86 -3.08
N ASP C 343 -16.54 38.62 -3.02
CA ASP C 343 -16.79 37.90 -1.77
C ASP C 343 -15.72 36.83 -1.56
N LEU C 344 -14.75 37.12 -0.71
CA LEU C 344 -13.64 36.18 -0.50
C LEU C 344 -14.08 34.88 0.19
N LYS C 345 -15.29 34.85 0.73
CA LYS C 345 -15.73 33.62 1.40
C LYS C 345 -16.18 32.56 0.42
N ASN C 346 -16.39 32.94 -0.83
CA ASN C 346 -16.84 32.02 -1.87
C ASN C 346 -15.92 32.05 -3.08
N PRO C 347 -14.65 31.69 -2.90
CA PRO C 347 -13.70 31.72 -4.02
C PRO C 347 -14.02 30.64 -5.07
N PHE C 348 -13.61 30.87 -6.31
CA PHE C 348 -13.68 29.83 -7.34
C PHE C 348 -12.33 29.16 -7.45
N PHE C 349 -12.26 27.88 -7.07
N PHE C 349 -12.28 27.86 -7.14
CA PHE C 349 -11.01 27.11 -7.20
CA PHE C 349 -11.05 27.09 -7.21
C PHE C 349 -10.90 26.60 -8.62
C PHE C 349 -10.90 26.58 -8.63
N ARG C 350 -10.06 27.27 -9.40
CA ARG C 350 -9.95 27.05 -10.83
C ARG C 350 -8.84 26.05 -11.20
N TYR C 351 -7.81 25.99 -10.34
CA TYR C 351 -6.60 25.19 -10.56
C TYR C 351 -6.89 23.72 -10.91
N THR C 352 -6.13 23.23 -11.89
CA THR C 352 -6.32 21.90 -12.45
C THR C 352 -5.06 21.03 -12.30
N SER D 10 -40.33 23.47 13.15
CA SER D 10 -40.88 22.66 12.07
C SER D 10 -40.23 21.29 12.00
N VAL D 11 -40.76 20.42 11.14
CA VAL D 11 -40.20 19.09 10.99
C VAL D 11 -38.76 19.21 10.44
N PHE D 12 -38.53 20.18 9.55
CA PHE D 12 -37.18 20.38 8.97
C PHE D 12 -36.17 20.85 10.02
N SER D 13 -36.52 21.90 10.77
CA SER D 13 -35.60 22.48 11.76
C SER D 13 -35.31 21.51 12.92
N GLU D 14 -36.27 20.65 13.24
CA GLU D 14 -36.09 19.68 14.35
C GLU D 14 -35.13 18.55 14.00
N ARG D 15 -35.01 18.22 12.71
CA ARG D 15 -34.12 17.15 12.29
C ARG D 15 -32.82 17.72 11.72
N THR D 16 -32.71 19.05 11.69
CA THR D 16 -31.60 19.72 11.01
C THR D 16 -30.90 20.77 11.87
N GLU D 17 -29.59 20.59 11.99
CA GLU D 17 -28.69 21.54 12.61
C GLU D 17 -28.65 22.86 11.80
N GLU D 18 -28.79 23.98 12.52
CA GLU D 18 -28.84 25.30 11.90
C GLU D 18 -27.62 25.58 11.01
N SER D 19 -26.43 25.18 11.49
CA SER D 19 -25.21 25.37 10.72
C SER D 19 -25.32 24.70 9.35
N SER D 20 -25.83 23.47 9.34
CA SER D 20 -25.99 22.70 8.11
C SER D 20 -27.04 23.31 7.16
N ALA D 21 -28.20 23.68 7.70
CA ALA D 21 -29.28 24.22 6.88
C ALA D 21 -28.87 25.52 6.18
N VAL D 22 -28.14 26.37 6.90
CA VAL D 22 -27.73 27.67 6.35
C VAL D 22 -26.85 27.50 5.13
N GLN D 23 -25.77 26.74 5.31
CA GLN D 23 -24.79 26.48 4.25
C GLN D 23 -25.44 25.68 3.11
N TYR D 24 -26.37 24.81 3.46
CA TYR D 24 -27.05 23.97 2.48
C TYR D 24 -27.84 24.84 1.50
N PHE D 25 -28.70 25.71 2.01
CA PHE D 25 -29.55 26.47 1.09
C PHE D 25 -28.78 27.61 0.45
N GLN D 26 -27.70 28.07 1.09
CA GLN D 26 -26.78 29.01 0.42
C GLN D 26 -26.17 28.40 -0.83
N PHE D 27 -25.74 27.13 -0.73
CA PHE D 27 -25.15 26.39 -1.84
C PHE D 27 -26.08 26.41 -3.07
N TYR D 28 -27.37 26.17 -2.82
CA TYR D 28 -28.32 26.08 -3.92
C TYR D 28 -28.85 27.41 -4.39
N GLY D 29 -28.48 28.48 -3.69
CA GLY D 29 -28.78 29.85 -4.10
C GLY D 29 -27.84 30.35 -5.21
N TYR D 30 -26.80 29.59 -5.54
CA TYR D 30 -25.89 30.00 -6.60
C TYR D 30 -26.37 29.51 -7.98
N LEU D 31 -26.45 30.45 -8.90
CA LEU D 31 -26.78 30.11 -10.29
C LEU D 31 -25.78 29.12 -10.86
N SER D 32 -24.51 29.20 -10.47
CA SER D 32 -23.52 28.27 -11.01
C SER D 32 -23.85 26.84 -10.64
N GLN D 33 -24.42 26.67 -9.44
CA GLN D 33 -24.76 25.35 -8.99
C GLN D 33 -25.99 24.85 -9.71
N GLN D 34 -26.97 25.73 -9.92
CA GLN D 34 -28.17 25.31 -10.66
C GLN D 34 -27.78 24.95 -12.09
N GLN D 35 -26.90 25.74 -12.67
CA GLN D 35 -26.39 25.45 -14.00
C GLN D 35 -25.75 24.06 -14.10
N ASN D 36 -24.91 23.72 -13.12
CA ASN D 36 -24.25 22.43 -13.11
C ASN D 36 -25.29 21.29 -13.14
N MET D 37 -26.37 21.42 -12.38
CA MET D 37 -27.40 20.38 -12.36
C MET D 37 -28.19 20.36 -13.67
N MET D 38 -28.51 21.53 -14.17
CA MET D 38 -29.25 21.62 -15.42
C MET D 38 -28.48 20.98 -16.57
N GLN D 39 -27.16 21.10 -16.54
CA GLN D 39 -26.27 20.62 -17.61
C GLN D 39 -26.02 19.12 -17.54
N ASP D 40 -26.52 18.46 -16.50
CA ASP D 40 -26.51 17.00 -16.49
C ASP D 40 -27.65 16.60 -17.41
N TYR D 41 -27.32 16.31 -18.66
CA TYR D 41 -28.36 16.11 -19.68
C TYR D 41 -29.13 14.80 -19.46
N VAL D 42 -28.46 13.79 -18.92
CA VAL D 42 -29.15 12.56 -18.56
C VAL D 42 -30.23 12.87 -17.55
N ARG D 43 -29.87 13.64 -16.51
CA ARG D 43 -30.83 14.02 -15.47
C ARG D 43 -31.96 14.87 -16.05
N THR D 44 -31.61 16.00 -16.66
CA THR D 44 -32.64 16.96 -17.06
C THR D 44 -33.49 16.39 -18.19
N GLY D 45 -32.83 15.74 -19.15
CA GLY D 45 -33.52 15.13 -20.28
C GLY D 45 -34.46 13.99 -19.91
N THR D 46 -34.06 13.18 -18.93
CA THR D 46 -34.89 12.09 -18.47
C THR D 46 -36.08 12.64 -17.71
N TYR D 47 -35.87 13.65 -16.87
CA TYR D 47 -37.01 14.28 -16.22
C TYR D 47 -38.00 14.83 -17.24
N GLN D 48 -37.51 15.52 -18.28
CA GLN D 48 -38.42 16.08 -19.26
C GLN D 48 -39.20 14.95 -19.99
N ARG D 49 -38.51 13.88 -20.42
CA ARG D 49 -39.20 12.72 -21.03
C ARG D 49 -40.25 12.11 -20.10
N ALA D 50 -39.92 11.92 -18.83
CA ALA D 50 -40.86 11.38 -17.85
C ALA D 50 -42.14 12.19 -17.78
N ILE D 51 -41.99 13.51 -17.78
CA ILE D 51 -43.12 14.39 -17.62
C ILE D 51 -43.87 14.54 -18.93
N LEU D 52 -43.18 14.82 -20.04
CA LEU D 52 -43.88 15.02 -21.32
C LEU D 52 -44.52 13.73 -21.85
N GLN D 53 -43.86 12.59 -21.70
CA GLN D 53 -44.44 11.36 -22.28
C GLN D 53 -45.63 10.88 -21.43
N ASN D 54 -45.70 11.35 -20.18
CA ASN D 54 -46.87 11.12 -19.33
C ASN D 54 -47.70 12.42 -19.14
N HIS D 55 -47.94 13.10 -20.27
CA HIS D 55 -48.58 14.41 -20.26
C HIS D 55 -49.98 14.33 -19.65
N THR D 56 -50.63 13.17 -19.76
CA THR D 56 -51.95 13.03 -19.16
C THR D 56 -51.98 13.05 -17.62
N ASP D 57 -50.84 12.77 -17.00
CA ASP D 57 -50.75 12.91 -15.54
C ASP D 57 -50.59 14.36 -15.09
N PHE D 58 -50.47 15.26 -16.07
CA PHE D 58 -50.26 16.69 -15.83
C PHE D 58 -51.36 17.54 -16.44
N LYS D 59 -51.97 17.08 -17.53
CA LYS D 59 -52.97 17.86 -18.23
C LYS D 59 -54.10 18.35 -17.31
N ASP D 60 -54.23 19.66 -17.21
CA ASP D 60 -55.26 20.31 -16.38
C ASP D 60 -55.18 19.95 -14.89
N LYS D 61 -54.01 19.51 -14.45
CA LYS D 61 -53.79 19.10 -13.07
C LYS D 61 -53.16 20.20 -12.22
N ILE D 62 -53.26 19.99 -10.91
CA ILE D 62 -52.59 20.80 -9.93
C ILE D 62 -51.33 20.06 -9.50
N VAL D 63 -50.20 20.77 -9.53
CA VAL D 63 -48.89 20.18 -9.32
C VAL D 63 -48.13 20.89 -8.19
N LEU D 64 -47.38 20.10 -7.43
CA LEU D 64 -46.41 20.64 -6.46
C LEU D 64 -45.01 20.20 -6.88
N ASP D 65 -44.12 21.19 -7.05
CA ASP D 65 -42.71 20.94 -7.32
C ASP D 65 -41.92 21.20 -6.02
N VAL D 66 -41.46 20.14 -5.39
CA VAL D 66 -40.73 20.30 -4.13
C VAL D 66 -39.25 20.62 -4.37
N GLY D 67 -38.85 21.85 -4.05
CA GLY D 67 -37.49 22.28 -4.21
C GLY D 67 -37.24 22.60 -5.67
N CYS D 68 -37.90 23.63 -6.17
CA CYS D 68 -37.97 23.84 -7.61
C CYS D 68 -36.67 24.38 -8.22
N GLY D 69 -35.80 24.93 -7.38
CA GLY D 69 -34.55 25.47 -7.88
C GLY D 69 -34.82 26.56 -8.91
N SER D 70 -34.23 26.43 -10.09
CA SER D 70 -34.47 27.36 -11.20
C SER D 70 -35.91 27.35 -11.74
N GLY D 71 -36.66 26.30 -11.41
CA GLY D 71 -38.03 26.11 -11.88
C GLY D 71 -38.20 25.10 -13.03
N ILE D 72 -37.08 24.52 -13.46
CA ILE D 72 -37.04 23.73 -14.68
C ILE D 72 -38.10 22.61 -14.70
N LEU D 73 -38.30 21.87 -13.61
CA LEU D 73 -39.32 20.83 -13.63
C LEU D 73 -40.74 21.40 -13.70
N SER D 74 -40.96 22.58 -13.10
CA SER D 74 -42.26 23.21 -13.17
C SER D 74 -42.52 23.66 -14.61
N PHE D 75 -41.49 24.09 -15.33
CA PHE D 75 -41.66 24.43 -16.73
C PHE D 75 -42.02 23.18 -17.50
N PHE D 76 -41.43 22.03 -17.17
CA PHE D 76 -41.81 20.78 -17.86
C PHE D 76 -43.28 20.44 -17.59
N ALA D 77 -43.70 20.60 -16.34
CA ALA D 77 -45.09 20.39 -15.95
C ALA D 77 -46.05 21.30 -16.73
N ALA D 78 -45.64 22.55 -16.95
CA ALA D 78 -46.45 23.49 -17.72
C ALA D 78 -46.51 23.09 -19.20
N GLN D 79 -45.38 22.63 -19.74
CA GLN D 79 -45.33 22.15 -21.13
C GLN D 79 -46.31 21.00 -21.31
N ALA D 80 -46.40 20.17 -20.29
CA ALA D 80 -47.28 19.00 -20.33
C ALA D 80 -48.75 19.33 -20.03
N GLY D 81 -49.06 20.61 -19.84
CA GLY D 81 -50.44 21.07 -19.77
C GLY D 81 -51.01 21.27 -18.37
N ALA D 82 -50.17 21.34 -17.35
CA ALA D 82 -50.68 21.54 -15.98
C ALA D 82 -51.46 22.84 -15.87
N ARG D 83 -52.53 22.82 -15.10
CA ARG D 83 -53.31 24.01 -14.84
C ARG D 83 -52.63 24.95 -13.82
N LYS D 84 -52.08 24.40 -12.74
CA LYS D 84 -51.45 25.25 -11.73
C LYS D 84 -50.34 24.46 -11.06
N ILE D 85 -49.19 25.10 -10.94
CA ILE D 85 -48.00 24.43 -10.38
C ILE D 85 -47.47 25.27 -9.24
N TYR D 86 -47.46 24.71 -8.03
CA TYR D 86 -46.84 25.40 -6.92
C TYR D 86 -45.41 24.97 -6.82
N ALA D 87 -44.52 25.93 -6.98
CA ALA D 87 -43.09 25.63 -7.06
C ALA D 87 -42.45 26.16 -5.78
N VAL D 88 -42.16 25.24 -4.86
CA VAL D 88 -41.64 25.58 -3.55
C VAL D 88 -40.12 25.49 -3.51
N GLU D 89 -39.47 26.52 -2.97
CA GLU D 89 -38.01 26.60 -2.95
C GLU D 89 -37.55 27.44 -1.77
N ALA D 90 -36.67 26.86 -0.95
CA ALA D 90 -36.27 27.45 0.31
C ALA D 90 -35.10 28.41 0.17
N SER D 91 -34.25 28.23 -0.84
CA SER D 91 -33.10 29.11 -1.07
C SER D 91 -33.53 30.39 -1.82
N THR D 92 -32.60 31.34 -1.93
CA THR D 92 -32.89 32.57 -2.66
C THR D 92 -33.04 32.30 -4.18
N MET D 93 -32.78 31.07 -4.64
CA MET D 93 -33.02 30.73 -6.04
C MET D 93 -34.52 30.95 -6.37
N ALA D 94 -35.37 30.96 -5.35
CA ALA D 94 -36.80 31.19 -5.57
C ALA D 94 -37.04 32.49 -6.36
N GLN D 95 -36.26 33.50 -6.06
CA GLN D 95 -36.45 34.78 -6.73
C GLN D 95 -35.99 34.70 -8.20
N HIS D 96 -35.00 33.88 -8.49
CA HIS D 96 -34.59 33.68 -9.87
C HIS D 96 -35.62 32.89 -10.66
N ALA D 97 -36.22 31.88 -10.02
CA ALA D 97 -37.29 31.09 -10.64
C ALA D 97 -38.46 32.03 -11.03
N GLU D 98 -38.78 32.94 -10.14
CA GLU D 98 -39.88 33.88 -10.40
C GLU D 98 -39.57 34.79 -11.58
N VAL D 99 -38.31 35.20 -11.69
CA VAL D 99 -37.87 35.99 -12.85
C VAL D 99 -38.12 35.20 -14.12
N LEU D 100 -37.82 33.92 -14.11
CA LEU D 100 -38.05 33.08 -15.31
C LEU D 100 -39.51 32.80 -15.60
N VAL D 101 -40.32 32.63 -14.57
CA VAL D 101 -41.75 32.44 -14.77
C VAL D 101 -42.34 33.65 -15.51
N LYS D 102 -41.98 34.86 -15.07
CA LYS D 102 -42.46 36.04 -15.74
C LYS D 102 -41.92 36.18 -17.17
N SER D 103 -40.61 35.96 -17.36
CA SER D 103 -40.03 36.16 -18.69
C SER D 103 -40.51 35.06 -19.65
N ASN D 104 -40.99 33.94 -19.13
CA ASN D 104 -41.56 32.91 -20.00
C ASN D 104 -43.10 33.00 -20.11
N ASN D 105 -43.69 34.08 -19.59
CA ASN D 105 -45.12 34.32 -19.65
C ASN D 105 -45.96 33.17 -19.12
N LEU D 106 -45.56 32.66 -17.95
CA LEU D 106 -46.22 31.52 -17.33
C LEU D 106 -46.75 31.86 -15.93
N THR D 107 -47.01 33.16 -15.70
CA THR D 107 -47.49 33.65 -14.41
C THR D 107 -48.88 33.08 -14.11
N ASP D 108 -49.61 32.69 -15.14
CA ASP D 108 -50.95 32.15 -14.89
C ASP D 108 -50.90 30.67 -14.50
N ARG D 109 -49.72 30.05 -14.51
CA ARG D 109 -49.65 28.59 -14.32
C ARG D 109 -48.61 28.13 -13.28
N ILE D 110 -47.52 28.87 -13.15
CA ILE D 110 -46.49 28.56 -12.18
C ILE D 110 -46.49 29.61 -11.07
N VAL D 111 -46.68 29.14 -9.84
CA VAL D 111 -46.68 30.01 -8.67
C VAL D 111 -45.48 29.64 -7.79
N VAL D 112 -44.50 30.52 -7.74
CA VAL D 112 -43.37 30.26 -6.86
C VAL D 112 -43.73 30.56 -5.43
N ILE D 113 -43.47 29.57 -4.58
CA ILE D 113 -43.73 29.69 -3.14
C ILE D 113 -42.40 29.66 -2.37
N PRO D 114 -41.90 30.83 -1.94
CA PRO D 114 -40.64 30.77 -1.20
C PRO D 114 -40.77 30.17 0.20
N GLY D 115 -39.80 29.32 0.54
CA GLY D 115 -39.75 28.72 1.87
C GLY D 115 -39.50 27.21 1.84
N LYS D 116 -39.42 26.60 3.03
CA LYS D 116 -39.25 25.15 3.14
C LYS D 116 -40.59 24.46 3.00
N VAL D 117 -40.62 23.33 2.30
CA VAL D 117 -41.90 22.68 2.03
C VAL D 117 -42.57 22.24 3.34
N GLU D 118 -41.77 22.08 4.39
CA GLU D 118 -42.29 21.72 5.69
C GLU D 118 -43.02 22.86 6.41
N GLU D 119 -42.85 24.09 5.93
CA GLU D 119 -43.30 25.28 6.66
C GLU D 119 -44.30 26.17 5.88
N VAL D 120 -44.30 26.10 4.56
CA VAL D 120 -45.17 27.00 3.79
C VAL D 120 -46.63 26.54 3.86
N SER D 121 -47.55 27.44 3.50
CA SER D 121 -48.95 27.07 3.31
C SER D 121 -49.28 27.07 1.81
N LEU D 122 -49.96 26.03 1.35
CA LEU D 122 -50.45 25.95 -0.04
C LEU D 122 -51.96 26.19 -0.01
N PRO D 123 -52.52 26.79 -1.07
CA PRO D 123 -53.95 27.09 -1.01
C PRO D 123 -54.84 25.85 -1.22
N GLU D 124 -54.28 24.77 -1.77
CA GLU D 124 -55.09 23.61 -2.12
C GLU D 124 -54.23 22.35 -2.17
N GLN D 125 -54.91 21.20 -2.22
CA GLN D 125 -54.23 19.90 -2.39
C GLN D 125 -53.90 19.69 -3.85
N VAL D 126 -52.88 18.88 -4.12
CA VAL D 126 -52.39 18.74 -5.49
C VAL D 126 -52.64 17.32 -6.01
N ASP D 127 -52.66 17.20 -7.32
CA ASP D 127 -52.86 15.92 -7.99
C ASP D 127 -51.59 15.09 -8.08
N ILE D 128 -50.45 15.76 -8.12
CA ILE D 128 -49.20 15.10 -8.37
C ILE D 128 -48.05 15.95 -7.82
N ILE D 129 -47.07 15.28 -7.21
CA ILE D 129 -45.87 15.92 -6.70
C ILE D 129 -44.71 15.52 -7.60
N ILE D 130 -43.93 16.52 -7.99
CA ILE D 130 -42.68 16.29 -8.70
C ILE D 130 -41.52 16.87 -7.89
N SER D 131 -40.37 16.20 -8.02
CA SER D 131 -39.17 16.65 -7.33
C SER D 131 -37.93 15.90 -7.86
N GLU D 132 -36.78 16.53 -7.68
CA GLU D 132 -35.49 15.88 -7.80
C GLU D 132 -34.81 16.01 -6.46
N PRO D 133 -35.07 15.07 -5.56
CA PRO D 133 -34.53 15.08 -4.20
C PRO D 133 -33.37 14.11 -3.94
N MET D 134 -32.81 13.51 -4.99
CA MET D 134 -31.83 12.46 -4.84
C MET D 134 -30.46 13.05 -4.59
N GLY D 135 -29.79 12.51 -3.60
CA GLY D 135 -28.38 12.80 -3.37
C GLY D 135 -27.47 11.59 -3.65
N TYR D 136 -26.17 11.73 -3.37
CA TYR D 136 -25.24 10.61 -3.43
C TYR D 136 -25.83 9.42 -2.69
N MET D 137 -25.70 8.23 -3.28
CA MET D 137 -26.19 7.03 -2.61
C MET D 137 -27.71 7.13 -2.33
N LEU D 138 -28.39 7.87 -3.21
CA LEU D 138 -29.81 8.19 -3.17
C LEU D 138 -30.18 9.14 -2.01
N PHE D 139 -29.81 8.77 -0.78
CA PHE D 139 -30.33 9.41 0.42
C PHE D 139 -29.59 10.62 0.94
N ASN D 140 -28.35 10.84 0.51
CA ASN D 140 -27.59 11.96 1.05
C ASN D 140 -28.34 13.29 0.84
N GLU D 141 -28.19 14.18 1.83
CA GLU D 141 -28.87 15.49 1.94
C GLU D 141 -30.26 15.43 2.57
N ARG D 142 -30.82 14.22 2.67
CA ARG D 142 -32.08 13.98 3.36
C ARG D 142 -33.26 14.67 2.74
N MET D 143 -33.14 15.02 1.47
CA MET D 143 -34.22 15.72 0.82
C MET D 143 -35.39 14.78 0.50
N LEU D 144 -35.17 13.47 0.49
CA LEU D 144 -36.29 12.55 0.26
C LEU D 144 -37.31 12.67 1.38
N GLU D 145 -36.85 13.03 2.56
CA GLU D 145 -37.77 13.28 3.67
C GLU D 145 -38.67 14.48 3.41
N SER D 146 -38.13 15.52 2.78
CA SER D 146 -38.93 16.68 2.44
C SER D 146 -39.95 16.33 1.36
N TYR D 147 -39.52 15.50 0.42
CA TYR D 147 -40.38 14.99 -0.65
C TYR D 147 -41.55 14.18 -0.05
N LEU D 148 -41.26 13.29 0.89
CA LEU D 148 -42.29 12.48 1.52
C LEU D 148 -43.19 13.34 2.42
N HIS D 149 -42.61 14.32 3.10
CA HIS D 149 -43.37 15.23 3.95
C HIS D 149 -44.46 15.94 3.16
N ALA D 150 -44.08 16.29 1.95
CA ALA D 150 -44.94 17.02 1.06
C ALA D 150 -46.23 16.26 0.72
N LYS D 151 -46.29 14.97 1.04
CA LYS D 151 -47.49 14.21 0.75
C LYS D 151 -48.68 14.66 1.59
N LYS D 152 -48.43 15.49 2.60
CA LYS D 152 -49.54 16.07 3.33
C LYS D 152 -50.39 16.95 2.39
N TYR D 153 -49.83 17.39 1.27
CA TYR D 153 -50.56 18.21 0.30
C TYR D 153 -51.15 17.42 -0.87
N LEU D 154 -50.93 16.11 -0.85
CA LEU D 154 -51.27 15.24 -1.97
C LEU D 154 -52.68 14.71 -1.82
N LYS D 155 -53.50 14.91 -2.85
CA LYS D 155 -54.85 14.31 -2.83
C LYS D 155 -54.77 12.80 -2.68
N PRO D 156 -55.83 12.19 -2.11
CA PRO D 156 -55.83 10.73 -2.11
C PRO D 156 -55.66 10.21 -3.54
N SER D 157 -54.87 9.15 -3.69
CA SER D 157 -54.59 8.55 -5.00
C SER D 157 -53.81 9.45 -5.94
N GLY D 158 -53.22 10.54 -5.44
CA GLY D 158 -52.36 11.35 -6.28
C GLY D 158 -51.08 10.61 -6.63
N ASN D 159 -50.30 11.14 -7.56
CA ASN D 159 -49.09 10.45 -7.98
C ASN D 159 -47.84 11.21 -7.53
N MET D 160 -46.72 10.52 -7.61
N MET D 160 -46.71 10.51 -7.61
CA MET D 160 -45.42 11.09 -7.27
CA MET D 160 -45.40 11.01 -7.22
C MET D 160 -44.42 10.75 -8.35
C MET D 160 -44.41 10.74 -8.35
N PHE D 161 -43.70 11.77 -8.78
CA PHE D 161 -42.71 11.68 -9.84
C PHE D 161 -41.37 12.22 -9.31
N PRO D 162 -40.41 11.35 -8.96
CA PRO D 162 -40.40 9.90 -9.12
C PRO D 162 -41.30 9.14 -8.14
N THR D 163 -41.66 7.93 -8.55
CA THR D 163 -42.61 7.10 -7.81
C THR D 163 -41.88 6.15 -6.89
N ILE D 164 -40.80 5.56 -7.39
CA ILE D 164 -39.99 4.66 -6.56
C ILE D 164 -38.51 4.93 -6.74
N GLY D 165 -37.75 4.50 -5.75
CA GLY D 165 -36.29 4.58 -5.77
C GLY D 165 -35.68 3.23 -5.37
N ASP D 166 -34.77 2.76 -6.20
CA ASP D 166 -34.06 1.51 -5.97
C ASP D 166 -32.62 1.83 -5.63
N VAL D 167 -32.16 1.42 -4.45
CA VAL D 167 -30.73 1.49 -4.15
C VAL D 167 -30.10 0.15 -4.50
N HIS D 168 -29.00 0.18 -5.24
CA HIS D 168 -28.26 -1.05 -5.57
C HIS D 168 -26.93 -1.08 -4.80
N LEU D 169 -26.61 -2.27 -4.29
CA LEU D 169 -25.35 -2.54 -3.61
C LEU D 169 -24.69 -3.76 -4.26
N ALA D 170 -23.37 -3.73 -4.41
CA ALA D 170 -22.63 -4.86 -4.95
C ALA D 170 -21.19 -4.87 -4.46
N PRO D 171 -20.62 -6.04 -4.18
CA PRO D 171 -19.22 -6.11 -3.76
C PRO D 171 -18.28 -5.81 -4.92
N PHE D 172 -17.18 -5.14 -4.66
CA PHE D 172 -16.21 -4.84 -5.70
C PHE D 172 -14.82 -5.19 -5.26
N THR D 173 -13.95 -5.38 -6.25
CA THR D 173 -12.53 -5.52 -6.02
C THR D 173 -11.80 -4.36 -6.70
N ASP D 174 -10.96 -3.67 -5.94
CA ASP D 174 -10.17 -2.56 -6.48
C ASP D 174 -8.96 -2.29 -5.59
N GLU D 175 -7.91 -3.07 -5.83
CA GLU D 175 -6.69 -3.01 -5.08
C GLU D 175 -6.07 -1.62 -5.10
N GLN D 176 -6.10 -0.94 -6.24
CA GLN D 176 -5.45 0.38 -6.33
C GLN D 176 -6.16 1.43 -5.52
N LEU D 177 -7.49 1.44 -5.54
CA LEU D 177 -8.22 2.37 -4.71
C LEU D 177 -7.90 2.10 -3.23
N TYR D 178 -7.93 0.84 -2.84
CA TYR D 178 -7.66 0.49 -1.47
C TYR D 178 -6.30 1.01 -1.04
N MET D 179 -5.27 0.74 -1.84
CA MET D 179 -3.91 1.14 -1.46
C MET D 179 -3.72 2.66 -1.58
N GLU D 180 -4.46 3.30 -2.46
CA GLU D 180 -4.45 4.75 -2.55
C GLU D 180 -4.83 5.38 -1.21
N GLN D 181 -5.92 4.88 -0.63
CA GLN D 181 -6.38 5.35 0.66
C GLN D 181 -5.45 4.90 1.80
N PHE D 182 -4.91 3.70 1.70
CA PHE D 182 -4.01 3.17 2.71
C PHE D 182 -2.71 4.00 2.70
N THR D 183 -2.29 4.40 1.50
CA THR D 183 -1.09 5.23 1.30
C THR D 183 -1.24 6.59 1.98
N LYS D 184 -2.40 7.20 1.84
CA LYS D 184 -2.63 8.50 2.42
C LYS D 184 -2.55 8.40 3.94
N ALA D 185 -3.14 7.33 4.47
CA ALA D 185 -3.16 7.12 5.92
C ALA D 185 -1.77 6.85 6.48
N ASN D 186 -0.90 6.23 5.68
CA ASN D 186 0.41 5.78 6.13
C ASN D 186 1.35 6.99 6.39
N PHE D 187 0.91 8.18 5.98
CA PHE D 187 1.58 9.44 6.36
C PHE D 187 1.74 9.47 7.88
N TRP D 188 0.70 9.03 8.58
CA TRP D 188 0.64 9.11 10.04
C TRP D 188 1.37 7.96 10.73
N TYR D 189 2.04 7.15 9.92
CA TYR D 189 2.93 6.09 10.37
C TYR D 189 4.35 6.58 10.56
N GLN D 190 4.70 7.71 9.97
CA GLN D 190 6.07 8.22 10.07
C GLN D 190 6.58 8.42 11.48
N PRO D 191 7.73 7.81 11.81
CA PRO D 191 8.27 7.97 13.16
C PRO D 191 9.13 9.22 13.27
N SER D 192 9.40 9.88 12.14
CA SER D 192 10.25 11.06 12.13
C SER D 192 9.92 12.02 10.98
N PHE D 193 8.71 12.54 11.00
CA PHE D 193 8.31 13.61 10.11
C PHE D 193 8.88 14.95 10.60
N HIS D 194 9.90 15.46 9.92
CA HIS D 194 10.65 16.64 10.39
C HIS D 194 11.07 16.43 11.84
N GLY D 195 11.43 15.20 12.18
CA GLY D 195 11.90 14.90 13.53
C GLY D 195 10.80 14.53 14.52
N VAL D 196 9.54 14.50 14.07
CA VAL D 196 8.41 14.24 14.95
C VAL D 196 7.82 12.88 14.71
N ASP D 197 7.61 12.11 15.79
CA ASP D 197 6.97 10.81 15.69
C ASP D 197 5.44 10.94 15.62
N LEU D 198 4.88 10.61 14.46
CA LEU D 198 3.43 10.74 14.22
C LEU D 198 2.67 9.46 14.46
N SER D 199 3.42 8.36 14.64
CA SER D 199 2.88 7.00 14.51
C SER D 199 1.77 6.65 15.48
N ALA D 200 1.72 7.35 16.61
CA ALA D 200 0.67 7.06 17.57
C ALA D 200 -0.70 7.41 16.97
N LEU D 201 -0.71 8.23 15.92
CA LEU D 201 -1.97 8.61 15.26
C LEU D 201 -2.31 7.78 14.03
N ARG D 202 -1.51 6.77 13.71
CA ARG D 202 -1.80 6.00 12.51
C ARG D 202 -3.21 5.37 12.57
N GLY D 203 -3.58 4.82 13.71
CA GLY D 203 -4.89 4.20 13.85
C GLY D 203 -6.02 5.17 13.59
N ALA D 204 -5.90 6.36 14.18
CA ALA D 204 -6.91 7.38 14.05
C ALA D 204 -7.02 7.82 12.60
N ALA D 205 -5.87 7.88 11.91
CA ALA D 205 -5.81 8.31 10.51
C ALA D 205 -6.47 7.28 9.60
N VAL D 206 -6.15 6.00 9.78
CA VAL D 206 -6.80 4.93 9.01
C VAL D 206 -8.32 4.99 9.20
N ASP D 207 -8.77 5.11 10.44
CA ASP D 207 -10.21 5.21 10.70
C ASP D 207 -10.81 6.39 9.96
N GLU D 208 -10.14 7.53 10.02
CA GLU D 208 -10.69 8.70 9.38
C GLU D 208 -10.80 8.55 7.85
N TYR D 209 -9.72 8.10 7.20
CA TYR D 209 -9.73 7.99 5.74
C TYR D 209 -10.74 6.95 5.24
N PHE D 210 -10.83 5.82 5.93
CA PHE D 210 -11.71 4.75 5.49
C PHE D 210 -13.16 5.03 5.83
N ARG D 211 -13.42 6.06 6.63
CA ARG D 211 -14.78 6.52 6.88
C ARG D 211 -15.35 7.34 5.71
N GLN D 212 -14.49 7.68 4.74
CA GLN D 212 -14.92 8.50 3.61
C GLN D 212 -15.43 7.68 2.45
N PRO D 213 -16.74 7.79 2.13
CA PRO D 213 -17.16 7.11 0.91
C PRO D 213 -16.47 7.74 -0.30
N VAL D 214 -16.13 6.91 -1.27
CA VAL D 214 -15.40 7.35 -2.46
C VAL D 214 -16.40 7.64 -3.58
N VAL D 215 -16.46 8.90 -4.02
CA VAL D 215 -17.39 9.27 -5.12
C VAL D 215 -16.61 9.37 -6.43
N ASP D 216 -16.87 8.43 -7.33
CA ASP D 216 -16.30 8.45 -8.69
C ASP D 216 -16.95 7.33 -9.47
N THR D 217 -16.49 7.08 -10.69
CA THR D 217 -17.05 6.00 -11.46
C THR D 217 -16.00 4.91 -11.62
N PHE D 218 -16.41 3.80 -12.19
CA PHE D 218 -15.54 2.66 -12.35
C PHE D 218 -16.01 1.73 -13.44
N ASP D 219 -15.10 0.85 -13.83
CA ASP D 219 -15.40 -0.22 -14.75
C ASP D 219 -16.27 -1.26 -14.09
N ILE D 220 -17.30 -1.70 -14.81
CA ILE D 220 -18.23 -2.66 -14.24
C ILE D 220 -17.57 -4.02 -13.95
N ARG D 221 -16.40 -4.26 -14.53
CA ARG D 221 -15.72 -5.55 -14.33
C ARG D 221 -15.14 -5.67 -12.93
N ILE D 222 -15.14 -4.58 -12.16
CA ILE D 222 -14.69 -4.67 -10.78
C ILE D 222 -15.77 -5.29 -9.87
N LEU D 223 -17.00 -5.44 -10.37
CA LEU D 223 -18.12 -5.94 -9.56
C LEU D 223 -18.03 -7.46 -9.47
N MET D 224 -18.18 -7.99 -8.26
N MET D 224 -18.16 -8.00 -8.26
CA MET D 224 -17.91 -9.42 -8.02
CA MET D 224 -17.90 -9.41 -8.03
C MET D 224 -19.16 -10.23 -7.83
C MET D 224 -19.16 -10.23 -7.79
N ALA D 225 -20.30 -9.57 -7.82
CA ALA D 225 -21.57 -10.27 -7.69
C ALA D 225 -22.67 -9.38 -8.25
N LYS D 226 -23.79 -10.00 -8.61
CA LYS D 226 -24.96 -9.26 -9.00
C LYS D 226 -25.44 -8.38 -7.83
N SER D 227 -25.91 -7.19 -8.13
CA SER D 227 -26.29 -6.27 -7.07
C SER D 227 -27.54 -6.75 -6.34
N VAL D 228 -27.64 -6.32 -5.10
CA VAL D 228 -28.84 -6.47 -4.29
C VAL D 228 -29.56 -5.14 -4.33
N LYS D 229 -30.88 -5.20 -4.43
CA LYS D 229 -31.70 -4.02 -4.63
C LYS D 229 -32.52 -3.72 -3.38
N TYR D 230 -32.56 -2.47 -2.95
CA TYR D 230 -33.45 -2.07 -1.87
C TYR D 230 -34.39 -0.98 -2.39
N THR D 231 -35.69 -1.21 -2.32
CA THR D 231 -36.67 -0.33 -2.94
C THR D 231 -37.46 0.55 -1.94
N VAL D 232 -37.53 1.86 -2.20
CA VAL D 232 -38.40 2.74 -1.45
C VAL D 232 -39.56 3.16 -2.36
N ASN D 233 -40.77 2.85 -1.93
CA ASN D 233 -41.96 3.25 -2.68
C ASN D 233 -42.43 4.62 -2.15
N PHE D 234 -42.20 5.68 -2.92
CA PHE D 234 -42.48 7.03 -2.41
C PHE D 234 -43.98 7.27 -2.22
N LEU D 235 -44.83 6.49 -2.88
CA LEU D 235 -46.26 6.60 -2.64
C LEU D 235 -46.67 6.09 -1.24
N GLU D 236 -45.91 5.13 -0.71
CA GLU D 236 -46.32 4.46 0.54
C GLU D 236 -45.46 4.90 1.72
N ALA D 237 -44.21 5.22 1.46
CA ALA D 237 -43.28 5.47 2.52
C ALA D 237 -43.61 6.76 3.30
N LYS D 238 -43.25 6.73 4.57
CA LYS D 238 -43.36 7.85 5.50
C LYS D 238 -41.97 8.46 5.67
N GLU D 239 -41.96 9.75 5.96
CA GLU D 239 -40.75 10.49 6.21
C GLU D 239 -39.85 9.78 7.25
N GLY D 240 -40.50 9.33 8.33
CA GLY D 240 -39.81 8.65 9.41
C GLY D 240 -39.16 7.34 8.99
N ASP D 241 -39.62 6.72 7.90
CA ASP D 241 -39.04 5.49 7.41
C ASP D 241 -37.59 5.70 7.00
N LEU D 242 -37.20 6.93 6.67
CA LEU D 242 -35.84 7.15 6.19
C LEU D 242 -34.84 7.53 7.30
N HIS D 243 -35.29 7.55 8.54
CA HIS D 243 -34.39 7.89 9.65
C HIS D 243 -33.42 6.76 9.99
N ARG D 244 -33.87 5.52 9.80
CA ARG D 244 -33.04 4.34 10.01
C ARG D 244 -33.40 3.34 8.93
N ILE D 245 -32.46 3.11 8.03
CA ILE D 245 -32.70 2.26 6.86
C ILE D 245 -31.84 1.02 6.99
N GLU D 246 -32.47 -0.13 7.15
CA GLU D 246 -31.73 -1.37 7.30
C GLU D 246 -31.86 -2.20 6.04
N ILE D 247 -30.71 -2.41 5.39
CA ILE D 247 -30.62 -3.14 4.11
C ILE D 247 -29.85 -4.43 4.30
N PRO D 248 -30.56 -5.55 4.46
CA PRO D 248 -29.85 -6.84 4.51
C PRO D 248 -29.37 -7.21 3.11
N PHE D 249 -28.31 -8.01 3.01
CA PHE D 249 -27.85 -8.45 1.71
C PHE D 249 -27.23 -9.85 1.79
N LYS D 250 -27.37 -10.57 0.69
CA LYS D 250 -26.74 -11.87 0.52
C LYS D 250 -26.29 -11.94 -0.94
N PHE D 251 -24.99 -11.85 -1.14
CA PHE D 251 -24.40 -11.88 -2.46
C PHE D 251 -23.95 -13.31 -2.79
N HIS D 252 -24.21 -13.74 -4.00
CA HIS D 252 -23.64 -14.98 -4.52
C HIS D 252 -22.44 -14.61 -5.38
N MET D 253 -21.25 -14.88 -4.84
CA MET D 253 -20.02 -14.41 -5.45
C MET D 253 -19.87 -15.08 -6.83
N LEU D 254 -19.67 -14.26 -7.87
CA LEU D 254 -19.48 -14.75 -9.23
C LEU D 254 -18.02 -14.91 -9.61
N HIS D 255 -17.14 -14.28 -8.85
CA HIS D 255 -15.69 -14.37 -9.09
C HIS D 255 -14.97 -14.57 -7.76
N SER D 256 -13.79 -15.18 -7.80
CA SER D 256 -12.95 -15.34 -6.61
C SER D 256 -12.01 -14.16 -6.48
N GLY D 257 -11.75 -13.71 -5.25
CA GLY D 257 -10.78 -12.65 -5.05
C GLY D 257 -11.03 -11.85 -3.79
N LEU D 258 -10.33 -10.73 -3.68
CA LEU D 258 -10.51 -9.80 -2.58
C LEU D 258 -11.67 -8.83 -2.82
N VAL D 259 -12.57 -8.80 -1.88
CA VAL D 259 -13.64 -7.84 -1.85
C VAL D 259 -13.15 -6.62 -1.04
N HIS D 260 -13.00 -5.46 -1.69
CA HIS D 260 -12.45 -4.29 -1.00
C HIS D 260 -13.55 -3.41 -0.40
N GLY D 261 -14.82 -3.66 -0.78
CA GLY D 261 -15.92 -2.92 -0.22
C GLY D 261 -17.21 -3.11 -1.00
N LEU D 262 -18.19 -2.25 -0.76
CA LEU D 262 -19.44 -2.32 -1.49
C LEU D 262 -19.59 -1.06 -2.31
N ALA D 263 -20.04 -1.25 -3.57
CA ALA D 263 -20.40 -0.16 -4.45
C ALA D 263 -21.89 0.06 -4.38
N PHE D 264 -22.27 1.31 -4.47
CA PHE D 264 -23.66 1.75 -4.41
C PHE D 264 -24.05 2.62 -5.61
N TRP D 265 -25.27 2.45 -6.08
CA TRP D 265 -25.85 3.38 -7.03
C TRP D 265 -27.35 3.33 -6.85
N PHE D 266 -28.09 4.10 -7.65
CA PHE D 266 -29.53 4.09 -7.54
C PHE D 266 -30.23 4.40 -8.85
N ASP D 267 -31.44 3.88 -8.95
CA ASP D 267 -32.38 4.20 -10.02
C ASP D 267 -33.63 4.83 -9.42
N VAL D 268 -34.31 5.67 -10.17
CA VAL D 268 -35.65 6.07 -9.82
C VAL D 268 -36.52 5.83 -11.04
N ALA D 269 -37.78 5.47 -10.80
CA ALA D 269 -38.73 5.27 -11.85
C ALA D 269 -39.92 6.22 -11.69
N PHE D 270 -40.30 6.77 -12.83
CA PHE D 270 -41.46 7.62 -12.96
C PHE D 270 -42.58 6.75 -13.53
N ILE D 271 -43.48 6.29 -12.65
CA ILE D 271 -44.53 5.33 -13.06
C ILE D 271 -45.80 6.11 -13.44
N GLY D 272 -45.86 6.52 -14.71
CA GLY D 272 -46.93 7.36 -15.18
C GLY D 272 -48.03 6.55 -15.82
N SER D 273 -49.09 7.24 -16.21
CA SER D 273 -50.23 6.57 -16.80
C SER D 273 -49.95 6.04 -18.23
N ILE D 274 -49.03 6.69 -18.94
CA ILE D 274 -48.70 6.27 -20.30
C ILE D 274 -47.51 5.34 -20.30
N MET D 275 -46.47 5.68 -19.55
CA MET D 275 -45.32 4.80 -19.50
C MET D 275 -44.45 5.02 -18.28
N THR D 276 -43.66 4.00 -17.98
CA THR D 276 -42.71 4.09 -16.89
C THR D 276 -41.37 4.48 -17.48
N VAL D 277 -40.83 5.57 -16.94
CA VAL D 277 -39.55 6.08 -17.36
C VAL D 277 -38.58 5.96 -16.20
N TRP D 278 -37.39 5.44 -16.50
CA TRP D 278 -36.34 5.21 -15.52
C TRP D 278 -35.19 6.20 -15.68
N LEU D 279 -34.72 6.73 -14.56
CA LEU D 279 -33.47 7.46 -14.47
C LEU D 279 -32.54 6.62 -13.63
N SER D 280 -31.46 6.17 -14.27
CA SER D 280 -30.47 5.25 -13.67
C SER D 280 -29.10 5.89 -13.51
N THR D 281 -28.46 5.69 -12.35
CA THR D 281 -27.08 6.13 -12.16
C THR D 281 -26.16 4.92 -12.08
N ALA D 282 -26.60 3.79 -12.67
CA ALA D 282 -25.79 2.58 -12.63
C ALA D 282 -24.53 2.78 -13.47
N PRO D 283 -23.46 2.06 -13.12
CA PRO D 283 -22.17 2.11 -13.85
C PRO D 283 -22.24 1.48 -15.27
N THR D 284 -23.36 0.81 -15.56
CA THR D 284 -23.64 0.30 -16.90
C THR D 284 -24.30 1.38 -17.77
N GLU D 285 -24.60 2.52 -17.16
CA GLU D 285 -25.32 3.60 -17.84
C GLU D 285 -24.43 4.82 -17.94
N PRO D 286 -24.79 5.75 -18.85
CA PRO D 286 -24.00 6.97 -18.96
C PRO D 286 -23.88 7.70 -17.63
N LEU D 287 -22.74 8.32 -17.45
CA LEU D 287 -22.40 8.99 -16.22
C LEU D 287 -23.35 10.17 -15.95
N THR D 288 -23.70 10.31 -14.68
CA THR D 288 -24.42 11.47 -14.19
C THR D 288 -23.60 12.19 -13.14
N HIS D 289 -24.12 13.31 -12.65
CA HIS D 289 -23.42 14.05 -11.62
C HIS D 289 -23.45 13.33 -10.27
N TRP D 290 -24.23 12.26 -10.17
CA TRP D 290 -24.19 11.45 -8.94
C TRP D 290 -23.06 10.41 -8.92
N TYR D 291 -22.44 10.17 -10.07
CA TYR D 291 -21.43 9.13 -10.22
C TYR D 291 -21.95 7.83 -9.59
N GLN D 292 -21.07 7.17 -8.85
CA GLN D 292 -21.42 6.04 -8.01
C GLN D 292 -20.63 6.22 -6.72
N VAL D 293 -20.93 5.41 -5.71
CA VAL D 293 -20.28 5.55 -4.40
C VAL D 293 -19.75 4.22 -3.93
N ARG D 294 -18.52 4.23 -3.44
CA ARG D 294 -17.94 3.04 -2.89
C ARG D 294 -17.54 3.23 -1.44
N CYS D 295 -17.93 2.26 -0.62
CA CYS D 295 -17.53 2.22 0.76
C CYS D 295 -16.49 1.13 0.88
N LEU D 296 -15.28 1.55 1.24
CA LEU D 296 -14.15 0.65 1.45
C LEU D 296 -14.19 0.02 2.82
N PHE D 297 -13.77 -1.25 2.85
CA PHE D 297 -13.45 -1.96 4.07
C PHE D 297 -12.01 -1.61 4.45
N GLN D 298 -11.74 -1.47 5.74
CA GLN D 298 -10.37 -1.24 6.19
C GLN D 298 -9.46 -2.39 5.82
N SER D 299 -10.04 -3.60 5.77
CA SER D 299 -9.32 -4.81 5.38
C SER D 299 -10.18 -5.62 4.40
N PRO D 300 -9.67 -5.92 3.20
CA PRO D 300 -10.51 -6.67 2.27
C PRO D 300 -10.84 -8.10 2.74
N LEU D 301 -11.94 -8.65 2.24
CA LEU D 301 -12.35 -10.03 2.57
C LEU D 301 -12.06 -10.93 1.38
N PHE D 302 -11.42 -12.08 1.61
CA PHE D 302 -11.25 -13.02 0.53
C PHE D 302 -12.50 -13.89 0.34
N ALA D 303 -12.92 -14.08 -0.89
CA ALA D 303 -14.01 -14.99 -1.18
C ALA D 303 -13.77 -15.72 -2.50
N LYS D 304 -14.28 -16.94 -2.61
CA LYS D 304 -14.24 -17.70 -3.85
C LYS D 304 -15.57 -17.61 -4.59
N ALA D 305 -15.52 -17.77 -5.90
CA ALA D 305 -16.73 -17.89 -6.69
C ALA D 305 -17.57 -18.96 -6.03
N GLY D 306 -18.86 -18.67 -5.86
CA GLY D 306 -19.78 -19.63 -5.26
C GLY D 306 -20.04 -19.40 -3.79
N ASP D 307 -19.13 -18.70 -3.13
CA ASP D 307 -19.36 -18.30 -1.75
C ASP D 307 -20.52 -17.34 -1.65
N THR D 308 -21.00 -17.17 -0.43
CA THR D 308 -22.01 -16.16 -0.17
C THR D 308 -21.43 -15.11 0.81
N LEU D 309 -21.66 -13.84 0.49
CA LEU D 309 -21.24 -12.72 1.32
C LEU D 309 -22.49 -12.07 1.89
N SER D 310 -22.67 -12.17 3.20
CA SER D 310 -23.94 -11.77 3.81
C SER D 310 -23.70 -10.69 4.84
N GLY D 311 -24.74 -9.89 5.08
CA GLY D 311 -24.66 -8.86 6.09
C GLY D 311 -25.76 -7.86 6.00
N THR D 312 -25.47 -6.67 6.52
CA THR D 312 -26.44 -5.60 6.61
C THR D 312 -25.77 -4.27 6.37
N CYS D 313 -26.45 -3.41 5.63
CA CYS D 313 -26.04 -2.03 5.50
C CYS D 313 -27.07 -1.20 6.24
N LEU D 314 -26.59 -0.47 7.24
CA LEU D 314 -27.43 0.33 8.10
C LEU D 314 -27.17 1.81 7.84
N LEU D 315 -28.21 2.53 7.41
CA LEU D 315 -28.08 3.95 7.15
C LEU D 315 -28.89 4.70 8.20
N ILE D 316 -28.20 5.47 9.03
CA ILE D 316 -28.79 6.22 10.11
C ILE D 316 -28.72 7.70 9.77
N ALA D 317 -29.88 8.34 9.59
CA ALA D 317 -29.96 9.75 9.24
C ALA D 317 -29.42 10.60 10.39
N ASN D 318 -28.63 11.62 10.08
CA ASN D 318 -28.07 12.45 11.13
C ASN D 318 -28.48 13.90 10.97
N LYS D 319 -28.12 14.69 11.96
CA LYS D 319 -28.61 16.06 12.06
C LYS D 319 -27.86 17.03 11.15
N ARG D 320 -26.87 16.53 10.41
CA ARG D 320 -26.17 17.31 9.40
C ARG D 320 -26.61 16.95 7.98
N GLN D 321 -27.87 16.55 7.87
CA GLN D 321 -28.48 16.24 6.58
C GLN D 321 -27.71 15.19 5.80
N SER D 322 -27.16 14.22 6.49
CA SER D 322 -26.46 13.12 5.83
C SER D 322 -26.74 11.84 6.63
N TYR D 323 -25.91 10.82 6.43
CA TYR D 323 -26.12 9.50 7.04
C TYR D 323 -24.85 8.99 7.67
N ASP D 324 -25.01 8.33 8.83
CA ASP D 324 -23.98 7.51 9.41
C ASP D 324 -24.20 6.12 8.84
N ILE D 325 -23.18 5.54 8.22
CA ILE D 325 -23.28 4.30 7.49
C ILE D 325 -22.58 3.22 8.28
N SER D 326 -23.26 2.11 8.48
CA SER D 326 -22.68 0.94 9.08
C SER D 326 -22.77 -0.25 8.11
N ILE D 327 -21.65 -0.85 7.74
CA ILE D 327 -21.67 -2.04 6.87
C ILE D 327 -20.96 -3.16 7.61
N VAL D 328 -21.69 -4.25 7.79
CA VAL D 328 -21.17 -5.47 8.34
C VAL D 328 -21.34 -6.53 7.27
N ALA D 329 -20.28 -7.24 6.93
CA ALA D 329 -20.33 -8.26 5.86
C ALA D 329 -19.55 -9.46 6.31
N GLN D 330 -19.99 -10.65 5.93
CA GLN D 330 -19.19 -11.81 6.23
C GLN D 330 -19.25 -12.80 5.09
N VAL D 331 -18.14 -13.49 4.89
CA VAL D 331 -18.10 -14.62 3.97
C VAL D 331 -18.62 -15.81 4.76
N ASP D 332 -19.81 -16.27 4.42
CA ASP D 332 -20.49 -17.27 5.24
C ASP D 332 -19.67 -18.56 5.38
N GLN D 333 -18.99 -18.97 4.32
CA GLN D 333 -18.30 -20.26 4.32
C GLN D 333 -17.08 -20.31 5.25
N THR D 334 -16.48 -19.15 5.55
CA THR D 334 -15.26 -19.12 6.33
C THR D 334 -15.41 -18.36 7.64
N GLY D 335 -16.52 -17.66 7.81
CA GLY D 335 -16.68 -16.82 9.00
C GLY D 335 -15.84 -15.54 8.94
N SER D 336 -15.30 -15.20 7.77
CA SER D 336 -14.51 -13.98 7.66
C SER D 336 -15.49 -12.81 7.73
N LYS D 337 -15.30 -11.92 8.70
CA LYS D 337 -16.27 -10.85 9.00
C LYS D 337 -15.60 -9.48 8.94
N SER D 338 -16.36 -8.50 8.46
CA SER D 338 -15.92 -7.12 8.44
C SER D 338 -17.02 -6.20 8.94
N SER D 339 -16.62 -5.23 9.77
CA SER D 339 -17.52 -4.20 10.27
C SER D 339 -16.87 -2.89 9.95
N ASN D 340 -17.69 -1.96 9.50
CA ASN D 340 -17.21 -0.68 9.06
C ASN D 340 -18.24 0.39 9.38
N LEU D 341 -17.72 1.57 9.68
CA LEU D 341 -18.50 2.76 9.91
C LEU D 341 -18.03 3.83 8.95
N LEU D 342 -18.97 4.51 8.27
CA LEU D 342 -18.66 5.56 7.31
C LEU D 342 -19.51 6.81 7.53
N ASP D 343 -18.92 7.95 7.18
CA ASP D 343 -19.57 9.25 7.31
C ASP D 343 -19.81 9.86 5.94
N LEU D 344 -21.05 9.75 5.48
CA LEU D 344 -21.38 10.22 4.16
C LEU D 344 -21.27 11.75 4.04
N LYS D 345 -21.09 12.45 5.17
CA LYS D 345 -20.90 13.90 5.16
C LYS D 345 -19.45 14.30 4.80
N ASN D 346 -18.54 13.33 4.78
CA ASN D 346 -17.15 13.61 4.40
C ASN D 346 -16.69 12.72 3.24
N PRO D 347 -17.35 12.83 2.07
CA PRO D 347 -16.97 11.98 0.93
C PRO D 347 -15.61 12.36 0.31
N PHE D 348 -14.94 11.39 -0.30
CA PHE D 348 -13.75 11.64 -1.08
C PHE D 348 -14.12 11.71 -2.55
N PHE D 349 -14.11 12.91 -3.11
CA PHE D 349 -14.41 13.10 -4.53
C PHE D 349 -13.18 12.78 -5.35
N ARG D 350 -13.14 11.57 -5.91
CA ARG D 350 -11.93 11.03 -6.55
C ARG D 350 -11.86 11.32 -8.05
N TYR D 351 -13.03 11.45 -8.68
CA TYR D 351 -13.15 11.67 -10.12
C TYR D 351 -12.33 12.88 -10.62
C2 6CX E . 6.67 -28.96 16.92
C4 6CX E . 6.81 -28.80 14.61
C5 6CX E . 7.48 -30.01 14.55
C6 6CX E . 7.74 -30.67 15.75
C8 6CX E . 7.29 -29.31 12.51
N9 6CX E . 6.72 -28.39 13.32
C10 6CX E . 2.72 -26.91 8.09
ND 6CX E . 3.34 -26.09 9.10
CG 6CX E . 2.29 -25.22 9.65
CB 6CX E . 1.02 -25.86 10.18
CA 6CX E . -0.07 -24.95 10.82
C 6CX E . -1.01 -24.54 9.72
O 6CX E . -1.82 -25.41 9.31
OXT 6CX E . -0.90 -23.41 9.12
N 6CX E . -0.78 -25.79 11.74
C5' 6CX E . 3.93 -26.97 10.14
C4' 6CX E . 4.41 -26.45 11.47
C3' 6CX E . 5.57 -25.55 11.32
C2' 6CX E . 6.67 -26.26 11.95
O2' 6CX E . 7.62 -25.39 12.55
C1' 6CX E . 6.01 -27.15 12.95
N3 6CX E . 6.43 -28.31 15.80
N1 6CX E . 7.31 -30.11 16.91
N6 6CX E . 8.40 -31.90 15.78
N7 6CX E . 7.77 -30.29 13.25
O4' 6CX E . 4.85 -27.53 12.22
O3' 6CX E . 5.25 -24.32 11.94
C51 6CX E . 3.58 -27.84 7.28
C52 6CX E . 4.84 -27.54 6.89
N53 6CX E . 5.39 -28.57 6.16
C54 6CX E . 4.32 -29.48 6.19
N55 6CX E . 3.26 -29.01 6.86
H21 6CX E . 6.37 -28.57 17.78
H81 6CX E . 7.35 -29.25 11.56
H102 6CX E . 2.03 -27.43 8.49
H101 6CX E . 2.30 -26.30 7.46
HG2 6CX E . 2.70 -24.71 10.41
HG3 6CX E . 2.04 -24.59 8.97
HB2 6CX E . 1.28 -26.55 10.83
HB3 6CX E . 0.62 -26.30 9.43
HA 6CX E . 0.29 -24.19 11.29
H2 6CX E . -0.52 -25.61 12.59
H 6CX E . -1.69 -25.64 11.67
H5'2 6CX E . 4.67 -27.45 9.73
H5'1 6CX E . 3.25 -27.64 10.34
H4'1 6CX E . 3.69 -25.97 11.93
H3'1 6CX E . 5.78 -25.44 10.39
H2'1 6CX E . 7.15 -26.74 11.26
H2'2 6CX E . 8.03 -25.81 13.19
H1'1 6CX E . 5.82 -26.66 13.75
H61 6CX E . 8.70 -32.25 15.01
H62 6CX E . 8.51 -32.34 16.55
H3'2 6CX E . 5.57 -24.32 12.76
H521 6CX E . 5.28 -26.71 7.10
H531 6CX E . 6.20 -28.64 5.79
H541 6CX E . 4.34 -30.35 5.77
C1 EDO F . 11.38 -26.31 4.78
O1 EDO F . 10.61 -26.77 3.71
C2 EDO F . 12.72 -25.80 4.23
O2 EDO F . 13.75 -26.19 5.09
C1 EDO G . -3.78 -44.47 20.03
O1 EDO G . -5.17 -44.31 20.23
C2 EDO G . -3.07 -44.07 21.33
O2 EDO G . -1.74 -44.53 21.29
C1 EDO H . 15.86 -25.57 16.90
O1 EDO H . 16.10 -24.47 16.06
C2 EDO H . 16.01 -26.83 16.05
O2 EDO H . 16.73 -27.80 16.77
C1 PEG I . -16.60 -20.13 11.36
O1 PEG I . -17.03 -18.98 12.04
C2 PEG I . -17.26 -20.24 9.97
O2 PEG I . -18.37 -21.09 10.07
C3 PEG I . -18.97 -21.55 8.88
C4 PEG I . -20.29 -22.27 9.24
O4 PEG I . -20.04 -23.36 10.09
H11 PEG I . -15.64 -20.09 11.24
H12 PEG I . -16.82 -20.92 11.87
HO1 PEG I . -16.62 -18.92 12.78
H21 PEG I . -16.63 -20.61 9.34
H22 PEG I . -17.54 -19.36 9.68
H31 PEG I . -19.15 -20.81 8.29
H32 PEG I . -18.37 -22.19 8.44
H41 PEG I . -20.72 -22.58 8.43
H42 PEG I . -20.86 -21.64 9.69
HO4 PEG I . -19.96 -23.09 10.89
C1 PEG J . -11.34 -37.09 -4.28
O1 PEG J . -11.43 -35.70 -4.09
C2 PEG J . -10.83 -37.75 -3.01
O2 PEG J . -11.16 -39.12 -3.08
C3 PEG J . -12.27 -39.54 -2.33
C4 PEG J . -13.48 -39.65 -3.23
O4 PEG J . -14.38 -40.51 -2.59
H11 PEG J . -12.21 -37.44 -4.50
H12 PEG J . -10.73 -37.27 -5.01
HO1 PEG J . -12.19 -35.42 -4.36
H21 PEG J . -9.87 -37.65 -2.96
H22 PEG J . -11.26 -37.35 -2.24
H31 PEG J . -12.06 -40.41 -1.93
H32 PEG J . -12.44 -38.90 -1.62
H41 PEG J . -13.87 -38.79 -3.37
H42 PEG J . -13.21 -40.04 -4.08
HO4 PEG J . -15.12 -40.09 -2.47
C1 PEG K . -0.01 -22.20 -6.48
O1 PEG K . -1.08 -21.96 -7.35
C2 PEG K . -0.57 -22.65 -5.14
O2 PEG K . -1.73 -21.91 -4.87
C3 PEG K . -1.69 -21.14 -3.69
C4 PEG K . -2.75 -20.06 -3.82
O4 PEG K . -2.48 -19.03 -2.91
H11 PEG K . 0.56 -22.90 -6.85
H12 PEG K . 0.50 -21.39 -6.37
HO1 PEG K . -0.91 -21.29 -7.84
H21 PEG K . -0.79 -23.59 -5.18
H22 PEG K . 0.08 -22.49 -4.45
H31 PEG K . -0.81 -20.74 -3.60
H32 PEG K . -1.88 -21.70 -2.94
H41 PEG K . -3.62 -20.43 -3.64
H42 PEG K . -2.74 -19.70 -4.73
HO4 PEG K . -2.78 -18.30 -3.22
C1 M2M L . -11.62 -45.27 15.39
O1 M2M L . -11.36 -44.11 16.16
C2 M2M L . -12.50 -43.36 16.55
C3 M2M L . -13.17 -42.74 15.31
O2 M2M L . -14.03 -41.66 15.69
C4 M2M L . -15.32 -41.57 15.09
C5 M2M L . -15.36 -42.03 13.61
O3 M2M L . -16.59 -41.67 12.99
C6 M2M L . -17.07 -42.56 12.01
H11 M2M L . -11.33 -45.91 16.07
H12 M2M L . -12.34 -45.80 15.04
H13 M2M L . -11.34 -44.90 14.54
H21 M2M L . -13.12 -43.95 17.00
H22 M2M L . -12.22 -42.65 17.15
H31 M2M L . -13.70 -43.41 14.85
H32 M2M L . -12.49 -42.39 14.71
H41 M2M L . -15.95 -42.11 15.59
H42 M2M L . -15.62 -40.64 15.13
H51 M2M L . -14.63 -41.61 13.12
H52 M2M L . -15.25 -42.99 13.57
H61 M2M L . -17.88 -42.19 11.62
H62 M2M L . -16.41 -42.68 11.32
H63 M2M L . -17.28 -43.41 12.42
C2 6CX M . 37.20 -23.62 1.26
C4 6CX M . 35.28 -22.43 0.61
C5 6CX M . 35.32 -21.72 1.82
C6 6CX M . 36.33 -22.03 2.74
C8 6CX M . 33.60 -20.99 0.68
N9 6CX M . 34.20 -21.97 -0.04
C10 6CX M . 31.88 -18.67 -5.46
ND 6CX M . 32.07 -20.12 -5.26
CG 6CX M . 32.82 -20.70 -6.41
CB 6CX M . 34.18 -20.10 -6.77
CA 6CX M . 34.98 -20.68 -7.96
C 6CX M . 34.52 -20.11 -9.28
O 6CX M . 34.93 -18.96 -9.66
OXT 6CX M . 33.71 -20.78 -9.95
N 6CX M . 36.32 -20.24 -7.87
C5' 6CX M . 32.82 -20.28 -3.99
C4' 6CX M . 33.37 -21.62 -3.50
C3' 6CX M . 32.36 -22.64 -3.13
C2' 6CX M . 32.52 -22.84 -1.69
O2' 6CX M . 32.21 -24.13 -1.20
C1' 6CX M . 33.91 -22.44 -1.41
N3 6CX M . 36.22 -23.37 0.37
N1 6CX M . 37.25 -22.97 2.42
N6 6CX M . 36.39 -21.36 3.97
N7 6CX M . 34.28 -20.85 1.85
O4' 6CX M . 34.10 -21.37 -2.33
O3' 6CX M . 32.59 -23.83 -3.86
C51 6CX M . 31.08 -17.90 -4.46
C52 6CX M . 29.85 -18.25 -3.99
N53 6CX M . 29.38 -17.30 -3.10
C54 6CX M . 30.46 -16.41 -3.08
N55 6CX M . 31.43 -16.79 -3.91
H21 6CX M . 37.88 -24.31 1.05
H81 6CX M . 32.82 -20.49 0.42
H102 6CX M . 32.73 -18.26 -5.52
H101 6CX M . 31.44 -18.58 -6.31
HG2 6CX M . 32.23 -20.62 -7.20
HG3 6CX M . 32.97 -21.63 -6.22
HB2 6CX M . 34.75 -20.15 -5.97
HB3 6CX M . 34.03 -19.16 -6.96
HA 6CX M . 34.98 -21.66 -7.98
H2 6CX M . 36.36 -19.52 -7.32
H 6CX M . 36.84 -20.91 -7.53
H5'2 6CX M . 32.26 -19.93 -3.28
H5'1 6CX M . 33.60 -19.69 -4.05
H4'1 6CX M . 33.94 -22.00 -4.18
H3'1 6CX M . 31.48 -22.28 -3.29
H2'1 6CX M . 31.90 -22.25 -1.26
H2'2 6CX M . 32.62 -24.27 -0.46
H1'1 6CX M . 34.50 -23.19 -1.59
H61 6CX M . 35.75 -20.77 4.18
H62 6CX M . 37.07 -21.53 4.54
H3'2 6CX M . 33.06 -24.39 -3.37
H521 6CX M . 29.38 -19.03 -4.26
H531 6CX M . 28.61 -17.29 -2.63
H541 6CX M . 30.48 -15.60 -2.54
C1 EDO N . 24.39 -19.84 0.32
O1 EDO N . 23.84 -20.98 0.94
C2 EDO N . 23.37 -19.24 -0.64
O2 EDO N . 23.70 -17.90 -0.91
C1 EDO O . 22.19 -13.45 -14.97
O1 EDO O . 21.55 -12.50 -15.78
C2 EDO O . 22.98 -14.39 -15.88
O2 EDO O . 23.69 -15.29 -15.07
C1 EDO P . 24.95 -15.40 -5.04
O1 EDO P . 24.60 -16.21 -3.94
C2 EDO P . 26.25 -14.65 -4.73
O2 EDO P . 27.31 -15.56 -4.69
C1 EDO Q . 17.41 -14.44 -8.76
O1 EDO Q . 17.07 -13.22 -8.16
C2 EDO Q . 18.15 -15.30 -7.74
O2 EDO Q . 17.71 -16.63 -7.79
C1 EDO R . 49.99 -9.91 3.46
O1 EDO R . 50.38 -9.14 2.35
C2 EDO R . 50.95 -11.08 3.54
O2 EDO R . 50.74 -11.75 4.76
C1 PEG S . 49.44 -23.15 9.96
O1 PEG S . 49.44 -23.90 8.78
C2 PEG S . 49.70 -21.69 9.60
O2 PEG S . 50.50 -21.65 8.45
C3 PEG S . 51.12 -20.42 8.21
C4 PEG S . 52.38 -20.62 7.38
O4 PEG S . 53.50 -20.28 8.17
H11 PEG S . 48.58 -23.24 10.39
H12 PEG S . 50.14 -23.47 10.55
HO1 PEG S . 49.47 -24.73 8.97
H21 PEG S . 48.86 -21.24 9.43
H22 PEG S . 50.15 -21.25 10.33
H31 PEG S . 51.34 -20.00 9.06
H32 PEG S . 50.50 -19.84 7.73
H41 PEG S . 52.35 -20.04 6.60
H42 PEG S . 52.44 -21.54 7.11
HO4 PEG S . 54.21 -20.49 7.76
C1 PEG T . 37.60 3.20 -12.43
O1 PEG T . 38.16 4.04 -13.39
C2 PEG T . 36.64 2.24 -13.13
O2 PEG T . 35.85 1.65 -12.14
C3 PEG T . 34.52 1.42 -12.50
C4 PEG T . 34.43 0.08 -13.20
O4 PEG T . 33.33 0.10 -14.08
H11 PEG T . 38.29 2.69 -11.99
H12 PEG T . 37.12 3.73 -11.77
HO1 PEG T . 38.54 3.58 -14.00
H21 PEG T . 36.07 2.73 -13.75
H22 PEG T . 37.14 1.55 -13.60
H31 PEG T . 34.22 2.12 -13.09
H32 PEG T . 33.97 1.40 -11.71
H41 PEG T . 35.24 -0.07 -13.71
H42 PEG T . 34.32 -0.62 -12.55
HO4 PEG T . 33.49 -0.42 -14.73
C2 6CX U . -7.48 28.46 18.65
C4 6CX U . -7.49 28.32 16.31
C5 6CX U . -8.13 29.56 16.26
C6 6CX U . -8.44 30.21 17.45
C8 6CX U . -7.85 28.87 14.21
N9 6CX U . -7.34 27.94 15.02
C10 6CX U . -3.17 26.55 9.87
ND 6CX U . -3.88 25.69 10.79
CG 6CX U . -2.91 24.73 11.38
CB 6CX U . -1.67 25.32 12.05
CA 6CX U . -0.56 24.40 12.62
C 6CX U . 0.47 24.08 11.57
O 6CX U . 1.31 24.97 11.25
OXT 6CX U . 0.48 22.99 10.94
N 6CX U . 0.09 25.21 13.61
C5' 6CX U . -4.48 26.55 11.85
C4' 6CX U . -5.06 25.99 13.14
C3' 6CX U . -6.26 25.15 12.93
C2' 6CX U . -7.34 25.88 13.59
O2' 6CX U . -8.41 25.09 14.11
C1' 6CX U . -6.65 26.69 14.63
N3 6CX U . -7.17 27.79 17.51
N1 6CX U . -8.09 29.63 18.63
N6 6CX U . -9.10 31.44 17.47
N7 6CX U . -8.33 29.86 14.95
O4' 6CX U . -5.45 27.06 13.96
O3' 6CX U . -6.00 23.87 13.52
C51 6CX U . -3.96 27.54 9.07
C52 6CX U . -5.12 27.23 8.45
N53 6CX U . -5.64 28.34 7.81
C54 6CX U . -4.67 29.31 8.15
N55 6CX U . -3.69 28.78 8.90
H21 6CX U . -7.24 28.06 19.51
H81 6CX U . -7.85 28.83 13.26
H102 6CX U . -2.50 27.03 10.34
H101 6CX U . -2.72 25.97 9.24
HG2 6CX U . -3.40 24.20 12.06
HG3 6CX U . -2.62 24.12 10.67
HB2 6CX U . -1.23 25.89 11.38
HB3 6CX U . -1.97 25.89 12.75
HA 6CX U . -0.90 23.60 13.06
H2 6CX U . -0.18 24.97 14.44
H 6CX U . 1.01 25.10 13.55
H5'2 6CX U . -3.81 27.22 12.10
H5'1 6CX U . -5.20 27.03 11.41
H4'1 6CX U . -4.38 25.46 13.58
H3'1 6CX U . -6.46 25.09 12.00
H2'1 6CX U . -7.74 26.45 12.91
H2'2 6CX U . -8.09 24.35 14.43
H1'1 6CX U . -6.50 26.16 15.41
H61 6CX U . -9.25 31.86 18.24
H62 6CX U . -9.37 31.81 16.69
H3'2 6CX U . -6.33 23.85 14.33
H521 6CX U . -5.52 26.36 8.44
H531 6CX U . -6.38 28.43 7.32
H541 6CX U . -4.71 30.22 7.87
C1 EDO V . 12.19 38.12 0.15
O1 EDO V . 12.13 39.51 0.28
C2 EDO V . 10.90 37.67 -0.51
O2 EDO V . 11.14 36.38 -1.02
C1 EDO W . 0.74 21.87 -4.33
O1 EDO W . -0.30 22.76 -4.66
C2 EDO W . 1.48 22.42 -3.12
O2 EDO W . 1.31 21.54 -2.05
C1 EDO X . 15.68 41.76 15.40
O1 EDO X . 17.01 41.40 15.16
C2 EDO X . 15.08 40.67 16.29
O2 EDO X . 15.16 41.13 17.61
C1 EDO Y . 20.40 24.01 14.79
O1 EDO Y . 19.75 23.36 13.71
C2 EDO Y . 19.39 24.57 15.79
O2 EDO Y . 19.64 24.03 17.07
C1 PEG Z . 16.40 17.84 14.84
O1 PEG Z . 15.72 16.69 15.27
C2 PEG Z . 15.49 18.72 13.99
O2 PEG Z . 16.16 19.13 12.82
C3 PEG Z . 17.35 19.84 13.00
C4 PEG Z . 17.66 20.58 11.71
O4 PEG Z . 18.84 21.35 11.88
H11 PEG Z . 16.70 18.34 15.62
H12 PEG Z . 17.17 17.58 14.32
HO1 PEG Z . 16.27 16.14 15.60
H21 PEG Z . 14.69 18.22 13.74
H22 PEG Z . 15.23 19.51 14.49
H31 PEG Z . 17.24 20.48 13.72
H32 PEG Z . 18.08 19.23 13.21
H41 PEG Z . 17.80 19.95 10.98
H42 PEG Z . 16.93 21.18 11.49
HO4 PEG Z . 18.81 22.04 11.40
O1 PG4 AA . -0.73 45.23 21.92
C1 PG4 AA . -1.32 44.39 22.88
C2 PG4 AA . -0.32 44.18 24.01
O2 PG4 AA . 0.93 43.83 23.46
C3 PG4 AA . 1.83 43.28 24.37
C4 PG4 AA . 2.97 42.68 23.57
O3 PG4 AA . 3.60 43.71 22.86
C5 PG4 AA . 4.98 43.57 22.80
C6 PG4 AA . 5.38 43.89 21.38
O4 PG4 AA . 5.61 45.27 21.33
C7 PG4 AA . 4.54 46.05 20.93
C8 PG4 AA . 5.08 47.16 20.04
O5 PG4 AA . 4.05 48.07 19.79
C2 6CX BA . -37.84 23.71 -0.19
C4 6CX BA . -35.86 22.62 -0.76
C5 6CX BA . -35.97 21.81 0.38
C6 6CX BA . -37.04 22.02 1.24
C8 6CX BA . -34.16 21.20 -0.66
N9 6CX BA . -34.71 22.21 -1.35
C10 6CX BA . -31.74 19.30 -6.70
ND 6CX BA . -32.08 20.69 -6.41
CG 6CX BA . -32.77 21.32 -7.57
CB 6CX BA . -34.07 20.71 -8.07
CA 6CX BA . -34.80 21.26 -9.33
C 6CX BA . -34.23 20.74 -10.62
O 6CX BA . -34.55 19.55 -11.02
OXT 6CX BA . -33.41 21.45 -11.26
N 6CX BA . -36.11 20.75 -9.36
C5' 6CX BA . -32.88 20.75 -5.16
C4' 6CX BA . -33.54 22.03 -4.68
C3' 6CX BA . -32.56 23.02 -4.17
C2' 6CX BA . -32.86 23.19 -2.75
O2' 6CX BA . -32.59 24.49 -2.22
C1' 6CX BA . -34.27 22.78 -2.65
N3 6CX BA . -36.78 23.57 -1.00
N1 6CX BA . -37.97 22.95 0.91
N6 6CX BA . -37.18 21.24 2.37
N7 6CX BA . -34.93 20.97 0.42
O4' 6CX BA . -34.40 21.75 -3.63
O3' 6CX BA . -32.73 24.16 -4.95
C51 6CX BA . -31.18 18.42 -5.62
C52 6CX BA . -30.29 18.82 -4.68
N53 6CX BA . -30.01 17.75 -3.83
C54 6CX BA . -30.82 16.75 -4.38
N55 6CX BA . -31.49 17.19 -5.45
H21 6CX BA . -38.52 24.40 -0.38
H81 6CX BA . -33.35 20.75 -0.88
H102 6CX BA . -31.12 19.28 -7.43
H101 6CX BA . -32.54 18.87 -7.03
HG2 6CX BA . -32.98 22.26 -7.32
HG3 6CX BA . -32.15 21.33 -8.31
HB2 6CX BA . -33.89 19.76 -8.27
HB3 6CX BA . -34.70 20.72 -7.34
HA 6CX BA . -34.86 22.24 -9.33
H2 6CX BA . -36.70 21.38 -9.07
H 6CX BA . -36.16 20.01 -8.81
H5'2 6CX BA . -33.58 20.07 -5.20
H5'1 6CX BA . -32.27 20.48 -4.44
H4'1 6CX BA . -34.01 22.44 -5.43
H3'1 6CX BA . -31.67 22.66 -4.25
H2'1 6CX BA . -32.28 22.59 -2.26
H2'2 6CX BA . -32.77 25.08 -2.82
H1'1 6CX BA . -34.83 23.54 -2.82
H61 6CX BA . -36.55 20.65 2.58
H62 6CX BA . -37.91 21.34 2.91
H3'2 6CX BA . -33.26 24.73 -4.53
H521 6CX BA . -29.93 19.69 -4.60
H531 6CX BA . -29.46 17.71 -3.12
H541 6CX BA . -30.87 15.84 -4.05
C1 EDO CA . -32.99 -0.46 -15.30
O1 EDO CA . -32.71 0.74 -15.97
C2 EDO CA . -34.07 -0.24 -14.25
O2 EDO CA . -35.16 -1.06 -14.61
C1 EDO DA . -51.37 21.22 5.15
O1 EDO DA . -50.79 21.75 6.32
C2 EDO DA . -52.52 20.27 5.50
O2 EDO DA . -53.31 20.05 4.37
C1 EDO EA . -23.53 20.93 0.01
O1 EDO EA . -23.99 21.93 0.88
C2 EDO EA . -24.66 19.93 -0.23
O2 EDO EA . -24.22 18.98 -1.18
C1 EDO FA . -9.78 -4.35 -9.96
O1 EDO FA . -9.58 -3.28 -10.85
C2 EDO FA . -8.41 -4.93 -9.61
O2 EDO FA . -8.29 -5.07 -8.21
C1 PEG GA . -20.54 14.70 -16.29
O1 PEG GA . -19.67 13.96 -15.46
C2 PEG GA . -21.91 14.66 -15.62
O2 PEG GA . -22.54 15.93 -15.71
C3 PEG GA . -22.12 16.86 -14.72
C4 PEG GA . -23.18 17.96 -14.65
O4 PEG GA . -23.58 18.10 -13.29
H11 PEG GA . -20.24 15.62 -16.36
H12 PEG GA . -20.60 14.30 -17.17
HO1 PEG GA . -19.71 14.27 -14.67
H21 PEG GA . -22.47 14.00 -16.07
H22 PEG GA . -21.81 14.42 -14.70
H31 PEG GA . -21.27 17.24 -14.98
H32 PEG GA . -22.05 16.42 -13.86
H41 PEG GA . -22.81 18.79 -14.97
H42 PEG GA . -23.94 17.71 -15.19
HO4 PEG GA . -24.29 17.65 -13.15
#